data_5Q04
#
_entry.id   5Q04
#
_cell.length_a   66.281
_cell.length_b   286.676
_cell.length_c   83.272
_cell.angle_alpha   90.000
_cell.angle_beta   97.680
_cell.angle_gamma   90.000
#
_symmetry.space_group_name_H-M   'P 1 21 1'
#
loop_
_entity.id
_entity.type
_entity.pdbx_description
1 polymer 'Fructose-1,6-bisphosphatase 1'
2 non-polymer 4-bromo-N-[(5-bromo-1,3-thiazol-2-yl)carbamoyl]-5-chlorothiophene-2-sulfonamide
3 water water
#
_entity_poly.entity_id   1
_entity_poly.type   'polypeptide(L)'
_entity_poly.pdbx_seq_one_letter_code
;MADQAPFDTDVNTLTRFVMEEGRKARGTGELTQLLNSLCTAVKAISSAVRKAGIAHLYGIAGSTNVTGDQVKKLDVLSND
LVMNMLKSSFATCVLVSEEDKHAIIVEPEKRGKYVVCFDPLDGSSNIDCLVSVGTIFGIYRKKSTDEPSEKDALQPGRNL
VAAGYALYGSATMLVLAMDCGVNCFMLDPAIGEFILVDKDVKIKKKGKIYSLNEGYAKDFDPAVTEYIQRKKFPPDNSAP
YGARYVGSMVADVHRTLVYGGIFLYPANKKSPNGKLRLLYECNPMAYVMEKAGGMATTGKEAVLDVIPTDIHQRAPVILG
SPDDVLEFLKVYEKHSAQ
;
_entity_poly.pdbx_strand_id   A,B,C,D,E,F,G,H
#
# COMPACT_ATOMS: atom_id res chain seq x y z
N ASP A 10 -11.46 32.83 -40.29
CA ASP A 10 -11.11 31.75 -41.20
C ASP A 10 -10.42 30.57 -40.52
N VAL A 11 -10.93 29.37 -40.83
CA VAL A 11 -10.43 28.17 -40.20
C VAL A 11 -8.96 27.92 -40.56
N ASN A 12 -8.24 27.31 -39.64
CA ASN A 12 -6.86 26.98 -39.92
C ASN A 12 -6.55 25.61 -39.33
N THR A 13 -5.87 24.77 -40.12
CA THR A 13 -5.35 23.52 -39.61
C THR A 13 -3.86 23.64 -39.39
N LEU A 14 -3.32 22.64 -38.70
CA LEU A 14 -1.88 22.61 -38.43
C LEU A 14 -1.08 22.56 -39.72
N THR A 15 -1.47 21.68 -40.65
CA THR A 15 -0.72 21.52 -41.88
C THR A 15 -0.73 22.81 -42.70
N ARG A 16 -1.90 23.43 -42.79
CA ARG A 16 -2.04 24.75 -43.41
C ARG A 16 -1.18 25.81 -42.72
N PHE A 17 -1.25 25.88 -41.38
CA PHE A 17 -0.53 26.90 -40.60
C PHE A 17 0.98 26.79 -40.76
N VAL A 18 1.51 25.57 -40.68
CA VAL A 18 2.94 25.40 -40.80
C VAL A 18 3.41 25.70 -42.21
N MET A 19 2.63 25.30 -43.23
CA MET A 19 2.96 25.67 -44.59
C MET A 19 3.03 27.19 -44.77
N GLU A 20 2.08 27.91 -44.20
CA GLU A 20 2.05 29.37 -44.36
C GLU A 20 3.25 30.03 -43.69
N GLU A 21 3.52 29.66 -42.44
CA GLU A 21 4.67 30.20 -41.75
C GLU A 21 5.94 29.86 -42.52
N GLY A 22 6.02 28.66 -43.07
CA GLY A 22 7.19 28.28 -43.81
C GLY A 22 7.41 29.15 -45.04
N ARG A 23 6.32 29.51 -45.72
CA ARG A 23 6.43 30.33 -46.91
C ARG A 23 6.77 31.79 -46.58
N LYS A 24 6.25 32.32 -45.48
CA LYS A 24 6.67 33.65 -45.04
C LYS A 24 8.18 33.68 -44.84
N ALA A 25 8.72 32.67 -44.15
CA ALA A 25 10.13 32.57 -43.80
C ALA A 25 11.01 32.13 -44.95
N ARG A 26 10.44 31.79 -46.11
CA ARG A 26 11.22 31.41 -47.27
C ARG A 26 12.12 30.19 -46.99
N GLY A 27 11.58 29.21 -46.27
CA GLY A 27 12.36 28.03 -45.94
C GLY A 27 12.29 26.98 -47.02
N THR A 28 13.11 25.94 -46.86
CA THR A 28 13.26 24.91 -47.88
C THR A 28 12.11 23.90 -47.87
N GLY A 29 11.41 23.77 -46.74
CA GLY A 29 10.37 22.79 -46.58
C GLY A 29 10.71 21.63 -45.69
N GLU A 30 11.98 21.47 -45.29
CA GLU A 30 12.36 20.30 -44.50
C GLU A 30 11.68 20.29 -43.14
N LEU A 31 11.55 21.45 -42.50
CA LEU A 31 10.90 21.44 -41.21
C LEU A 31 9.41 21.13 -41.37
N THR A 32 8.78 21.68 -42.42
CA THR A 32 7.37 21.37 -42.68
C THR A 32 7.16 19.89 -43.00
N GLN A 33 8.06 19.29 -43.77
CA GLN A 33 7.94 17.84 -43.98
C GLN A 33 8.10 17.10 -42.66
N LEU A 34 9.04 17.54 -41.82
CA LEU A 34 9.19 16.93 -40.50
C LEU A 34 7.91 17.05 -39.67
N LEU A 35 7.37 18.26 -39.54
CA LEU A 35 6.23 18.43 -38.65
C LEU A 35 5.00 17.70 -39.16
N ASN A 36 4.80 17.69 -40.46
CA ASN A 36 3.66 16.96 -41.02
C ASN A 36 3.77 15.46 -40.72
N SER A 37 4.98 14.88 -40.87
CA SER A 37 5.24 13.49 -40.51
C SER A 37 4.99 13.24 -39.02
N LEU A 38 5.46 14.15 -38.16
CA LEU A 38 5.21 14.03 -36.74
C LEU A 38 3.73 14.11 -36.45
N CYS A 39 3.04 15.05 -37.10
CA CYS A 39 1.61 15.20 -36.92
C CYS A 39 0.86 13.90 -37.27
N THR A 40 1.25 13.22 -38.35
CA THR A 40 0.62 11.96 -38.70
C THR A 40 0.84 10.92 -37.61
N ALA A 41 2.07 10.83 -37.09
CA ALA A 41 2.37 9.88 -36.03
C ALA A 41 1.46 10.08 -34.82
N VAL A 42 1.17 11.33 -34.50
CA VAL A 42 0.38 11.61 -33.31
C VAL A 42 -1.07 11.17 -33.52
N LYS A 43 -1.59 11.32 -34.75
CA LYS A 43 -2.95 10.80 -35.01
C LYS A 43 -3.00 9.28 -34.90
N ALA A 44 -1.93 8.60 -35.33
CA ALA A 44 -1.85 7.15 -35.19
C ALA A 44 -1.78 6.73 -33.72
N ILE A 45 -0.98 7.44 -32.92
CA ILE A 45 -0.90 7.10 -31.50
C ILE A 45 -2.25 7.31 -30.84
N SER A 46 -2.88 8.45 -31.09
CA SER A 46 -4.17 8.77 -30.48
C SER A 46 -5.18 7.67 -30.77
N SER A 47 -5.20 7.20 -32.02
CA SER A 47 -6.11 6.15 -32.42
C SER A 47 -5.93 4.91 -31.55
N ALA A 48 -4.66 4.49 -31.38
CA ALA A 48 -4.34 3.34 -30.53
C ALA A 48 -4.57 3.63 -29.05
N VAL A 49 -4.34 4.86 -28.61
CA VAL A 49 -4.55 5.17 -27.20
C VAL A 49 -6.04 5.16 -26.86
N ARG A 50 -6.92 5.58 -27.80
CA ARG A 50 -8.35 5.45 -27.58
C ARG A 50 -8.86 4.04 -27.84
N LYS A 51 -7.97 3.10 -28.19
CA LYS A 51 -8.23 1.66 -28.22
C LYS A 51 -9.05 1.21 -29.41
N ALA A 52 -8.91 1.89 -30.54
CA ALA A 52 -9.56 1.48 -31.78
C ALA A 52 -9.10 0.08 -32.21
N GLY A 53 -10.07 -0.79 -32.50
CA GLY A 53 -9.77 -2.14 -32.88
C GLY A 53 -9.55 -3.10 -31.73
N ILE A 54 -9.82 -2.67 -30.49
CA ILE A 54 -9.61 -3.53 -29.32
C ILE A 54 -10.54 -4.75 -29.35
N ALA A 55 -11.70 -4.63 -29.98
CA ALA A 55 -12.59 -5.77 -30.07
C ALA A 55 -11.91 -6.93 -30.76
N HIS A 56 -10.94 -6.64 -31.63
CA HIS A 56 -10.25 -7.73 -32.31
C HIS A 56 -9.29 -8.44 -31.38
N LEU A 57 -8.62 -7.69 -30.50
CA LEU A 57 -7.75 -8.30 -29.51
C LEU A 57 -8.51 -9.22 -28.57
N TYR A 58 -9.81 -9.01 -28.42
CA TYR A 58 -10.62 -9.80 -27.53
C TYR A 58 -11.48 -10.80 -28.28
N GLY A 59 -11.15 -11.08 -29.53
CA GLY A 59 -11.71 -12.22 -30.23
C GLY A 59 -13.01 -12.02 -30.94
N ILE A 60 -13.30 -10.81 -31.42
CA ILE A 60 -14.56 -10.58 -32.12
C ILE A 60 -14.63 -11.42 -33.39
N ALA A 61 -13.49 -11.78 -33.98
CA ALA A 61 -13.47 -12.66 -35.15
C ALA A 61 -12.91 -14.04 -34.82
N GLY A 62 -12.99 -14.46 -33.56
CA GLY A 62 -12.43 -15.73 -33.11
C GLY A 62 -10.93 -15.73 -32.83
N VAL A 71 -1.57 -5.90 -31.56
CA VAL A 71 -0.34 -6.67 -31.70
C VAL A 71 0.68 -6.33 -30.58
N LYS A 72 1.29 -5.14 -30.64
CA LYS A 72 2.37 -4.69 -29.76
C LYS A 72 1.83 -3.95 -28.53
N LYS A 73 2.72 -3.71 -27.57
CA LYS A 73 2.43 -2.79 -26.48
C LYS A 73 2.44 -1.36 -27.00
N LEU A 74 1.69 -0.49 -26.30
CA LEU A 74 1.41 0.85 -26.79
C LEU A 74 2.65 1.73 -26.84
N ASP A 75 3.52 1.67 -25.82
CA ASP A 75 4.72 2.50 -25.88
C ASP A 75 5.70 1.96 -26.90
N VAL A 76 5.69 0.65 -27.16
CA VAL A 76 6.46 0.08 -28.26
C VAL A 76 5.89 0.55 -29.60
N LEU A 77 4.56 0.48 -29.75
CA LEU A 77 3.94 0.90 -31.00
C LEU A 77 4.13 2.40 -31.23
N SER A 78 4.02 3.21 -30.18
CA SER A 78 4.21 4.67 -30.30
C SER A 78 5.62 4.99 -30.80
N ASN A 79 6.61 4.36 -30.18
CA ASN A 79 7.99 4.56 -30.59
C ASN A 79 8.20 4.17 -32.04
N ASP A 80 7.66 3.01 -32.46
CA ASP A 80 7.80 2.61 -33.86
C ASP A 80 7.13 3.62 -34.79
N LEU A 81 5.97 4.14 -34.38
CA LEU A 81 5.25 5.09 -35.21
C LEU A 81 6.09 6.35 -35.43
N VAL A 82 6.59 6.91 -34.35
CA VAL A 82 7.40 8.12 -34.43
C VAL A 82 8.69 7.84 -35.17
N MET A 83 9.41 6.77 -34.77
CA MET A 83 10.66 6.41 -35.45
C MET A 83 10.46 6.27 -36.95
N ASN A 84 9.45 5.52 -37.35
CA ASN A 84 9.30 5.21 -38.77
C ASN A 84 8.91 6.44 -39.58
N MET A 85 8.05 7.31 -39.02
CA MET A 85 7.62 8.50 -39.74
C MET A 85 8.77 9.52 -39.87
N LEU A 86 9.57 9.66 -38.81
CA LEU A 86 10.71 10.58 -38.88
C LEU A 86 11.71 10.10 -39.92
N LYS A 87 12.01 8.80 -39.90
CA LYS A 87 12.93 8.23 -40.88
C LYS A 87 12.45 8.49 -42.30
N SER A 88 11.16 8.23 -42.58
CA SER A 88 10.65 8.39 -43.92
C SER A 88 10.34 9.85 -44.29
N SER A 89 10.64 10.81 -43.41
CA SER A 89 10.37 12.21 -43.71
C SER A 89 11.46 12.87 -44.53
N PHE A 90 12.63 12.26 -44.64
CA PHE A 90 13.80 12.84 -45.31
C PHE A 90 14.25 14.13 -44.65
N ALA A 91 13.89 14.36 -43.39
CA ALA A 91 14.14 15.62 -42.72
C ALA A 91 14.99 15.50 -41.48
N THR A 92 15.40 14.29 -41.10
CA THR A 92 16.09 14.02 -39.84
C THR A 92 17.44 13.32 -40.11
N CYS A 93 18.31 13.39 -39.11
CA CYS A 93 19.56 12.63 -39.15
C CYS A 93 19.90 11.95 -37.84
N VAL A 94 19.39 12.43 -36.69
CA VAL A 94 19.61 11.82 -35.39
C VAL A 94 18.30 11.79 -34.63
N LEU A 95 17.96 10.65 -34.03
CA LEU A 95 16.73 10.49 -33.26
C LEU A 95 17.09 9.99 -31.87
N VAL A 96 16.59 10.68 -30.84
CA VAL A 96 16.77 10.28 -29.45
C VAL A 96 15.40 10.03 -28.85
N SER A 97 15.22 8.87 -28.25
CA SER A 97 13.93 8.49 -27.70
C SER A 97 14.12 7.92 -26.30
N GLU A 98 13.14 8.18 -25.44
CA GLU A 98 13.15 7.63 -24.08
C GLU A 98 13.39 6.13 -24.13
N GLU A 99 12.99 5.47 -25.23
CA GLU A 99 12.93 4.02 -25.37
C GLU A 99 14.19 3.39 -25.96
N ASP A 100 15.15 4.18 -26.43
CA ASP A 100 16.32 3.63 -27.08
C ASP A 100 17.59 4.17 -26.42
N LYS A 101 18.47 3.26 -26.01
CA LYS A 101 19.66 3.65 -25.27
C LYS A 101 20.55 4.58 -26.07
N HIS A 102 20.61 4.37 -27.38
CA HIS A 102 21.47 5.16 -28.23
C HIS A 102 20.67 5.98 -29.22
N ALA A 103 21.28 7.07 -29.67
CA ALA A 103 20.70 7.82 -30.76
C ALA A 103 20.62 6.94 -31.99
N ILE A 104 19.55 7.08 -32.75
CA ILE A 104 19.44 6.39 -34.03
C ILE A 104 19.99 7.34 -35.07
N ILE A 105 20.90 6.86 -35.90
CA ILE A 105 21.44 7.65 -36.97
C ILE A 105 20.74 7.22 -38.26
N VAL A 106 20.02 8.15 -38.87
CA VAL A 106 19.25 7.83 -40.07
C VAL A 106 20.18 7.41 -41.20
N GLU A 107 19.75 6.41 -41.98
CA GLU A 107 20.55 5.94 -43.08
C GLU A 107 20.77 7.08 -44.08
N PRO A 108 21.89 7.06 -44.81
CA PRO A 108 22.21 8.19 -45.70
C PRO A 108 21.10 8.54 -46.68
N GLU A 109 20.45 7.55 -47.29
CA GLU A 109 19.45 7.84 -48.32
C GLU A 109 18.25 8.60 -47.77
N LYS A 110 17.97 8.52 -46.46
CA LYS A 110 16.85 9.20 -45.84
C LYS A 110 17.24 10.42 -45.00
N ARG A 111 18.52 10.83 -45.01
CA ARG A 111 19.02 11.84 -44.08
C ARG A 111 18.58 13.27 -44.38
N GLY A 112 18.11 13.97 -43.35
CA GLY A 112 17.90 15.41 -43.44
C GLY A 112 18.76 16.15 -42.42
N LYS A 113 18.37 17.36 -42.06
CA LYS A 113 19.24 18.25 -41.29
C LYS A 113 18.82 18.40 -39.83
N TYR A 114 17.79 17.69 -39.38
CA TYR A 114 17.24 17.95 -38.06
C TYR A 114 17.49 16.80 -37.07
N VAL A 115 17.66 17.20 -35.81
CA VAL A 115 17.80 16.31 -34.66
C VAL A 115 16.52 16.39 -33.84
N VAL A 116 15.87 15.26 -33.63
CA VAL A 116 14.60 15.19 -32.91
C VAL A 116 14.77 14.32 -31.67
N CYS A 117 14.46 14.88 -30.50
CA CYS A 117 14.41 14.15 -29.24
C CYS A 117 12.95 14.01 -28.84
N PHE A 118 12.54 12.81 -28.47
CA PHE A 118 11.14 12.65 -28.15
C PHE A 118 10.93 11.60 -27.09
N ASP A 119 9.86 11.81 -26.33
CA ASP A 119 9.25 10.81 -25.48
C ASP A 119 7.96 10.36 -26.16
N PRO A 120 7.91 9.16 -26.75
CA PRO A 120 6.75 8.82 -27.61
C PRO A 120 5.45 8.58 -26.86
N LEU A 121 5.49 8.17 -25.59
CA LEU A 121 4.23 7.97 -24.85
C LEU A 121 4.55 8.15 -23.37
N ASP A 122 4.64 9.40 -22.96
CA ASP A 122 4.96 9.72 -21.58
C ASP A 122 3.74 9.53 -20.69
N GLY A 123 4.00 9.13 -19.44
CA GLY A 123 2.94 8.80 -18.51
C GLY A 123 2.41 7.38 -18.65
N SER A 124 2.95 6.61 -19.58
CA SER A 124 2.41 5.30 -19.92
C SER A 124 2.48 4.32 -18.77
N SER A 125 3.21 4.63 -17.69
CA SER A 125 3.21 3.70 -16.55
C SER A 125 1.83 3.61 -15.91
N ASN A 126 1.02 4.66 -16.02
CA ASN A 126 -0.32 4.67 -15.44
C ASN A 126 -1.44 4.64 -16.49
N ILE A 127 -1.14 4.19 -17.71
CA ILE A 127 -2.17 4.12 -18.74
C ILE A 127 -3.19 3.01 -18.49
N ASP A 128 -2.91 2.09 -17.55
CA ASP A 128 -3.85 1.04 -17.18
C ASP A 128 -5.08 1.59 -16.47
N CYS A 129 -4.99 2.79 -15.89
CA CYS A 129 -6.14 3.42 -15.25
C CYS A 129 -6.79 4.47 -16.14
N LEU A 130 -6.33 4.56 -17.39
CA LEU A 130 -6.87 5.47 -18.41
C LEU A 130 -6.63 6.94 -18.07
N VAL A 131 -5.58 7.20 -17.28
CA VAL A 131 -5.13 8.56 -17.06
C VAL A 131 -4.66 9.17 -18.38
N SER A 132 -4.67 10.51 -18.45
CA SER A 132 -4.08 11.23 -19.57
C SER A 132 -2.61 10.87 -19.77
N VAL A 133 -2.23 10.70 -21.03
CA VAL A 133 -0.87 10.44 -21.44
C VAL A 133 -0.53 11.37 -22.61
N GLY A 134 0.71 11.32 -23.07
CA GLY A 134 1.12 12.24 -24.12
C GLY A 134 2.41 11.85 -24.81
N THR A 135 2.67 12.57 -25.91
CA THR A 135 3.91 12.52 -26.65
C THR A 135 4.63 13.86 -26.50
N ILE A 136 5.94 13.83 -26.26
CA ILE A 136 6.73 15.05 -26.13
C ILE A 136 7.83 15.03 -27.19
N PHE A 137 8.13 16.18 -27.76
CA PHE A 137 9.16 16.22 -28.80
C PHE A 137 9.91 17.55 -28.79
N GLY A 138 11.20 17.46 -29.13
CA GLY A 138 12.02 18.63 -29.33
C GLY A 138 12.86 18.48 -30.58
N ILE A 139 12.97 19.56 -31.35
CA ILE A 139 13.65 19.57 -32.65
C ILE A 139 14.78 20.57 -32.60
N TYR A 140 16.01 20.12 -32.82
CA TYR A 140 17.17 20.99 -32.94
C TYR A 140 17.70 20.94 -34.36
N ARG A 141 18.36 21.99 -34.79
CA ARG A 141 19.11 21.90 -36.03
C ARG A 141 20.47 21.28 -35.73
N LYS A 142 20.95 20.44 -36.63
CA LYS A 142 22.32 19.98 -36.52
C LYS A 142 23.29 21.15 -36.74
N LYS A 143 24.25 21.28 -35.83
CA LYS A 143 25.16 22.42 -35.82
C LYS A 143 26.46 22.09 -36.55
N SER A 144 27.16 21.05 -36.09
CA SER A 144 28.47 20.75 -36.63
C SER A 144 28.35 20.13 -38.03
N THR A 145 29.49 20.04 -38.70
CA THR A 145 29.58 19.44 -40.02
C THR A 145 30.18 18.04 -40.02
N ASP A 146 30.47 17.47 -38.85
CA ASP A 146 30.93 16.10 -38.79
C ASP A 146 29.83 15.18 -39.30
N GLU A 147 30.17 13.91 -39.48
CA GLU A 147 29.14 12.92 -39.73
C GLU A 147 28.19 12.85 -38.54
N PRO A 148 26.90 12.65 -38.77
CA PRO A 148 25.94 12.64 -37.65
C PRO A 148 26.26 11.56 -36.63
N SER A 149 26.10 11.92 -35.36
CA SER A 149 26.38 11.02 -34.25
C SER A 149 25.53 11.45 -33.06
N GLU A 150 25.58 10.65 -32.00
CA GLU A 150 24.89 10.98 -30.76
C GLU A 150 25.25 12.37 -30.26
N LYS A 151 26.48 12.83 -30.52
CA LYS A 151 26.90 14.13 -30.00
C LYS A 151 26.09 15.31 -30.58
N ASP A 152 25.49 15.15 -31.78
CA ASP A 152 24.71 16.24 -32.36
C ASP A 152 23.44 16.55 -31.57
N ALA A 153 23.06 15.67 -30.65
CA ALA A 153 21.91 15.85 -29.76
C ALA A 153 22.30 16.49 -28.43
N LEU A 154 23.59 16.74 -28.20
CA LEU A 154 24.01 17.30 -26.91
C LEU A 154 23.91 18.81 -26.93
N GLN A 155 22.75 19.35 -27.32
CA GLN A 155 22.61 20.79 -27.37
C GLN A 155 21.76 21.30 -26.21
N PRO A 156 22.01 22.52 -25.74
CA PRO A 156 21.12 23.12 -24.74
C PRO A 156 19.76 23.43 -25.35
N GLY A 157 18.74 23.46 -24.49
CA GLY A 157 17.39 23.74 -24.94
C GLY A 157 17.27 25.06 -25.67
N ARG A 158 18.16 26.02 -25.37
CA ARG A 158 18.19 27.30 -26.09
C ARG A 158 18.27 27.10 -27.61
N ASN A 159 18.84 26.00 -28.07
CA ASN A 159 19.03 25.76 -29.50
C ASN A 159 17.80 25.19 -30.16
N LEU A 160 16.70 25.05 -29.44
CA LEU A 160 15.52 24.41 -30.01
C LEU A 160 14.99 25.24 -31.15
N VAL A 161 14.72 24.58 -32.28
CA VAL A 161 14.02 25.21 -33.40
C VAL A 161 12.52 25.17 -33.19
N ALA A 162 12.01 24.06 -32.66
CA ALA A 162 10.60 23.86 -32.39
C ALA A 162 10.45 22.77 -31.34
N ALA A 163 9.36 22.84 -30.58
CA ALA A 163 9.12 21.89 -29.50
C ALA A 163 7.63 21.89 -29.21
N GLY A 164 7.18 20.80 -28.61
CA GLY A 164 5.80 20.74 -28.19
C GLY A 164 5.42 19.35 -27.71
N TYR A 165 4.12 19.15 -27.58
CA TYR A 165 3.62 17.92 -27.02
C TYR A 165 2.22 17.66 -27.56
N ALA A 166 1.85 16.38 -27.55
CA ALA A 166 0.47 15.94 -27.76
C ALA A 166 -0.09 15.46 -26.43
N LEU A 167 -1.28 15.91 -26.09
CA LEU A 167 -1.96 15.43 -24.90
C LEU A 167 -3.13 14.57 -25.35
N TYR A 168 -3.11 13.28 -24.99
CA TYR A 168 -4.23 12.37 -25.25
C TYR A 168 -5.11 12.31 -24.01
N GLY A 169 -5.97 13.33 -23.87
CA GLY A 169 -6.82 13.46 -22.71
C GLY A 169 -8.28 13.18 -23.01
N SER A 170 -9.20 14.00 -22.46
CA SER A 170 -10.59 13.88 -22.88
C SER A 170 -10.75 14.20 -24.36
N ALA A 171 -9.91 15.08 -24.89
CA ALA A 171 -9.71 15.25 -26.33
C ALA A 171 -8.20 15.24 -26.58
N THR A 172 -7.80 15.14 -27.84
CA THR A 172 -6.38 15.14 -28.22
C THR A 172 -5.98 16.52 -28.75
N MET A 173 -4.98 17.12 -28.12
CA MET A 173 -4.50 18.44 -28.47
C MET A 173 -3.00 18.43 -28.77
N LEU A 174 -2.61 19.17 -29.80
CA LEU A 174 -1.20 19.37 -30.11
C LEU A 174 -0.85 20.80 -29.77
N VAL A 175 0.11 20.97 -28.87
CA VAL A 175 0.60 22.27 -28.46
C VAL A 175 1.95 22.44 -29.13
N LEU A 176 2.05 23.37 -30.07
CA LEU A 176 3.26 23.52 -30.85
C LEU A 176 3.85 24.90 -30.59
N ALA A 177 5.13 24.94 -30.22
CA ALA A 177 5.83 26.18 -29.91
C ALA A 177 6.99 26.43 -30.86
N MET A 178 7.04 27.64 -31.43
CA MET A 178 8.18 28.08 -32.25
C MET A 178 8.52 29.50 -31.81
N ASP A 179 9.33 30.21 -32.60
CA ASP A 179 9.66 31.58 -32.25
C ASP A 179 8.42 32.48 -32.30
N CYS A 180 7.51 32.23 -33.26
CA CYS A 180 6.29 33.01 -33.30
C CYS A 180 5.40 32.79 -32.08
N GLY A 181 5.70 31.82 -31.21
CA GLY A 181 4.92 31.63 -30.00
C GLY A 181 4.28 30.26 -29.87
N VAL A 182 3.30 30.14 -28.98
CA VAL A 182 2.66 28.88 -28.66
C VAL A 182 1.29 28.85 -29.33
N ASN A 183 0.98 27.73 -29.99
CA ASN A 183 -0.31 27.51 -30.63
C ASN A 183 -0.85 26.14 -30.29
N CYS A 184 -2.17 26.05 -30.10
CA CYS A 184 -2.82 24.81 -29.66
C CYS A 184 -3.75 24.32 -30.74
N PHE A 185 -3.66 23.03 -31.05
CA PHE A 185 -4.47 22.45 -32.09
C PHE A 185 -5.31 21.32 -31.52
N MET A 186 -6.59 21.32 -31.85
CA MET A 186 -7.52 20.30 -31.43
C MET A 186 -7.66 19.28 -32.56
N LEU A 187 -7.51 18.01 -32.24
CA LEU A 187 -7.73 16.95 -33.22
C LEU A 187 -9.23 16.75 -33.42
N ASP A 188 -9.70 16.92 -34.64
CA ASP A 188 -11.06 16.52 -34.97
C ASP A 188 -11.03 15.09 -35.48
N PRO A 189 -11.39 14.13 -34.65
CA PRO A 189 -11.30 12.73 -35.06
C PRO A 189 -12.29 12.36 -36.15
N ALA A 190 -13.33 13.16 -36.36
CA ALA A 190 -14.27 12.86 -37.45
C ALA A 190 -13.60 12.98 -38.82
N ILE A 191 -12.60 13.84 -38.96
CA ILE A 191 -11.94 14.05 -40.25
C ILE A 191 -10.43 13.91 -40.17
N GLY A 192 -9.87 13.65 -38.99
CA GLY A 192 -8.43 13.52 -38.84
C GLY A 192 -7.63 14.77 -39.15
N GLU A 193 -8.07 15.92 -38.62
CA GLU A 193 -7.35 17.18 -38.77
C GLU A 193 -7.14 17.86 -37.42
N PHE A 194 -6.00 18.54 -37.30
CA PHE A 194 -5.69 19.38 -36.15
C PHE A 194 -6.17 20.80 -36.44
N ILE A 195 -7.15 21.27 -35.68
CA ILE A 195 -7.80 22.56 -35.89
C ILE A 195 -7.21 23.56 -34.90
N LEU A 196 -6.77 24.71 -35.41
CA LEU A 196 -6.24 25.76 -34.56
C LEU A 196 -7.35 26.33 -33.69
N VAL A 197 -7.18 26.23 -32.37
CA VAL A 197 -8.20 26.68 -31.43
C VAL A 197 -7.68 27.70 -30.43
N ASP A 198 -6.37 27.86 -30.31
CA ASP A 198 -5.81 28.83 -29.36
C ASP A 198 -4.55 29.40 -29.99
N LYS A 199 -4.64 30.67 -30.40
CA LYS A 199 -3.58 31.37 -31.09
C LYS A 199 -2.74 32.12 -30.07
N ASP A 200 -1.42 32.03 -30.20
CA ASP A 200 -0.44 32.83 -29.45
C ASP A 200 -0.74 32.83 -27.95
N VAL A 201 -0.68 31.63 -27.36
CA VAL A 201 -1.09 31.47 -25.98
C VAL A 201 -0.06 32.09 -25.02
N LYS A 202 -0.55 32.69 -23.93
CA LYS A 202 0.29 33.27 -22.89
C LYS A 202 -0.18 32.78 -21.51
N ILE A 203 0.76 32.46 -20.62
CA ILE A 203 0.40 31.94 -19.31
C ILE A 203 0.10 33.10 -18.36
N LYS A 204 -0.78 32.84 -17.39
CA LYS A 204 -1.06 33.83 -16.35
C LYS A 204 0.22 34.25 -15.64
N LYS A 205 0.25 35.49 -15.20
CA LYS A 205 1.43 35.94 -14.48
C LYS A 205 1.56 35.18 -13.17
N LYS A 206 0.45 34.90 -12.51
CA LYS A 206 0.44 34.16 -11.25
C LYS A 206 -0.78 33.25 -11.20
N GLY A 207 -0.58 32.03 -10.65
CA GLY A 207 -1.62 31.03 -10.59
C GLY A 207 -2.09 30.72 -9.18
N LYS A 208 -2.92 29.68 -9.07
CA LYS A 208 -3.51 29.22 -7.81
C LYS A 208 -3.38 27.69 -7.62
N ILE A 209 -2.50 27.03 -8.38
CA ILE A 209 -2.38 25.58 -8.31
C ILE A 209 -0.91 25.22 -8.25
N TYR A 210 -0.55 24.35 -7.33
CA TYR A 210 0.79 23.81 -7.29
C TYR A 210 0.67 22.32 -7.56
N SER A 211 1.70 21.75 -8.21
CA SER A 211 1.63 20.39 -8.71
C SER A 211 2.97 19.68 -8.46
N LEU A 212 2.95 18.71 -7.57
CA LEU A 212 4.06 17.81 -7.27
C LEU A 212 3.53 16.63 -6.45
N ASN A 213 4.33 15.55 -6.39
CA ASN A 213 3.97 14.37 -5.60
C ASN A 213 4.33 14.62 -4.13
N GLU A 214 3.32 14.95 -3.32
CA GLU A 214 3.52 15.21 -1.90
C GLU A 214 3.71 13.94 -1.07
N GLY A 215 3.53 12.75 -1.68
CA GLY A 215 3.80 11.51 -0.98
C GLY A 215 5.28 11.30 -0.70
N TYR A 216 6.16 11.98 -1.42
CA TYR A 216 7.59 11.98 -1.14
C TYR A 216 7.99 13.01 -0.09
N ALA A 217 7.03 13.58 0.65
CA ALA A 217 7.32 14.72 1.51
C ALA A 217 8.45 14.45 2.50
N LYS A 218 8.55 13.21 2.99
CA LYS A 218 9.63 12.82 3.88
C LYS A 218 11.00 13.17 3.34
N ASP A 219 11.14 13.21 2.02
CA ASP A 219 12.44 13.38 1.37
C ASP A 219 12.61 14.73 0.69
N PHE A 220 11.64 15.63 0.85
CA PHE A 220 11.72 16.93 0.17
C PHE A 220 12.96 17.68 0.63
N ASP A 221 13.67 18.23 -0.35
CA ASP A 221 14.57 19.34 -0.10
C ASP A 221 13.86 20.39 0.79
N PRO A 222 14.57 20.94 1.78
CA PRO A 222 13.98 22.01 2.63
C PRO A 222 13.36 23.19 1.90
N ALA A 223 13.87 23.57 0.74
CA ALA A 223 13.20 24.65 0.02
C ALA A 223 11.81 24.22 -0.44
N VAL A 224 11.70 23.00 -0.96
CA VAL A 224 10.41 22.48 -1.40
C VAL A 224 9.44 22.45 -0.21
N THR A 225 9.92 21.94 0.93
CA THR A 225 9.07 21.80 2.12
C THR A 225 8.51 23.13 2.58
N GLU A 226 9.34 24.18 2.64
CA GLU A 226 8.86 25.47 3.08
C GLU A 226 7.95 26.12 2.06
N TYR A 227 8.31 26.03 0.78
CA TYR A 227 7.48 26.63 -0.25
C TYR A 227 6.10 25.98 -0.29
N ILE A 228 6.05 24.64 -0.24
CA ILE A 228 4.74 24.00 -0.25
C ILE A 228 3.97 24.39 0.99
N GLN A 229 4.69 24.44 2.13
CA GLN A 229 4.07 24.87 3.38
C GLN A 229 3.49 26.27 3.22
N ARG A 230 4.13 27.14 2.43
CA ARG A 230 3.59 28.47 2.19
C ARG A 230 2.33 28.44 1.32
N LYS A 231 2.20 27.45 0.43
CA LYS A 231 1.00 27.38 -0.39
C LYS A 231 -0.20 26.91 0.41
N LYS A 232 0.01 26.01 1.38
CA LYS A 232 -1.09 25.51 2.19
C LYS A 232 -1.47 26.47 3.31
N PHE A 233 -0.48 27.11 3.94
CA PHE A 233 -0.71 27.99 5.07
C PHE A 233 -0.07 29.35 4.75
N PRO A 234 -0.72 30.16 3.92
CA PRO A 234 -0.11 31.39 3.43
C PRO A 234 0.24 32.32 4.57
N PRO A 235 1.40 32.99 4.51
CA PRO A 235 1.75 33.89 5.61
C PRO A 235 0.77 35.05 5.78
N ASP A 236 0.35 35.67 4.68
CA ASP A 236 -0.61 36.77 4.76
C ASP A 236 -2.04 36.23 4.73
N ASN A 237 -2.36 35.41 5.74
CA ASN A 237 -3.62 34.68 5.94
C ASN A 237 -4.58 34.67 4.73
N SER A 238 -4.02 34.77 3.52
CA SER A 238 -4.76 34.66 2.27
C SER A 238 -5.20 33.20 2.03
N ALA A 239 -5.98 32.99 0.97
CA ALA A 239 -6.51 31.66 0.65
C ALA A 239 -5.40 30.73 0.14
N PRO A 240 -5.33 29.49 0.63
CA PRO A 240 -4.34 28.53 0.13
C PRO A 240 -4.57 28.11 -1.32
N TYR A 241 -3.47 27.69 -1.97
CA TYR A 241 -3.53 27.21 -3.35
C TYR A 241 -4.22 25.86 -3.43
N GLY A 242 -4.83 25.59 -4.59
CA GLY A 242 -5.28 24.25 -4.88
C GLY A 242 -4.14 23.31 -5.26
N ALA A 243 -4.34 22.03 -4.97
CA ALA A 243 -3.40 20.98 -5.34
C ALA A 243 -4.00 20.13 -6.46
N ARG A 244 -3.14 19.76 -7.41
CA ARG A 244 -3.44 18.79 -8.46
C ARG A 244 -2.15 18.04 -8.75
N TYR A 245 -2.26 16.72 -8.92
CA TYR A 245 -1.11 15.96 -9.40
C TYR A 245 -1.66 14.72 -10.09
N VAL A 246 -1.72 14.77 -11.41
CA VAL A 246 -2.20 13.64 -12.19
C VAL A 246 -1.16 12.54 -12.19
N GLY A 247 0.11 12.90 -12.04
CA GLY A 247 1.19 11.96 -12.18
C GLY A 247 1.64 11.72 -13.60
N SER A 248 1.08 12.43 -14.57
CA SER A 248 1.48 12.33 -15.97
C SER A 248 1.95 13.70 -16.43
N MET A 249 3.24 13.79 -16.78
CA MET A 249 3.89 15.10 -16.95
C MET A 249 3.14 15.99 -17.93
N VAL A 250 2.76 15.45 -19.09
CA VAL A 250 2.13 16.28 -20.11
C VAL A 250 0.78 16.82 -19.63
N ALA A 251 0.03 16.02 -18.89
CA ALA A 251 -1.24 16.49 -18.37
C ALA A 251 -1.05 17.59 -17.34
N ASP A 252 -0.12 17.38 -16.40
CA ASP A 252 0.12 18.39 -15.37
C ASP A 252 0.71 19.66 -15.95
N VAL A 253 1.65 19.53 -16.91
CA VAL A 253 2.24 20.73 -17.48
C VAL A 253 1.21 21.49 -18.31
N HIS A 254 0.37 20.77 -19.07
CA HIS A 254 -0.62 21.46 -19.90
C HIS A 254 -1.64 22.21 -19.05
N ARG A 255 -2.09 21.61 -17.95
CA ARG A 255 -2.94 22.33 -17.01
C ARG A 255 -2.27 23.61 -16.50
N THR A 256 -0.96 23.54 -16.20
CA THR A 256 -0.25 24.74 -15.74
C THR A 256 -0.29 25.85 -16.80
N LEU A 257 -0.15 25.50 -18.08
CA LEU A 257 -0.27 26.49 -19.14
C LEU A 257 -1.68 27.08 -19.21
N VAL A 258 -2.71 26.27 -19.10
CA VAL A 258 -4.06 26.74 -19.33
C VAL A 258 -4.55 27.55 -18.14
N TYR A 259 -4.26 27.10 -16.93
CA TYR A 259 -4.81 27.73 -15.73
C TYR A 259 -3.79 28.51 -14.92
N GLY A 260 -2.52 28.42 -15.27
CA GLY A 260 -1.49 29.02 -14.45
C GLY A 260 -1.15 28.14 -13.28
N GLY A 261 -0.14 28.56 -12.53
CA GLY A 261 0.37 27.81 -11.39
C GLY A 261 1.81 27.39 -11.54
N ILE A 262 2.18 26.36 -10.82
CA ILE A 262 3.58 25.94 -10.74
C ILE A 262 3.59 24.41 -10.74
N PHE A 263 4.51 23.84 -11.50
CA PHE A 263 4.70 22.40 -11.55
C PHE A 263 6.11 22.11 -11.06
N LEU A 264 6.23 21.13 -10.16
CA LEU A 264 7.52 20.79 -9.58
C LEU A 264 7.78 19.30 -9.67
N TYR A 265 8.93 18.95 -10.23
CA TYR A 265 9.58 17.67 -10.00
C TYR A 265 10.98 18.03 -9.55
N PRO A 266 11.14 18.43 -8.28
CA PRO A 266 12.39 19.02 -7.83
C PRO A 266 13.39 17.98 -7.37
N ALA A 267 14.61 18.46 -7.14
CA ALA A 267 15.70 17.63 -6.64
C ALA A 267 15.61 17.45 -5.13
N ASN A 268 15.96 16.27 -4.65
CA ASN A 268 16.19 16.05 -3.23
C ASN A 268 17.60 15.48 -3.07
N LYS A 269 17.93 15.03 -1.86
CA LYS A 269 19.26 14.50 -1.64
C LYS A 269 19.43 13.10 -2.22
N LYS A 270 18.34 12.33 -2.34
CA LYS A 270 18.40 11.04 -3.02
C LYS A 270 18.42 11.16 -4.54
N SER A 271 17.92 12.26 -5.11
CA SER A 271 17.91 12.46 -6.55
C SER A 271 18.43 13.87 -6.81
N PRO A 272 19.75 14.04 -6.74
CA PRO A 272 20.33 15.38 -6.83
C PRO A 272 20.21 16.00 -8.22
N ASN A 273 19.93 15.21 -9.25
CA ASN A 273 19.65 15.77 -10.56
C ASN A 273 18.21 15.55 -11.01
N GLY A 274 17.31 15.21 -10.09
CA GLY A 274 15.93 14.97 -10.48
C GLY A 274 15.75 13.64 -11.20
N LYS A 275 14.52 13.42 -11.69
CA LYS A 275 14.17 12.20 -12.39
C LYS A 275 13.81 12.41 -13.86
N LEU A 276 13.18 13.52 -14.22
CA LEU A 276 12.76 13.72 -15.59
C LEU A 276 13.96 13.98 -16.49
N ARG A 277 13.84 13.55 -17.74
CA ARG A 277 14.94 13.60 -18.70
C ARG A 277 15.04 14.97 -19.38
N LEU A 278 16.25 15.51 -19.45
CA LEU A 278 16.45 16.89 -19.93
C LEU A 278 16.14 17.04 -21.42
N LEU A 279 16.63 16.12 -22.26
CA LEU A 279 16.55 16.34 -23.70
C LEU A 279 15.12 16.25 -24.22
N TYR A 280 14.36 15.23 -23.80
CA TYR A 280 13.05 14.97 -24.39
C TYR A 280 11.89 15.08 -23.40
N GLU A 281 12.13 15.55 -22.19
CA GLU A 281 11.02 15.89 -21.31
C GLU A 281 11.13 17.33 -20.80
N CYS A 282 12.26 17.68 -20.18
CA CYS A 282 12.40 19.01 -19.57
C CYS A 282 12.51 20.12 -20.60
N ASN A 283 13.46 19.99 -21.55
CA ASN A 283 13.71 21.07 -22.50
C ASN A 283 12.48 21.41 -23.31
N PRO A 284 11.80 20.45 -23.96
CA PRO A 284 10.61 20.84 -24.72
C PRO A 284 9.53 21.51 -23.88
N MET A 285 9.30 21.04 -22.66
CA MET A 285 8.33 21.70 -21.79
C MET A 285 8.82 23.10 -21.37
N ALA A 286 10.10 23.25 -21.05
CA ALA A 286 10.63 24.57 -20.73
C ALA A 286 10.52 25.53 -21.91
N TYR A 287 10.72 25.02 -23.13
CA TYR A 287 10.65 25.85 -24.32
C TYR A 287 9.24 26.36 -24.54
N VAL A 288 8.24 25.49 -24.38
CA VAL A 288 6.84 25.92 -24.48
C VAL A 288 6.52 26.95 -23.40
N MET A 289 6.93 26.69 -22.14
CA MET A 289 6.64 27.61 -21.05
C MET A 289 7.20 28.98 -21.32
N GLU A 290 8.45 29.04 -21.76
CA GLU A 290 9.07 30.33 -21.99
C GLU A 290 8.41 31.05 -23.16
N LYS A 291 8.11 30.31 -24.25
CA LYS A 291 7.42 30.94 -25.39
C LYS A 291 6.04 31.42 -25.03
N ALA A 292 5.44 30.90 -23.97
CA ALA A 292 4.13 31.33 -23.50
C ALA A 292 4.23 32.34 -22.37
N GLY A 293 5.43 32.85 -22.09
CA GLY A 293 5.59 33.83 -21.04
C GLY A 293 5.82 33.31 -19.64
N GLY A 294 6.09 32.02 -19.45
CA GLY A 294 6.40 31.47 -18.15
C GLY A 294 7.88 31.26 -17.94
N MET A 295 8.20 30.55 -16.86
CA MET A 295 9.58 30.30 -16.47
C MET A 295 9.80 28.81 -16.25
N ALA A 296 11.07 28.41 -16.28
CA ALA A 296 11.41 27.01 -16.06
C ALA A 296 12.85 26.94 -15.56
N THR A 297 13.01 26.51 -14.31
CA THR A 297 14.29 26.50 -13.64
C THR A 297 14.52 25.15 -12.97
N THR A 298 15.80 24.79 -12.83
CA THR A 298 16.27 23.64 -12.07
C THR A 298 16.46 23.97 -10.59
N GLY A 299 16.28 25.23 -10.20
CA GLY A 299 16.70 25.65 -8.89
C GLY A 299 17.94 26.50 -8.99
N LYS A 300 18.94 26.05 -9.75
CA LYS A 300 20.20 26.76 -9.90
C LYS A 300 20.33 27.52 -11.22
N GLU A 301 19.60 27.11 -12.27
CA GLU A 301 19.74 27.76 -13.57
C GLU A 301 18.52 27.42 -14.41
N ALA A 302 18.40 28.12 -15.53
CA ALA A 302 17.35 27.81 -16.49
C ALA A 302 17.58 26.45 -17.14
N VAL A 303 16.48 25.69 -17.28
CA VAL A 303 16.47 24.39 -17.96
C VAL A 303 17.05 24.53 -19.37
N LEU A 304 16.67 25.58 -20.08
CA LEU A 304 17.13 25.79 -21.46
C LEU A 304 18.62 26.13 -21.53
N ASP A 305 19.24 26.55 -20.43
CA ASP A 305 20.68 26.83 -20.43
C ASP A 305 21.56 25.67 -20.03
N VAL A 306 21.02 24.57 -19.51
CA VAL A 306 21.86 23.44 -19.09
C VAL A 306 22.42 22.76 -20.33
N ILE A 307 23.72 22.49 -20.31
CA ILE A 307 24.40 21.82 -21.42
C ILE A 307 24.47 20.33 -21.11
N PRO A 308 23.73 19.49 -21.81
CA PRO A 308 23.72 18.06 -21.45
C PRO A 308 25.03 17.37 -21.81
N THR A 309 25.37 16.37 -21.00
CA THR A 309 26.55 15.54 -21.23
C THR A 309 26.22 14.12 -21.63
N ASP A 310 24.97 13.67 -21.37
CA ASP A 310 24.45 12.36 -21.72
C ASP A 310 23.03 12.53 -22.25
N ILE A 311 22.69 11.81 -23.34
CA ILE A 311 21.40 12.05 -24.00
C ILE A 311 20.22 11.67 -23.12
N HIS A 312 20.46 10.85 -22.09
CA HIS A 312 19.43 10.43 -21.16
C HIS A 312 19.62 11.00 -19.78
N GLN A 313 20.42 12.05 -19.64
CA GLN A 313 20.64 12.60 -18.32
C GLN A 313 19.38 13.26 -17.79
N ARG A 314 19.28 13.30 -16.46
CA ARG A 314 18.10 13.82 -15.80
C ARG A 314 18.30 15.26 -15.39
N ALA A 315 17.19 15.94 -15.11
CA ALA A 315 17.23 17.32 -14.72
C ALA A 315 16.09 17.60 -13.75
N PRO A 316 16.33 18.40 -12.72
CA PRO A 316 15.21 18.94 -11.95
C PRO A 316 14.49 20.03 -12.75
N VAL A 317 13.19 20.16 -12.49
CA VAL A 317 12.40 21.16 -13.21
C VAL A 317 11.33 21.73 -12.28
N ILE A 318 11.24 23.05 -12.24
CA ILE A 318 10.15 23.80 -11.63
C ILE A 318 9.72 24.82 -12.68
N LEU A 319 8.46 24.76 -13.10
CA LEU A 319 8.02 25.60 -14.21
C LEU A 319 6.60 26.11 -13.97
N GLY A 320 6.27 27.19 -14.69
CA GLY A 320 4.93 27.73 -14.67
C GLY A 320 4.84 29.23 -14.72
N SER A 321 3.82 29.77 -14.04
CA SER A 321 3.64 31.21 -13.95
C SER A 321 4.88 31.85 -13.33
N PRO A 322 5.33 33.00 -13.87
CA PRO A 322 6.59 33.58 -13.36
C PRO A 322 6.55 33.97 -11.91
N ASP A 323 5.48 34.64 -11.47
CA ASP A 323 5.38 35.09 -10.09
C ASP A 323 5.54 33.93 -9.12
N ASP A 324 4.97 32.78 -9.47
CA ASP A 324 5.07 31.61 -8.60
C ASP A 324 6.47 31.00 -8.64
N VAL A 325 7.09 30.96 -9.82
CA VAL A 325 8.45 30.41 -9.90
C VAL A 325 9.42 31.32 -9.14
N LEU A 326 9.21 32.64 -9.21
CA LEU A 326 10.07 33.56 -8.48
C LEU A 326 9.95 33.34 -6.98
N GLU A 327 8.72 33.20 -6.49
CA GLU A 327 8.52 32.95 -5.06
C GLU A 327 9.22 31.68 -4.66
N PHE A 328 9.18 30.67 -5.53
CA PHE A 328 9.94 29.47 -5.21
C PHE A 328 11.42 29.76 -5.12
N LEU A 329 11.96 30.48 -6.11
CA LEU A 329 13.40 30.72 -6.13
C LEU A 329 13.83 31.54 -4.92
N LYS A 330 12.99 32.46 -4.47
CA LYS A 330 13.31 33.21 -3.27
C LYS A 330 13.37 32.28 -2.07
N VAL A 331 12.40 31.37 -1.93
CA VAL A 331 12.48 30.38 -0.86
C VAL A 331 13.70 29.48 -1.04
N TYR A 332 14.00 29.11 -2.29
CA TYR A 332 15.15 28.27 -2.56
C TYR A 332 16.45 28.98 -2.17
N GLU A 333 16.58 30.27 -2.47
CA GLU A 333 17.81 30.95 -2.08
C GLU A 333 17.86 31.18 -0.57
N LYS A 334 16.71 31.34 0.09
CA LYS A 334 16.66 31.46 1.54
C LYS A 334 17.30 30.26 2.20
N HIS A 335 17.21 29.09 1.59
CA HIS A 335 17.87 27.91 2.12
C HIS A 335 19.23 27.68 1.46
N SER A 336 19.85 28.75 0.95
CA SER A 336 21.12 28.70 0.21
C SER A 336 21.21 27.51 -0.75
N ASP B 10 -14.45 -16.41 -24.87
CA ASP B 10 -15.43 -15.89 -25.82
C ASP B 10 -15.82 -14.42 -25.62
N VAL B 11 -15.72 -13.64 -26.70
CA VAL B 11 -15.96 -12.20 -26.64
C VAL B 11 -17.39 -11.86 -26.20
N ASN B 12 -17.52 -10.77 -25.48
CA ASN B 12 -18.81 -10.29 -25.03
C ASN B 12 -18.86 -8.76 -25.12
N THR B 13 -20.01 -8.24 -25.48
CA THR B 13 -20.27 -6.81 -25.41
C THR B 13 -21.15 -6.49 -24.20
N LEU B 14 -21.24 -5.19 -23.88
CA LEU B 14 -22.08 -4.75 -22.76
C LEU B 14 -23.56 -5.13 -22.94
N THR B 15 -24.13 -4.85 -24.12
CA THR B 15 -25.55 -5.14 -24.33
C THR B 15 -25.82 -6.64 -24.31
N ARG B 16 -24.99 -7.42 -24.99
CA ARG B 16 -25.11 -8.88 -24.92
C ARG B 16 -25.00 -9.36 -23.47
N PHE B 17 -24.03 -8.81 -22.71
CA PHE B 17 -23.84 -9.19 -21.32
C PHE B 17 -25.10 -8.92 -20.50
N VAL B 18 -25.69 -7.74 -20.68
CA VAL B 18 -26.86 -7.37 -19.89
C VAL B 18 -28.06 -8.22 -20.29
N MET B 19 -28.22 -8.47 -21.59
CA MET B 19 -29.29 -9.36 -22.03
C MET B 19 -29.17 -10.73 -21.38
N GLU B 20 -27.96 -11.31 -21.36
CA GLU B 20 -27.77 -12.66 -20.84
C GLU B 20 -28.03 -12.72 -19.33
N GLU B 21 -27.52 -11.74 -18.57
CA GLU B 21 -27.85 -11.66 -17.14
C GLU B 21 -29.34 -11.47 -16.94
N GLY B 22 -29.94 -10.55 -17.70
CA GLY B 22 -31.35 -10.27 -17.55
C GLY B 22 -32.21 -11.47 -17.86
N ARG B 23 -31.82 -12.28 -18.85
CA ARG B 23 -32.62 -13.44 -19.15
C ARG B 23 -32.46 -14.49 -18.07
N LYS B 24 -31.25 -14.61 -17.55
CA LYS B 24 -31.01 -15.49 -16.42
C LYS B 24 -31.90 -15.10 -15.24
N ALA B 25 -32.01 -13.80 -14.98
CA ALA B 25 -32.81 -13.32 -13.84
C ALA B 25 -34.31 -13.34 -14.11
N ARG B 26 -34.73 -13.72 -15.32
CA ARG B 26 -36.15 -13.87 -15.65
C ARG B 26 -36.92 -12.56 -15.42
N GLY B 27 -36.28 -11.42 -15.72
CA GLY B 27 -36.89 -10.12 -15.53
C GLY B 27 -37.67 -9.63 -16.74
N THR B 28 -38.36 -8.50 -16.56
CA THR B 28 -39.26 -8.02 -17.60
C THR B 28 -38.52 -7.41 -18.79
N GLY B 29 -37.30 -6.94 -18.60
CA GLY B 29 -36.58 -6.25 -19.65
C GLY B 29 -36.48 -4.75 -19.46
N GLU B 30 -37.19 -4.17 -18.49
CA GLU B 30 -37.14 -2.73 -18.34
C GLU B 30 -35.71 -2.26 -18.04
N LEU B 31 -34.98 -2.98 -17.20
CA LEU B 31 -33.63 -2.53 -16.85
C LEU B 31 -32.70 -2.63 -18.05
N THR B 32 -32.82 -3.71 -18.83
CA THR B 32 -32.03 -3.85 -20.05
C THR B 32 -32.30 -2.72 -21.04
N GLN B 33 -33.57 -2.34 -21.22
CA GLN B 33 -33.86 -1.18 -22.06
C GLN B 33 -33.22 0.07 -21.49
N LEU B 34 -33.30 0.23 -20.17
CA LEU B 34 -32.65 1.35 -19.50
C LEU B 34 -31.15 1.37 -19.78
N LEU B 35 -30.50 0.24 -19.51
CA LEU B 35 -29.04 0.21 -19.60
C LEU B 35 -28.58 0.41 -21.03
N ASN B 36 -29.31 -0.14 -22.00
CA ASN B 36 -28.98 0.05 -23.42
C ASN B 36 -29.11 1.51 -23.84
N SER B 37 -30.22 2.16 -23.45
CA SER B 37 -30.36 3.58 -23.75
C SER B 37 -29.20 4.38 -23.15
N LEU B 38 -28.90 4.10 -21.89
CA LEU B 38 -27.82 4.80 -21.20
C LEU B 38 -26.50 4.57 -21.92
N CYS B 39 -26.26 3.34 -22.38
CA CYS B 39 -25.07 3.06 -23.17
C CYS B 39 -25.03 3.91 -24.44
N THR B 40 -26.16 4.06 -25.13
CA THR B 40 -26.20 4.89 -26.33
C THR B 40 -25.86 6.35 -26.02
N ALA B 41 -26.43 6.90 -24.94
CA ALA B 41 -26.11 8.27 -24.53
C ALA B 41 -24.61 8.44 -24.26
N VAL B 42 -24.00 7.46 -23.60
CA VAL B 42 -22.59 7.53 -23.20
C VAL B 42 -21.70 7.51 -24.42
N LYS B 43 -22.06 6.72 -25.43
CA LYS B 43 -21.29 6.72 -26.68
C LYS B 43 -21.40 8.07 -27.38
N ALA B 44 -22.56 8.71 -27.31
CA ALA B 44 -22.71 10.02 -27.93
C ALA B 44 -21.87 11.07 -27.22
N ILE B 45 -21.90 11.08 -25.88
CA ILE B 45 -21.13 12.05 -25.10
C ILE B 45 -19.65 11.90 -25.39
N SER B 46 -19.16 10.66 -25.38
CA SER B 46 -17.74 10.44 -25.64
C SER B 46 -17.34 11.06 -26.97
N SER B 47 -18.20 10.89 -27.99
CA SER B 47 -17.94 11.49 -29.30
C SER B 47 -17.81 13.01 -29.20
N ALA B 48 -18.71 13.65 -28.47
CA ALA B 48 -18.61 15.09 -28.30
C ALA B 48 -17.41 15.48 -27.46
N VAL B 49 -17.06 14.65 -26.47
CA VAL B 49 -15.94 14.96 -25.58
C VAL B 49 -14.59 14.87 -26.29
N ARG B 50 -14.44 13.94 -27.21
CA ARG B 50 -13.24 13.85 -28.04
C ARG B 50 -13.30 14.80 -29.22
N LYS B 51 -14.33 15.64 -29.26
CA LYS B 51 -14.42 16.82 -30.12
C LYS B 51 -14.64 16.45 -31.57
N ALA B 52 -15.39 15.39 -31.82
CA ALA B 52 -15.76 15.06 -33.19
C ALA B 52 -16.58 16.22 -33.74
N GLY B 53 -16.22 16.65 -34.95
CA GLY B 53 -16.91 17.74 -35.60
C GLY B 53 -16.52 19.13 -35.15
N ILE B 54 -15.44 19.28 -34.37
CA ILE B 54 -15.10 20.61 -33.88
C ILE B 54 -14.73 21.52 -35.05
N ALA B 55 -14.25 20.94 -36.16
CA ALA B 55 -13.90 21.72 -37.33
C ALA B 55 -15.06 22.54 -37.86
N HIS B 56 -16.30 22.08 -37.66
CA HIS B 56 -17.43 22.85 -38.13
C HIS B 56 -17.67 24.08 -37.24
N LEU B 57 -17.47 23.94 -35.92
CA LEU B 57 -17.60 25.08 -35.02
C LEU B 57 -16.60 26.17 -35.38
N TYR B 58 -15.48 25.80 -36.00
CA TYR B 58 -14.43 26.72 -36.36
C TYR B 58 -14.45 27.08 -37.84
N GLY B 59 -15.57 26.84 -38.51
CA GLY B 59 -15.81 27.40 -39.83
C GLY B 59 -15.28 26.63 -41.02
N ILE B 60 -15.17 25.31 -40.93
CA ILE B 60 -14.66 24.53 -42.06
C ILE B 60 -15.58 24.62 -43.25
N ALA B 61 -16.87 24.88 -43.02
CA ALA B 61 -17.86 25.01 -44.08
C ALA B 61 -18.38 26.44 -44.23
N GLY B 62 -17.57 27.43 -43.84
CA GLY B 62 -17.94 28.84 -43.89
C GLY B 62 -18.75 29.35 -42.72
N LYS B 73 -21.35 24.35 -23.13
CA LYS B 73 -22.31 23.57 -23.89
C LYS B 73 -22.16 22.07 -23.64
N LEU B 74 -20.94 21.64 -23.36
CA LEU B 74 -20.67 20.20 -23.35
C LEU B 74 -21.45 19.49 -22.25
N ASP B 75 -21.49 20.09 -21.06
CA ASP B 75 -22.29 19.50 -20.00
C ASP B 75 -23.77 19.73 -20.23
N VAL B 76 -24.14 20.83 -20.90
CA VAL B 76 -25.54 21.01 -21.29
C VAL B 76 -25.95 19.95 -22.30
N LEU B 77 -25.14 19.75 -23.34
CA LEU B 77 -25.44 18.71 -24.31
C LEU B 77 -25.44 17.34 -23.65
N SER B 78 -24.48 17.10 -22.76
CA SER B 78 -24.43 15.82 -22.06
C SER B 78 -25.70 15.56 -21.28
N ASN B 79 -26.18 16.56 -20.54
CA ASN B 79 -27.42 16.37 -19.80
C ASN B 79 -28.55 16.07 -20.76
N ASP B 80 -28.62 16.78 -21.89
CA ASP B 80 -29.70 16.54 -22.84
C ASP B 80 -29.68 15.12 -23.40
N LEU B 81 -28.50 14.59 -23.73
CA LEU B 81 -28.41 13.24 -24.27
C LEU B 81 -28.93 12.21 -23.27
N VAL B 82 -28.48 12.31 -22.02
CA VAL B 82 -28.94 11.38 -21.00
C VAL B 82 -30.44 11.51 -20.79
N MET B 83 -30.91 12.75 -20.60
CA MET B 83 -32.33 12.98 -20.37
C MET B 83 -33.18 12.37 -21.48
N ASN B 84 -32.78 12.60 -22.74
CA ASN B 84 -33.60 12.17 -23.85
C ASN B 84 -33.58 10.66 -24.03
N MET B 85 -32.42 10.01 -23.84
CA MET B 85 -32.38 8.55 -23.99
C MET B 85 -33.13 7.89 -22.85
N LEU B 86 -33.01 8.47 -21.65
CA LEU B 86 -33.75 7.94 -20.51
C LEU B 86 -35.25 8.14 -20.68
N LYS B 87 -35.68 9.36 -21.04
CA LYS B 87 -37.12 9.60 -21.23
C LYS B 87 -37.70 8.65 -22.28
N SER B 88 -37.02 8.51 -23.42
CA SER B 88 -37.51 7.66 -24.51
C SER B 88 -37.24 6.17 -24.32
N SER B 89 -36.70 5.76 -23.15
CA SER B 89 -36.39 4.35 -22.91
C SER B 89 -37.60 3.54 -22.44
N PHE B 90 -38.65 4.22 -21.99
CA PHE B 90 -39.85 3.57 -21.44
C PHE B 90 -39.55 2.77 -20.17
N ALA B 91 -38.47 3.09 -19.47
CA ALA B 91 -38.06 2.39 -18.27
C ALA B 91 -37.94 3.30 -17.05
N THR B 92 -38.14 4.61 -17.20
CA THR B 92 -37.93 5.53 -16.10
C THR B 92 -39.18 6.35 -15.79
N CYS B 93 -39.21 6.92 -14.60
CA CYS B 93 -40.25 7.84 -14.20
C CYS B 93 -39.73 9.07 -13.50
N VAL B 94 -38.55 9.00 -12.87
CA VAL B 94 -37.94 10.10 -12.14
C VAL B 94 -36.47 10.16 -12.51
N LEU B 95 -35.98 11.37 -12.83
CA LEU B 95 -34.60 11.60 -13.19
C LEU B 95 -34.02 12.73 -12.33
N VAL B 96 -32.88 12.48 -11.71
CA VAL B 96 -32.17 13.50 -10.93
C VAL B 96 -30.81 13.76 -11.57
N SER B 97 -30.48 15.03 -11.78
CA SER B 97 -29.27 15.40 -12.50
C SER B 97 -28.50 16.49 -11.77
N GLU B 98 -27.16 16.43 -11.82
CA GLU B 98 -26.35 17.52 -11.30
C GLU B 98 -26.79 18.85 -11.92
N GLU B 99 -27.40 18.79 -13.11
CA GLU B 99 -27.69 19.94 -13.96
C GLU B 99 -29.10 20.49 -13.79
N ASP B 100 -29.96 19.87 -12.99
CA ASP B 100 -31.33 20.33 -12.87
C ASP B 100 -31.68 20.53 -11.41
N LYS B 101 -32.20 21.69 -11.05
CA LYS B 101 -32.48 21.94 -9.63
C LYS B 101 -33.51 20.97 -9.09
N HIS B 102 -34.51 20.64 -9.90
CA HIS B 102 -35.56 19.74 -9.48
C HIS B 102 -35.51 18.47 -10.30
N ALA B 103 -36.04 17.41 -9.71
CA ALA B 103 -36.18 16.16 -10.43
C ALA B 103 -37.08 16.32 -11.65
N ILE B 104 -36.76 15.59 -12.72
CA ILE B 104 -37.60 15.57 -13.91
C ILE B 104 -38.58 14.40 -13.78
N ILE B 105 -39.85 14.66 -14.03
CA ILE B 105 -40.86 13.61 -13.97
C ILE B 105 -41.18 13.20 -15.41
N VAL B 106 -40.92 11.94 -15.73
CA VAL B 106 -41.16 11.47 -17.10
C VAL B 106 -42.64 11.60 -17.41
N GLU B 107 -42.96 11.96 -18.65
CA GLU B 107 -44.37 12.07 -19.04
C GLU B 107 -45.02 10.69 -18.95
N PRO B 108 -46.32 10.63 -18.63
CA PRO B 108 -46.94 9.33 -18.29
C PRO B 108 -46.78 8.26 -19.35
N GLU B 109 -46.93 8.60 -20.63
CA GLU B 109 -46.83 7.59 -21.67
C GLU B 109 -45.43 6.99 -21.78
N LYS B 110 -44.40 7.66 -21.25
CA LYS B 110 -43.05 7.11 -21.29
C LYS B 110 -42.66 6.47 -19.95
N ARG B 111 -43.57 6.39 -19.00
CA ARG B 111 -43.20 6.01 -17.64
C ARG B 111 -42.83 4.54 -17.50
N GLY B 112 -41.71 4.31 -16.82
CA GLY B 112 -41.34 2.99 -16.38
C GLY B 112 -41.17 3.02 -14.88
N LYS B 113 -40.50 2.02 -14.31
CA LYS B 113 -40.49 1.83 -12.87
C LYS B 113 -39.17 2.22 -12.24
N TYR B 114 -38.26 2.82 -12.98
CA TYR B 114 -36.93 3.06 -12.46
C TYR B 114 -36.66 4.55 -12.24
N VAL B 115 -35.87 4.79 -11.20
CA VAL B 115 -35.38 6.12 -10.83
C VAL B 115 -33.90 6.17 -11.16
N VAL B 116 -33.47 7.20 -11.88
CA VAL B 116 -32.08 7.32 -12.27
C VAL B 116 -31.57 8.64 -11.74
N CYS B 117 -30.48 8.58 -10.98
CA CYS B 117 -29.72 9.75 -10.56
C CYS B 117 -28.38 9.72 -11.29
N PHE B 118 -28.03 10.83 -11.92
CA PHE B 118 -26.81 10.85 -12.69
C PHE B 118 -26.20 12.23 -12.69
N ASP B 119 -24.88 12.25 -12.87
CA ASP B 119 -24.07 13.40 -13.21
C ASP B 119 -23.62 13.22 -14.66
N PRO B 120 -24.17 13.95 -15.64
CA PRO B 120 -23.87 13.59 -17.04
C PRO B 120 -22.45 13.89 -17.47
N LEU B 121 -21.77 14.85 -16.83
CA LEU B 121 -20.38 15.14 -17.16
C LEU B 121 -19.66 15.75 -15.95
N ASP B 122 -19.31 14.94 -14.96
CA ASP B 122 -18.62 15.45 -13.80
C ASP B 122 -17.16 15.68 -14.13
N GLY B 123 -16.56 16.66 -13.46
CA GLY B 123 -15.25 17.15 -13.80
C GLY B 123 -15.25 18.20 -14.90
N SER B 124 -16.43 18.54 -15.42
CA SER B 124 -16.54 19.38 -16.61
C SER B 124 -16.07 20.81 -16.41
N SER B 125 -15.99 21.31 -15.17
CA SER B 125 -15.53 22.69 -14.99
C SER B 125 -14.08 22.88 -15.41
N ASN B 126 -13.27 21.81 -15.35
CA ASN B 126 -11.88 21.87 -15.74
C ASN B 126 -11.61 21.12 -17.04
N ILE B 127 -12.63 20.92 -17.87
CA ILE B 127 -12.40 20.26 -19.16
C ILE B 127 -11.63 21.15 -20.11
N ASP B 128 -11.40 22.42 -19.73
CA ASP B 128 -10.57 23.31 -20.54
C ASP B 128 -9.12 22.86 -20.61
N CYS B 129 -8.66 22.06 -19.66
CA CYS B 129 -7.32 21.50 -19.70
C CYS B 129 -7.29 20.07 -20.21
N LEU B 130 -8.42 19.58 -20.73
CA LEU B 130 -8.55 18.23 -21.28
C LEU B 130 -8.37 17.18 -20.19
N VAL B 131 -8.71 17.54 -18.96
CA VAL B 131 -8.72 16.57 -17.89
C VAL B 131 -9.76 15.51 -18.21
N SER B 132 -9.54 14.29 -17.67
CA SER B 132 -10.55 13.24 -17.73
C SER B 132 -11.88 13.72 -17.18
N VAL B 133 -12.95 13.29 -17.83
CA VAL B 133 -14.30 13.59 -17.39
C VAL B 133 -15.10 12.28 -17.37
N GLY B 134 -16.35 12.37 -16.92
CA GLY B 134 -17.10 11.15 -16.79
C GLY B 134 -18.57 11.38 -16.55
N THR B 135 -19.32 10.30 -16.73
CA THR B 135 -20.73 10.23 -16.41
C THR B 135 -20.90 9.29 -15.23
N ILE B 136 -21.66 9.71 -14.23
CA ILE B 136 -21.94 8.88 -13.06
C ILE B 136 -23.44 8.63 -13.00
N PHE B 137 -23.83 7.42 -12.61
CA PHE B 137 -25.25 7.13 -12.56
C PHE B 137 -25.53 6.07 -11.47
N GLY B 138 -26.72 6.16 -10.89
CA GLY B 138 -27.24 5.16 -9.99
C GLY B 138 -28.71 4.88 -10.31
N ILE B 139 -29.13 3.63 -10.27
CA ILE B 139 -30.49 3.24 -10.67
C ILE B 139 -31.20 2.63 -9.46
N TYR B 140 -32.33 3.22 -9.09
CA TYR B 140 -33.21 2.70 -8.05
C TYR B 140 -34.51 2.24 -8.68
N ARG B 141 -35.14 1.26 -8.04
CA ARG B 141 -36.52 0.95 -8.37
C ARG B 141 -37.45 1.90 -7.62
N LYS B 142 -38.50 2.32 -8.31
CA LYS B 142 -39.53 3.22 -7.78
C LYS B 142 -40.12 2.69 -6.48
N LYS B 143 -40.67 3.60 -5.68
CA LYS B 143 -41.23 3.22 -4.38
C LYS B 143 -42.73 2.92 -4.48
N SER B 144 -43.57 3.88 -4.13
CA SER B 144 -45.00 3.61 -4.16
C SER B 144 -45.52 3.63 -5.60
N THR B 145 -46.78 3.26 -5.75
CA THR B 145 -47.45 3.29 -7.03
C THR B 145 -48.33 4.52 -7.23
N ASP B 146 -48.32 5.46 -6.28
CA ASP B 146 -49.04 6.73 -6.44
C ASP B 146 -48.41 7.56 -7.56
N GLU B 147 -48.49 8.88 -7.43
CA GLU B 147 -47.75 9.76 -8.32
C GLU B 147 -46.25 9.53 -8.17
N PRO B 148 -45.50 9.38 -9.26
CA PRO B 148 -44.04 9.41 -9.14
C PRO B 148 -43.65 10.82 -8.73
N SER B 149 -42.68 10.94 -7.83
CA SER B 149 -42.29 12.27 -7.39
C SER B 149 -40.83 12.27 -6.96
N GLU B 150 -40.35 13.48 -6.65
CA GLU B 150 -38.98 13.67 -6.19
C GLU B 150 -38.65 12.78 -4.99
N LYS B 151 -39.65 12.45 -4.16
CA LYS B 151 -39.38 11.59 -3.01
C LYS B 151 -38.84 10.23 -3.44
N ASP B 152 -39.18 9.80 -4.66
CA ASP B 152 -38.73 8.50 -5.15
C ASP B 152 -37.23 8.42 -5.33
N ALA B 153 -36.52 9.55 -5.33
CA ALA B 153 -35.06 9.53 -5.41
C ALA B 153 -34.40 9.61 -4.03
N LEU B 154 -35.19 9.89 -2.98
CA LEU B 154 -34.68 10.05 -1.63
C LEU B 154 -34.59 8.69 -0.93
N GLN B 155 -33.83 7.80 -1.54
CA GLN B 155 -33.55 6.47 -1.01
C GLN B 155 -32.10 6.37 -0.57
N PRO B 156 -31.80 5.55 0.42
CA PRO B 156 -30.41 5.30 0.77
C PRO B 156 -29.69 4.58 -0.36
N GLY B 157 -28.37 4.75 -0.40
CA GLY B 157 -27.58 4.08 -1.41
C GLY B 157 -27.70 2.57 -1.38
N ARG B 158 -28.01 2.01 -0.20
CA ARG B 158 -28.24 0.57 -0.04
C ARG B 158 -29.28 0.03 -1.02
N ASN B 159 -30.22 0.87 -1.45
CA ASN B 159 -31.27 0.41 -2.35
C ASN B 159 -30.85 0.35 -3.81
N LEU B 160 -29.59 0.62 -4.14
CA LEU B 160 -29.22 0.65 -5.55
C LEU B 160 -29.43 -0.72 -6.18
N VAL B 161 -30.11 -0.72 -7.31
CA VAL B 161 -30.24 -1.91 -8.14
C VAL B 161 -29.02 -2.08 -9.02
N ALA B 162 -28.51 -0.98 -9.57
CA ALA B 162 -27.34 -0.96 -10.44
C ALA B 162 -26.76 0.45 -10.43
N ALA B 163 -25.46 0.55 -10.68
CA ALA B 163 -24.73 1.80 -10.62
C ALA B 163 -23.45 1.69 -11.41
N GLY B 164 -22.91 2.85 -11.79
CA GLY B 164 -21.60 2.86 -12.41
C GLY B 164 -21.28 4.19 -13.05
N TYR B 165 -20.24 4.15 -13.86
CA TYR B 165 -19.73 5.36 -14.47
C TYR B 165 -19.05 5.03 -15.79
N ALA B 166 -19.00 6.03 -16.66
CA ALA B 166 -18.18 6.03 -17.85
C ALA B 166 -17.03 7.01 -17.64
N LEU B 167 -15.82 6.59 -17.95
CA LEU B 167 -14.65 7.45 -17.86
C LEU B 167 -14.18 7.80 -19.27
N TYR B 168 -14.19 9.09 -19.60
CA TYR B 168 -13.63 9.61 -20.86
C TYR B 168 -12.20 10.06 -20.58
N GLY B 169 -11.29 9.08 -20.53
CA GLY B 169 -9.91 9.40 -20.25
C GLY B 169 -9.07 9.19 -21.50
N SER B 170 -7.85 8.66 -21.36
CA SER B 170 -7.10 8.34 -22.56
C SER B 170 -7.85 7.34 -23.45
N ALA B 171 -8.66 6.45 -22.85
CA ALA B 171 -9.65 5.68 -23.59
C ALA B 171 -10.98 5.82 -22.85
N THR B 172 -12.08 5.37 -23.47
CA THR B 172 -13.40 5.41 -22.82
C THR B 172 -13.78 4.06 -22.22
N MET B 173 -14.03 4.03 -20.92
CA MET B 173 -14.40 2.80 -20.24
C MET B 173 -15.71 2.98 -19.47
N LEU B 174 -16.57 1.96 -19.56
CA LEU B 174 -17.81 1.90 -18.80
C LEU B 174 -17.67 0.84 -17.71
N VAL B 175 -17.88 1.26 -16.46
CA VAL B 175 -17.84 0.36 -15.31
C VAL B 175 -19.26 0.18 -14.77
N LEU B 176 -19.76 -1.05 -14.77
CA LEU B 176 -21.12 -1.34 -14.34
C LEU B 176 -21.07 -2.25 -13.12
N ALA B 177 -21.78 -1.86 -12.07
CA ALA B 177 -21.87 -2.63 -10.83
C ALA B 177 -23.31 -3.08 -10.60
N MET B 178 -23.49 -4.38 -10.35
CA MET B 178 -24.78 -4.97 -9.99
C MET B 178 -24.56 -6.03 -8.91
N ASP B 179 -25.59 -6.84 -8.65
CA ASP B 179 -25.46 -7.91 -7.68
C ASP B 179 -24.44 -8.94 -8.10
N CYS B 180 -24.36 -9.22 -9.42
CA CYS B 180 -23.39 -10.17 -9.95
C CYS B 180 -21.95 -9.68 -9.85
N GLY B 181 -21.72 -8.42 -9.51
CA GLY B 181 -20.37 -7.90 -9.35
C GLY B 181 -20.08 -6.68 -10.20
N VAL B 182 -18.80 -6.34 -10.35
CA VAL B 182 -18.36 -5.19 -11.13
C VAL B 182 -17.70 -5.70 -12.41
N ASN B 183 -18.04 -5.09 -13.53
CA ASN B 183 -17.46 -5.45 -14.81
C ASN B 183 -17.09 -4.18 -15.57
N CYS B 184 -15.97 -4.24 -16.30
CA CYS B 184 -15.42 -3.09 -17.01
C CYS B 184 -15.45 -3.32 -18.51
N PHE B 185 -15.97 -2.35 -19.24
CA PHE B 185 -16.16 -2.44 -20.68
C PHE B 185 -15.40 -1.32 -21.35
N MET B 186 -14.59 -1.67 -22.34
CA MET B 186 -13.86 -0.69 -23.11
C MET B 186 -14.65 -0.36 -24.36
N LEU B 187 -14.90 0.93 -24.58
CA LEU B 187 -15.53 1.36 -25.81
C LEU B 187 -14.51 1.24 -26.95
N ASP B 188 -14.79 0.39 -27.94
CA ASP B 188 -14.00 0.36 -29.15
C ASP B 188 -14.54 1.42 -30.08
N PRO B 189 -13.85 2.56 -30.24
CA PRO B 189 -14.42 3.65 -31.04
C PRO B 189 -14.53 3.31 -32.51
N ALA B 190 -13.80 2.30 -32.98
CA ALA B 190 -13.89 1.91 -34.38
C ALA B 190 -15.24 1.31 -34.75
N ILE B 191 -15.96 0.71 -33.80
CA ILE B 191 -17.21 0.02 -34.10
C ILE B 191 -18.35 0.43 -33.20
N GLY B 192 -18.10 1.35 -32.27
CA GLY B 192 -19.13 1.82 -31.38
C GLY B 192 -19.72 0.72 -30.52
N GLU B 193 -18.85 -0.12 -29.94
CA GLU B 193 -19.28 -1.18 -29.06
C GLU B 193 -18.46 -1.15 -27.78
N PHE B 194 -19.09 -1.53 -26.66
CA PHE B 194 -18.40 -1.73 -25.40
C PHE B 194 -18.01 -3.20 -25.23
N ILE B 195 -16.71 -3.48 -25.21
CA ILE B 195 -16.19 -4.85 -25.10
C ILE B 195 -15.84 -5.14 -23.64
N LEU B 196 -16.33 -6.26 -23.14
CA LEU B 196 -16.04 -6.68 -21.78
C LEU B 196 -14.56 -7.03 -21.67
N VAL B 197 -13.83 -6.31 -20.81
CA VAL B 197 -12.41 -6.53 -20.63
C VAL B 197 -12.03 -6.85 -19.18
N ASP B 198 -12.92 -6.70 -18.22
CA ASP B 198 -12.63 -7.04 -16.83
C ASP B 198 -13.88 -7.63 -16.17
N LYS B 199 -13.85 -8.93 -15.91
CA LYS B 199 -14.97 -9.64 -15.33
C LYS B 199 -14.80 -9.72 -13.81
N ASP B 200 -15.88 -9.47 -13.07
CA ASP B 200 -15.97 -9.67 -11.62
C ASP B 200 -14.73 -9.16 -10.90
N VAL B 201 -14.48 -7.86 -11.09
CA VAL B 201 -13.24 -7.21 -10.62
C VAL B 201 -13.29 -6.96 -9.11
N LYS B 202 -12.12 -7.03 -8.48
CA LYS B 202 -12.00 -6.78 -7.06
C LYS B 202 -10.87 -5.80 -6.81
N ILE B 203 -11.06 -4.91 -5.86
CA ILE B 203 -10.04 -3.92 -5.51
C ILE B 203 -8.99 -4.59 -4.62
N LYS B 204 -7.74 -4.10 -4.70
CA LYS B 204 -6.69 -4.60 -3.83
C LYS B 204 -7.11 -4.40 -2.38
N LYS B 205 -6.67 -5.33 -1.53
CA LYS B 205 -6.97 -5.23 -0.10
C LYS B 205 -6.33 -3.99 0.48
N LYS B 206 -5.09 -3.69 0.05
CA LYS B 206 -4.38 -2.50 0.45
C LYS B 206 -3.62 -1.95 -0.74
N GLY B 207 -3.65 -0.63 -0.88
CA GLY B 207 -3.00 0.06 -1.97
C GLY B 207 -1.84 0.90 -1.49
N LYS B 208 -1.31 1.71 -2.40
CA LYS B 208 -0.13 2.50 -2.08
C LYS B 208 -0.29 3.97 -2.46
N ILE B 209 -1.50 4.42 -2.74
CA ILE B 209 -1.76 5.78 -3.18
C ILE B 209 -2.91 6.36 -2.38
N TYR B 210 -2.76 7.60 -1.93
CA TYR B 210 -3.84 8.37 -1.36
C TYR B 210 -4.14 9.55 -2.26
N SER B 211 -5.39 9.97 -2.26
CA SER B 211 -5.86 10.94 -3.23
C SER B 211 -6.77 11.93 -2.52
N LEU B 212 -6.34 13.16 -2.41
CA LEU B 212 -7.21 14.20 -1.92
C LEU B 212 -6.55 15.51 -2.27
N ASN B 213 -7.35 16.59 -2.29
CA ASN B 213 -6.83 17.94 -2.52
C ASN B 213 -6.20 18.40 -1.22
N GLU B 214 -4.86 18.36 -1.15
CA GLU B 214 -4.16 18.78 0.06
C GLU B 214 -4.11 20.30 0.23
N GLY B 215 -4.64 21.06 -0.73
CA GLY B 215 -4.70 22.50 -0.59
C GLY B 215 -5.64 22.96 0.51
N TYR B 216 -6.60 22.13 0.90
CA TYR B 216 -7.49 22.45 2.02
C TYR B 216 -6.90 22.08 3.38
N ALA B 217 -5.60 21.80 3.45
CA ALA B 217 -5.02 21.26 4.68
C ALA B 217 -5.30 22.17 5.87
N LYS B 218 -5.30 23.49 5.65
CA LYS B 218 -5.64 24.45 6.70
C LYS B 218 -6.98 24.14 7.34
N ASP B 219 -7.87 23.43 6.64
CA ASP B 219 -9.22 23.14 7.13
C ASP B 219 -9.42 21.69 7.55
N PHE B 220 -8.40 20.84 7.49
CA PHE B 220 -8.62 19.42 7.72
C PHE B 220 -9.05 19.12 9.15
N ASP B 221 -10.04 18.26 9.27
CA ASP B 221 -10.34 17.49 10.45
C ASP B 221 -9.01 16.93 10.97
N PRO B 222 -8.76 17.01 12.28
CA PRO B 222 -7.51 16.45 12.82
C PRO B 222 -7.26 15.00 12.42
N ALA B 223 -8.33 14.20 12.25
CA ALA B 223 -8.15 12.81 11.85
C ALA B 223 -7.59 12.73 10.44
N VAL B 224 -8.09 13.55 9.52
CA VAL B 224 -7.52 13.58 8.17
C VAL B 224 -6.04 14.00 8.24
N THR B 225 -5.75 15.03 9.04
CA THR B 225 -4.36 15.47 9.18
C THR B 225 -3.47 14.31 9.66
N GLU B 226 -3.91 13.60 10.69
CA GLU B 226 -3.10 12.50 11.20
C GLU B 226 -3.05 11.35 10.20
N TYR B 227 -4.16 11.06 9.52
CA TYR B 227 -4.12 9.97 8.55
C TYR B 227 -3.15 10.28 7.41
N ILE B 228 -3.16 11.52 6.90
CA ILE B 228 -2.28 11.85 5.80
C ILE B 228 -0.82 11.81 6.23
N GLN B 229 -0.52 12.34 7.42
CA GLN B 229 0.85 12.31 7.93
C GLN B 229 1.38 10.88 8.02
N ARG B 230 0.51 9.92 8.33
CA ARG B 230 0.92 8.51 8.38
C ARG B 230 1.26 7.95 7.01
N LYS B 231 0.66 8.48 5.95
CA LYS B 231 1.01 8.02 4.61
C LYS B 231 2.36 8.56 4.15
N LYS B 232 2.70 9.81 4.52
CA LYS B 232 3.96 10.45 4.14
C LYS B 232 5.13 10.02 5.05
N PHE B 233 4.88 9.80 6.32
CA PHE B 233 5.94 9.44 7.26
C PHE B 233 5.47 8.19 7.98
N PRO B 234 5.55 7.04 7.34
CA PRO B 234 4.95 5.81 7.91
C PRO B 234 5.57 5.46 9.26
N PRO B 235 4.74 5.15 10.26
CA PRO B 235 5.28 4.82 11.58
C PRO B 235 6.16 3.58 11.60
N ASP B 236 5.77 2.55 10.85
CA ASP B 236 6.54 1.32 10.80
C ASP B 236 7.70 1.38 9.82
N ASN B 237 8.12 2.59 9.43
CA ASN B 237 9.24 2.80 8.51
C ASN B 237 9.04 2.14 7.14
N SER B 238 7.80 1.79 6.78
CA SER B 238 7.53 1.33 5.43
C SER B 238 7.65 2.49 4.45
N ALA B 239 7.52 2.19 3.15
CA ALA B 239 7.64 3.24 2.15
C ALA B 239 6.41 4.15 2.18
N PRO B 240 6.60 5.47 2.10
CA PRO B 240 5.45 6.37 2.04
C PRO B 240 4.61 6.12 0.80
N TYR B 241 3.33 6.48 0.89
CA TYR B 241 2.43 6.34 -0.23
C TYR B 241 2.75 7.37 -1.29
N GLY B 242 2.42 7.04 -2.54
CA GLY B 242 2.37 8.04 -3.56
C GLY B 242 1.07 8.82 -3.47
N ALA B 243 1.12 10.08 -3.91
CA ALA B 243 -0.06 10.92 -4.01
C ALA B 243 -0.46 11.11 -5.46
N ARG B 244 -1.76 11.05 -5.72
CA ARG B 244 -2.34 11.38 -7.03
C ARG B 244 -3.64 12.10 -6.78
N TYR B 245 -3.88 13.17 -7.52
CA TYR B 245 -5.18 13.85 -7.40
C TYR B 245 -5.41 14.61 -8.71
N VAL B 246 -6.23 14.01 -9.58
CA VAL B 246 -6.57 14.59 -10.86
C VAL B 246 -7.56 15.74 -10.72
N GLY B 247 -8.37 15.76 -9.66
CA GLY B 247 -9.44 16.74 -9.57
C GLY B 247 -10.74 16.37 -10.29
N SER B 248 -10.82 15.18 -10.88
CA SER B 248 -12.05 14.67 -11.48
C SER B 248 -12.37 13.36 -10.77
N MET B 249 -13.49 13.34 -10.03
CA MET B 249 -13.79 12.22 -9.13
C MET B 249 -13.79 10.86 -9.85
N VAL B 250 -14.43 10.79 -11.03
CA VAL B 250 -14.48 9.53 -11.76
C VAL B 250 -13.07 9.05 -12.06
N ALA B 251 -12.17 9.98 -12.39
CA ALA B 251 -10.79 9.61 -12.69
C ALA B 251 -10.03 9.14 -11.45
N ASP B 252 -10.15 9.89 -10.35
CA ASP B 252 -9.46 9.48 -9.13
C ASP B 252 -10.08 8.19 -8.59
N VAL B 253 -11.40 8.06 -8.65
CA VAL B 253 -12.06 6.85 -8.14
C VAL B 253 -11.69 5.62 -9.00
N HIS B 254 -11.65 5.78 -10.32
CA HIS B 254 -11.29 4.63 -11.15
C HIS B 254 -9.87 4.16 -10.84
N ARG B 255 -8.94 5.12 -10.68
CA ARG B 255 -7.59 4.75 -10.31
C ARG B 255 -7.55 3.97 -8.99
N THR B 256 -8.38 4.36 -8.00
CA THR B 256 -8.41 3.62 -6.75
C THR B 256 -8.92 2.19 -6.97
N LEU B 257 -9.93 2.04 -7.82
CA LEU B 257 -10.43 0.73 -8.17
C LEU B 257 -9.37 -0.09 -8.88
N VAL B 258 -8.68 0.51 -9.86
CA VAL B 258 -7.76 -0.24 -10.70
C VAL B 258 -6.48 -0.60 -9.96
N TYR B 259 -5.92 0.36 -9.22
CA TYR B 259 -4.62 0.20 -8.58
C TYR B 259 -4.67 0.06 -7.07
N GLY B 260 -5.83 0.25 -6.43
CA GLY B 260 -5.89 0.25 -4.99
C GLY B 260 -5.44 1.59 -4.42
N GLY B 261 -5.60 1.72 -3.12
CA GLY B 261 -5.30 2.96 -2.43
C GLY B 261 -6.56 3.58 -1.85
N ILE B 262 -6.50 4.88 -1.60
CA ILE B 262 -7.59 5.54 -0.89
C ILE B 262 -7.86 6.92 -1.49
N PHE B 263 -9.14 7.24 -1.62
CA PHE B 263 -9.60 8.52 -2.12
C PHE B 263 -10.40 9.21 -1.02
N LEU B 264 -10.10 10.47 -0.74
CA LEU B 264 -10.75 11.21 0.32
C LEU B 264 -11.23 12.55 -0.19
N TYR B 265 -12.51 12.86 0.05
CA TYR B 265 -13.01 14.23 0.01
C TYR B 265 -13.71 14.43 1.34
N PRO B 266 -12.97 14.80 2.38
CA PRO B 266 -13.50 14.76 3.74
C PRO B 266 -14.24 16.04 4.11
N ALA B 267 -14.91 15.97 5.25
CA ALA B 267 -15.54 17.16 5.80
C ALA B 267 -14.43 17.99 6.43
N ASN B 268 -14.51 19.30 6.25
CA ASN B 268 -13.52 20.17 6.84
C ASN B 268 -14.20 21.18 7.77
N LYS B 269 -13.44 22.19 8.15
CA LYS B 269 -13.97 23.20 9.05
C LYS B 269 -14.98 24.09 8.34
N LYS B 270 -14.84 24.24 7.03
CA LYS B 270 -15.71 25.04 6.18
C LYS B 270 -16.93 24.29 5.60
N SER B 271 -16.85 22.97 5.41
CA SER B 271 -17.89 22.21 4.71
C SER B 271 -18.23 20.97 5.54
N PRO B 272 -19.14 21.09 6.52
CA PRO B 272 -19.34 19.99 7.48
C PRO B 272 -19.93 18.72 6.87
N ASN B 273 -20.57 18.82 5.70
CA ASN B 273 -21.05 17.66 4.97
C ASN B 273 -20.33 17.44 3.65
N GLY B 274 -19.14 17.98 3.49
CA GLY B 274 -18.38 17.74 2.27
C GLY B 274 -18.85 18.56 1.08
N LYS B 275 -18.27 18.23 -0.07
CA LYS B 275 -18.57 18.91 -1.33
C LYS B 275 -19.27 18.02 -2.34
N LEU B 276 -18.92 16.74 -2.41
CA LEU B 276 -19.52 15.88 -3.41
C LEU B 276 -20.97 15.57 -3.06
N ARG B 277 -21.77 15.38 -4.11
CA ARG B 277 -23.21 15.19 -3.99
C ARG B 277 -23.54 13.72 -3.72
N LEU B 278 -24.41 13.48 -2.75
CA LEU B 278 -24.64 12.12 -2.30
C LEU B 278 -25.36 11.27 -3.35
N LEU B 279 -26.40 11.81 -3.96
CA LEU B 279 -27.28 10.97 -4.79
C LEU B 279 -26.57 10.46 -6.04
N TYR B 280 -25.90 11.35 -6.79
CA TYR B 280 -25.36 11.03 -8.11
C TYR B 280 -23.84 11.14 -8.18
N GLU B 281 -23.15 11.28 -7.04
CA GLU B 281 -21.70 11.13 -7.06
C GLU B 281 -21.25 10.08 -6.04
N CYS B 282 -21.60 10.30 -4.76
CA CYS B 282 -21.09 9.44 -3.69
C CYS B 282 -21.70 8.03 -3.75
N ASN B 283 -23.04 7.94 -3.82
CA ASN B 283 -23.67 6.61 -3.75
C ASN B 283 -23.21 5.66 -4.83
N PRO B 284 -23.29 5.99 -6.13
CA PRO B 284 -22.85 5.01 -7.13
C PRO B 284 -21.38 4.61 -6.99
N MET B 285 -20.50 5.51 -6.54
CA MET B 285 -19.10 5.12 -6.32
C MET B 285 -18.96 4.21 -5.10
N ALA B 286 -19.69 4.51 -4.01
CA ALA B 286 -19.71 3.59 -2.85
C ALA B 286 -20.25 2.22 -3.24
N TYR B 287 -21.27 2.22 -4.10
CA TYR B 287 -21.84 0.95 -4.54
C TYR B 287 -20.84 0.18 -5.39
N VAL B 288 -20.20 0.87 -6.35
CA VAL B 288 -19.14 0.20 -7.11
C VAL B 288 -18.03 -0.28 -6.17
N MET B 289 -17.63 0.59 -5.24
CA MET B 289 -16.58 0.22 -4.29
C MET B 289 -16.97 -1.00 -3.46
N GLU B 290 -18.20 -1.04 -2.95
CA GLU B 290 -18.56 -2.18 -2.11
C GLU B 290 -18.63 -3.46 -2.94
N LYS B 291 -19.29 -3.42 -4.11
CA LYS B 291 -19.34 -4.59 -4.98
C LYS B 291 -17.97 -4.99 -5.50
N ALA B 292 -16.99 -4.09 -5.44
CA ALA B 292 -15.64 -4.43 -5.85
C ALA B 292 -14.77 -4.86 -4.69
N GLY B 293 -15.38 -5.01 -3.51
CA GLY B 293 -14.68 -5.43 -2.32
C GLY B 293 -14.07 -4.32 -1.50
N GLY B 294 -14.34 -3.07 -1.85
CA GLY B 294 -13.82 -1.93 -1.11
C GLY B 294 -14.85 -1.37 -0.14
N MET B 295 -14.51 -0.22 0.41
CA MET B 295 -15.30 0.37 1.48
C MET B 295 -15.60 1.83 1.16
N ALA B 296 -16.60 2.38 1.86
CA ALA B 296 -17.01 3.75 1.59
C ALA B 296 -17.71 4.32 2.80
N THR B 297 -17.07 5.31 3.42
CA THR B 297 -17.54 5.92 4.65
C THR B 297 -17.58 7.44 4.50
N THR B 298 -18.45 8.06 5.30
CA THR B 298 -18.44 9.50 5.55
C THR B 298 -17.59 9.86 6.75
N GLY B 299 -17.01 8.86 7.40
CA GLY B 299 -16.38 9.06 8.70
C GLY B 299 -17.24 8.47 9.80
N LYS B 300 -18.52 8.82 9.84
CA LYS B 300 -19.41 8.31 10.88
C LYS B 300 -20.30 7.15 10.42
N GLU B 301 -20.47 6.95 9.12
CA GLU B 301 -21.38 5.89 8.68
C GLU B 301 -21.01 5.49 7.26
N ALA B 302 -21.50 4.31 6.86
CA ALA B 302 -21.31 3.88 5.48
C ALA B 302 -22.10 4.78 4.56
N VAL B 303 -21.50 5.16 3.43
CA VAL B 303 -22.17 6.05 2.49
C VAL B 303 -23.52 5.50 2.09
N LEU B 304 -23.56 4.19 1.82
CA LEU B 304 -24.80 3.55 1.37
C LEU B 304 -25.88 3.54 2.45
N ASP B 305 -25.52 3.81 3.70
CA ASP B 305 -26.48 3.84 4.79
C ASP B 305 -27.06 5.23 5.05
N VAL B 306 -26.51 6.28 4.45
CA VAL B 306 -27.05 7.64 4.60
C VAL B 306 -28.40 7.72 3.91
N ILE B 307 -29.39 8.28 4.60
CA ILE B 307 -30.72 8.47 4.04
C ILE B 307 -30.84 9.93 3.59
N PRO B 308 -30.89 10.21 2.29
CA PRO B 308 -30.89 11.60 1.83
C PRO B 308 -32.21 12.29 2.10
N THR B 309 -32.15 13.61 2.32
CA THR B 309 -33.36 14.39 2.45
C THR B 309 -33.58 15.39 1.32
N ASP B 310 -32.53 15.77 0.60
CA ASP B 310 -32.63 16.66 -0.54
C ASP B 310 -31.79 16.08 -1.67
N ILE B 311 -32.30 16.14 -2.90
CA ILE B 311 -31.67 15.45 -4.02
C ILE B 311 -30.27 15.97 -4.32
N HIS B 312 -29.92 17.18 -3.87
CA HIS B 312 -28.58 17.70 -4.12
C HIS B 312 -27.77 17.79 -2.84
N GLN B 313 -28.19 17.13 -1.78
CA GLN B 313 -27.45 17.24 -0.55
C GLN B 313 -26.09 16.58 -0.71
N ARG B 314 -25.12 17.08 0.06
CA ARG B 314 -23.75 16.61 -0.06
C ARG B 314 -23.40 15.62 1.04
N ALA B 315 -22.29 14.92 0.83
CA ALA B 315 -21.80 13.98 1.84
C ALA B 315 -20.28 13.96 1.75
N PRO B 316 -19.59 13.88 2.88
CA PRO B 316 -18.16 13.56 2.84
C PRO B 316 -17.94 12.10 2.52
N VAL B 317 -16.81 11.79 1.89
CA VAL B 317 -16.60 10.42 1.43
C VAL B 317 -15.12 10.04 1.54
N ILE B 318 -14.87 8.85 2.09
CA ILE B 318 -13.56 8.19 2.08
C ILE B 318 -13.77 6.79 1.55
N LEU B 319 -13.13 6.46 0.42
CA LEU B 319 -13.42 5.17 -0.20
C LEU B 319 -12.17 4.55 -0.78
N GLY B 320 -12.22 3.22 -0.95
CA GLY B 320 -11.13 2.51 -1.56
C GLY B 320 -10.80 1.14 -0.98
N SER B 321 -9.51 0.79 -1.04
CA SER B 321 -9.05 -0.50 -0.52
C SER B 321 -9.43 -0.62 0.96
N PRO B 322 -9.93 -1.79 1.38
CA PRO B 322 -10.48 -1.92 2.76
C PRO B 322 -9.48 -1.68 3.86
N ASP B 323 -8.29 -2.28 3.75
CA ASP B 323 -7.26 -2.06 4.76
C ASP B 323 -6.95 -0.58 4.90
N ASP B 324 -6.96 0.15 3.78
CA ASP B 324 -6.70 1.58 3.89
C ASP B 324 -7.87 2.30 4.54
N VAL B 325 -9.10 2.00 4.12
CA VAL B 325 -10.25 2.68 4.70
C VAL B 325 -10.39 2.34 6.18
N LEU B 326 -10.14 1.08 6.54
CA LEU B 326 -10.17 0.73 7.95
C LEU B 326 -9.11 1.51 8.72
N GLU B 327 -7.93 1.62 8.13
CA GLU B 327 -6.89 2.41 8.76
C GLU B 327 -7.35 3.85 9.00
N PHE B 328 -8.04 4.45 8.01
CA PHE B 328 -8.58 5.79 8.22
C PHE B 328 -9.61 5.78 9.34
N LEU B 329 -10.52 4.82 9.33
CA LEU B 329 -11.57 4.78 10.35
C LEU B 329 -10.95 4.62 11.74
N LYS B 330 -9.85 3.89 11.84
CA LYS B 330 -9.20 3.71 13.14
C LYS B 330 -8.67 5.03 13.69
N VAL B 331 -8.04 5.85 12.84
CA VAL B 331 -7.59 7.18 13.27
C VAL B 331 -8.77 8.06 13.63
N TYR B 332 -9.84 8.00 12.84
CA TYR B 332 -11.02 8.82 13.09
C TYR B 332 -11.65 8.45 14.42
N GLU B 333 -11.73 7.15 14.73
CA GLU B 333 -12.31 6.71 15.99
C GLU B 333 -11.46 7.16 17.17
N LYS B 334 -10.13 7.22 16.98
CA LYS B 334 -9.25 7.72 18.04
C LYS B 334 -9.58 9.15 18.41
N HIS B 335 -10.04 9.97 17.47
CA HIS B 335 -10.37 11.35 17.72
C HIS B 335 -11.83 11.55 18.12
N SER B 336 -12.42 10.55 18.77
CA SER B 336 -13.85 10.48 19.15
C SER B 336 -14.78 11.33 18.30
N ASP C 10 8.55 1.99 -48.20
CA ASP C 10 8.26 3.09 -47.28
C ASP C 10 6.90 3.73 -47.48
N VAL C 11 6.13 3.78 -46.40
CA VAL C 11 4.77 4.30 -46.49
C VAL C 11 4.79 5.77 -46.91
N ASN C 12 3.73 6.16 -47.63
CA ASN C 12 3.56 7.50 -48.16
C ASN C 12 2.12 7.97 -47.96
N THR C 13 1.95 9.21 -47.53
CA THR C 13 0.65 9.87 -47.48
C THR C 13 0.50 10.83 -48.65
N LEU C 14 -0.73 11.32 -48.82
CA LEU C 14 -0.97 12.30 -49.87
C LEU C 14 -0.17 13.59 -49.65
N THR C 15 -0.26 14.15 -48.45
CA THR C 15 0.42 15.41 -48.16
C THR C 15 1.93 15.25 -48.27
N ARG C 16 2.47 14.17 -47.72
CA ARG C 16 3.87 13.82 -47.91
C ARG C 16 4.21 13.70 -49.39
N PHE C 17 3.38 12.97 -50.14
CA PHE C 17 3.68 12.75 -51.55
C PHE C 17 3.73 14.06 -52.32
N VAL C 18 2.76 14.95 -52.07
CA VAL C 18 2.67 16.22 -52.79
C VAL C 18 3.82 17.13 -52.42
N MET C 19 4.14 17.20 -51.13
CA MET C 19 5.28 18.01 -50.67
C MET C 19 6.57 17.58 -51.36
N GLU C 20 6.80 16.27 -51.45
CA GLU C 20 8.05 15.81 -52.06
C GLU C 20 8.13 16.19 -53.53
N GLU C 21 7.01 16.06 -54.26
CA GLU C 21 7.00 16.50 -55.65
C GLU C 21 7.21 18.00 -55.76
N GLY C 22 6.58 18.78 -54.87
CA GLY C 22 6.72 20.22 -54.95
C GLY C 22 8.16 20.69 -54.77
N ARG C 23 8.91 20.06 -53.88
CA ARG C 23 10.31 20.43 -53.68
C ARG C 23 11.18 19.94 -54.83
N LYS C 24 10.89 18.76 -55.37
CA LYS C 24 11.57 18.33 -56.59
C LYS C 24 11.36 19.36 -57.70
N ALA C 25 10.12 19.84 -57.83
CA ALA C 25 9.79 20.82 -58.87
C ALA C 25 10.24 22.23 -58.53
N ARG C 26 10.78 22.45 -57.32
CA ARG C 26 11.26 23.77 -56.91
C ARG C 26 10.19 24.86 -57.01
N GLY C 27 8.92 24.49 -56.76
CA GLY C 27 7.81 25.43 -56.86
C GLY C 27 7.57 26.20 -55.57
N THR C 28 6.62 27.14 -55.64
CA THR C 28 6.36 28.03 -54.51
C THR C 28 5.54 27.42 -53.38
N GLY C 29 4.79 26.35 -53.64
CA GLY C 29 3.92 25.77 -52.64
C GLY C 29 2.44 26.05 -52.80
N GLU C 30 2.02 26.93 -53.71
CA GLU C 30 0.60 27.26 -53.84
C GLU C 30 -0.23 26.02 -54.19
N LEU C 31 0.27 25.20 -55.11
CA LEU C 31 -0.49 24.03 -55.54
C LEU C 31 -0.54 23.01 -54.42
N THR C 32 0.54 22.91 -53.64
CA THR C 32 0.51 22.08 -52.45
C THR C 32 -0.53 22.59 -51.47
N GLN C 33 -0.59 23.91 -51.27
CA GLN C 33 -1.60 24.42 -50.35
C GLN C 33 -3.00 24.18 -50.89
N LEU C 34 -3.22 24.41 -52.19
CA LEU C 34 -4.53 24.12 -52.77
C LEU C 34 -4.89 22.65 -52.58
N LEU C 35 -3.97 21.75 -52.93
CA LEU C 35 -4.26 20.32 -52.86
C LEU C 35 -4.49 19.90 -51.42
N ASN C 36 -3.68 20.43 -50.49
CA ASN C 36 -3.86 20.11 -49.09
C ASN C 36 -5.23 20.55 -48.59
N SER C 37 -5.63 21.78 -48.94
CA SER C 37 -6.96 22.24 -48.56
C SER C 37 -8.04 21.34 -49.16
N LEU C 38 -7.87 20.98 -50.42
CA LEU C 38 -8.88 20.16 -51.08
C LEU C 38 -9.02 18.82 -50.36
N CYS C 39 -7.90 18.23 -49.97
CA CYS C 39 -7.88 16.97 -49.23
C CYS C 39 -8.65 17.08 -47.92
N THR C 40 -8.49 18.17 -47.19
CA THR C 40 -9.27 18.38 -45.99
C THR C 40 -10.77 18.42 -46.28
N ALA C 41 -11.16 19.10 -47.37
CA ALA C 41 -12.57 19.12 -47.75
C ALA C 41 -13.12 17.72 -48.00
N VAL C 42 -12.29 16.85 -48.58
CA VAL C 42 -12.75 15.52 -48.94
C VAL C 42 -13.01 14.68 -47.70
N LYS C 43 -12.19 14.85 -46.67
CA LYS C 43 -12.41 14.11 -45.44
C LYS C 43 -13.69 14.56 -44.76
N ALA C 44 -13.99 15.85 -44.82
CA ALA C 44 -15.25 16.32 -44.28
C ALA C 44 -16.43 15.83 -45.11
N ILE C 45 -16.31 15.87 -46.44
CA ILE C 45 -17.39 15.37 -47.29
C ILE C 45 -17.62 13.88 -47.03
N SER C 46 -16.54 13.11 -47.03
CA SER C 46 -16.62 11.67 -46.76
C SER C 46 -17.31 11.41 -45.40
N SER C 47 -16.88 12.14 -44.38
CA SER C 47 -17.50 11.99 -43.06
C SER C 47 -19.00 12.23 -43.15
N ALA C 48 -19.39 13.28 -43.88
CA ALA C 48 -20.79 13.62 -44.06
C ALA C 48 -21.53 12.58 -44.90
N VAL C 49 -20.88 12.03 -45.93
CA VAL C 49 -21.57 11.08 -46.79
C VAL C 49 -21.85 9.80 -46.04
N ARG C 50 -20.92 9.38 -45.18
CA ARG C 50 -21.11 8.17 -44.38
C ARG C 50 -22.01 8.39 -43.17
N LYS C 51 -22.59 9.59 -43.02
CA LYS C 51 -23.66 9.90 -42.08
C LYS C 51 -23.18 9.99 -40.64
N ALA C 52 -21.94 10.38 -40.43
CA ALA C 52 -21.47 10.60 -39.07
C ALA C 52 -22.32 11.70 -38.43
N GLY C 53 -22.85 11.44 -37.25
CA GLY C 53 -23.66 12.42 -36.58
C GLY C 53 -25.12 12.46 -37.00
N ILE C 54 -25.58 11.49 -37.79
CA ILE C 54 -26.95 11.49 -38.27
C ILE C 54 -27.91 11.29 -37.11
N ALA C 55 -27.45 10.64 -36.04
CA ALA C 55 -28.30 10.43 -34.88
C ALA C 55 -28.73 11.75 -34.26
N HIS C 56 -27.90 12.80 -34.37
CA HIS C 56 -28.30 14.08 -33.81
C HIS C 56 -29.44 14.70 -34.62
N LEU C 57 -29.37 14.57 -35.95
CA LEU C 57 -30.46 15.04 -36.79
C LEU C 57 -31.76 14.32 -36.48
N TYR C 58 -31.71 13.08 -35.94
CA TYR C 58 -32.93 12.32 -35.66
C TYR C 58 -33.31 12.36 -34.18
N GLY C 59 -32.76 13.32 -33.43
CA GLY C 59 -33.27 13.65 -32.13
C GLY C 59 -32.73 12.88 -30.95
N ILE C 60 -31.49 12.39 -31.02
CA ILE C 60 -30.89 11.67 -29.91
C ILE C 60 -30.72 12.58 -28.71
N ALA C 61 -30.64 13.90 -28.92
CA ALA C 61 -30.55 14.87 -27.84
C ALA C 61 -31.82 15.70 -27.69
N GLY C 62 -32.96 15.15 -28.14
CA GLY C 62 -34.26 15.81 -28.07
C GLY C 62 -34.65 16.82 -29.15
N LYS C 73 -28.81 19.88 -46.47
CA LYS C 73 -28.69 19.04 -47.67
C LYS C 73 -27.21 18.75 -48.05
N LEU C 74 -26.97 17.48 -48.40
CA LEU C 74 -25.61 16.95 -48.52
C LEU C 74 -24.82 17.55 -49.67
N ASP C 75 -25.45 17.78 -50.82
CA ASP C 75 -24.65 18.36 -51.91
C ASP C 75 -24.37 19.83 -51.67
N VAL C 76 -25.25 20.51 -50.93
CA VAL C 76 -25.00 21.90 -50.55
C VAL C 76 -23.82 21.98 -49.58
N LEU C 77 -23.82 21.12 -48.56
CA LEU C 77 -22.74 21.14 -47.58
C LEU C 77 -21.39 20.83 -48.22
N SER C 78 -21.35 19.87 -49.16
CA SER C 78 -20.10 19.54 -49.83
C SER C 78 -19.56 20.75 -50.59
N ASN C 79 -20.44 21.43 -51.32
CA ASN C 79 -20.04 22.64 -52.03
C ASN C 79 -19.49 23.68 -51.08
N ASP C 80 -20.13 23.86 -49.92
CA ASP C 80 -19.66 24.83 -48.95
C ASP C 80 -18.29 24.45 -48.39
N LEU C 81 -18.08 23.16 -48.12
CA LEU C 81 -16.79 22.72 -47.60
C LEU C 81 -15.68 22.98 -48.61
N VAL C 82 -15.89 22.61 -49.87
CA VAL C 82 -14.87 22.84 -50.91
C VAL C 82 -14.65 24.33 -51.14
N MET C 83 -15.73 25.11 -51.31
CA MET C 83 -15.58 26.55 -51.56
C MET C 83 -14.74 27.17 -50.47
N ASN C 84 -15.13 26.92 -49.22
CA ASN C 84 -14.46 27.60 -48.13
C ASN C 84 -13.03 27.12 -47.97
N MET C 85 -12.77 25.82 -48.19
CA MET C 85 -11.39 25.38 -48.05
C MET C 85 -10.52 25.91 -49.19
N LEU C 86 -11.07 26.00 -50.40
CA LEU C 86 -10.29 26.59 -51.49
C LEU C 86 -10.08 28.08 -51.29
N LYS C 87 -11.15 28.83 -50.98
CA LYS C 87 -11.03 30.28 -50.81
C LYS C 87 -9.99 30.64 -49.78
N SER C 88 -9.99 29.96 -48.65
CA SER C 88 -9.04 30.25 -47.60
C SER C 88 -7.66 29.67 -47.87
N SER C 89 -7.46 29.03 -49.03
CA SER C 89 -6.12 28.49 -49.28
C SER C 89 -5.17 29.54 -49.80
N PHE C 90 -5.67 30.71 -50.17
CA PHE C 90 -4.90 31.79 -50.80
C PHE C 90 -4.28 31.33 -52.11
N ALA C 91 -4.83 30.29 -52.71
CA ALA C 91 -4.24 29.71 -53.90
C ALA C 91 -5.16 29.74 -55.11
N THR C 92 -6.37 30.24 -54.97
CA THR C 92 -7.36 30.20 -56.03
C THR C 92 -7.82 31.61 -56.32
N CYS C 93 -8.40 31.82 -57.51
CA CYS C 93 -8.98 33.09 -57.89
C CYS C 93 -10.32 32.97 -58.60
N VAL C 94 -10.61 31.84 -59.24
CA VAL C 94 -11.90 31.59 -59.87
C VAL C 94 -12.34 30.16 -59.55
N LEU C 95 -13.59 30.00 -59.14
CA LEU C 95 -14.15 28.70 -58.77
C LEU C 95 -15.38 28.44 -59.62
N VAL C 96 -15.43 27.27 -60.26
CA VAL C 96 -16.60 26.81 -61.01
C VAL C 96 -17.09 25.52 -60.36
N SER C 97 -18.38 25.45 -60.06
CA SER C 97 -18.96 24.32 -59.36
C SER C 97 -20.25 23.89 -60.04
N GLU C 98 -20.51 22.59 -60.08
CA GLU C 98 -21.79 22.10 -60.63
C GLU C 98 -22.97 22.82 -59.98
N GLU C 99 -22.78 23.29 -58.74
CA GLU C 99 -23.85 23.81 -57.89
C GLU C 99 -24.07 25.30 -58.01
N ASP C 100 -23.26 26.05 -58.76
CA ASP C 100 -23.38 27.49 -58.82
C ASP C 100 -23.53 27.94 -60.26
N LYS C 101 -24.56 28.76 -60.52
CA LYS C 101 -24.84 29.14 -61.90
C LYS C 101 -23.69 29.95 -62.49
N HIS C 102 -23.05 30.77 -61.68
CA HIS C 102 -21.95 31.62 -62.13
C HIS C 102 -20.67 31.24 -61.43
N ALA C 103 -19.55 31.52 -62.10
CA ALA C 103 -18.27 31.38 -61.46
C ALA C 103 -18.21 32.29 -60.25
N ILE C 104 -17.52 31.82 -59.23
CA ILE C 104 -17.31 32.61 -58.02
C ILE C 104 -15.95 33.27 -58.14
N ILE C 105 -15.90 34.57 -57.87
CA ILE C 105 -14.64 35.30 -57.89
C ILE C 105 -14.15 35.46 -56.46
N VAL C 106 -12.98 34.86 -56.18
CA VAL C 106 -12.40 34.93 -54.85
C VAL C 106 -12.02 36.37 -54.56
N GLU C 107 -12.25 36.81 -53.32
CA GLU C 107 -11.95 38.18 -52.95
C GLU C 107 -10.45 38.47 -53.05
N PRO C 108 -10.08 39.73 -53.32
CA PRO C 108 -8.67 40.07 -53.64
C PRO C 108 -7.63 39.60 -52.65
N GLU C 109 -7.91 39.68 -51.34
CA GLU C 109 -6.93 39.28 -50.35
C GLU C 109 -6.67 37.77 -50.36
N LYS C 110 -7.62 36.98 -50.85
CA LYS C 110 -7.42 35.54 -50.86
C LYS C 110 -7.05 35.02 -52.24
N ARG C 111 -6.87 35.91 -53.21
CA ARG C 111 -6.66 35.50 -54.58
C ARG C 111 -5.28 34.87 -54.73
N GLY C 112 -5.22 33.73 -55.41
CA GLY C 112 -3.98 33.11 -55.82
C GLY C 112 -3.97 32.92 -57.33
N LYS C 113 -3.20 31.96 -57.85
CA LYS C 113 -3.00 31.85 -59.30
C LYS C 113 -3.75 30.69 -59.95
N TYR C 114 -4.57 29.94 -59.22
CA TYR C 114 -5.19 28.74 -59.78
C TYR C 114 -6.70 28.89 -59.95
N VAL C 115 -7.21 28.22 -60.99
CA VAL C 115 -8.63 28.10 -61.27
C VAL C 115 -9.06 26.66 -61.03
N VAL C 116 -10.13 26.46 -60.25
CA VAL C 116 -10.59 25.12 -59.86
C VAL C 116 -12.01 24.90 -60.36
N CYS C 117 -12.19 23.83 -61.14
CA CYS C 117 -13.50 23.39 -61.59
C CYS C 117 -13.79 22.11 -60.84
N PHE C 118 -14.98 22.04 -60.24
CA PHE C 118 -15.27 20.83 -59.48
C PHE C 118 -16.77 20.56 -59.44
N ASP C 119 -17.11 19.29 -59.28
CA ASP C 119 -18.43 18.82 -58.92
C ASP C 119 -18.35 18.39 -57.47
N PRO C 120 -18.96 19.10 -56.52
CA PRO C 120 -18.65 18.80 -55.12
C PRO C 120 -19.19 17.46 -54.68
N LEU C 121 -20.23 16.94 -55.33
CA LEU C 121 -20.75 15.62 -55.00
C LEU C 121 -21.50 15.04 -56.20
N ASP C 122 -20.80 14.48 -57.18
CA ASP C 122 -21.49 13.95 -58.32
C ASP C 122 -22.18 12.63 -57.98
N GLY C 123 -23.32 12.39 -58.63
CA GLY C 123 -24.20 11.26 -58.36
C GLY C 123 -25.15 11.45 -57.19
N SER C 124 -25.04 12.56 -56.46
CA SER C 124 -25.81 12.77 -55.24
C SER C 124 -27.30 12.83 -55.48
N SER C 125 -27.71 12.99 -56.74
CA SER C 125 -29.15 12.98 -57.03
C SER C 125 -29.78 11.62 -56.72
N ASN C 126 -28.98 10.53 -56.77
CA ASN C 126 -29.45 9.18 -56.52
C ASN C 126 -28.94 8.62 -55.20
N ILE C 127 -28.48 9.48 -54.28
CA ILE C 127 -27.91 9.02 -53.02
C ILE C 127 -28.96 8.49 -52.05
N ASP C 128 -30.25 8.66 -52.36
CA ASP C 128 -31.29 8.09 -51.50
C ASP C 128 -31.23 6.57 -51.47
N CYS C 129 -30.56 5.94 -52.44
CA CYS C 129 -30.36 4.50 -52.48
C CYS C 129 -28.93 4.10 -52.09
N LEU C 130 -28.11 5.04 -51.58
CA LEU C 130 -26.75 4.76 -51.11
C LEU C 130 -25.82 4.33 -52.23
N VAL C 131 -26.11 4.83 -53.45
CA VAL C 131 -25.21 4.65 -54.55
C VAL C 131 -23.88 5.30 -54.20
N SER C 132 -22.80 4.79 -54.78
CA SER C 132 -21.52 5.45 -54.66
C SER C 132 -21.63 6.89 -55.16
N VAL C 133 -20.94 7.78 -54.48
CA VAL C 133 -20.84 9.16 -54.91
C VAL C 133 -19.36 9.56 -54.87
N GLY C 134 -19.08 10.77 -55.35
CA GLY C 134 -17.70 11.22 -55.45
C GLY C 134 -17.61 12.71 -55.69
N THR C 135 -16.41 13.23 -55.49
CA THR C 135 -16.05 14.61 -55.78
C THR C 135 -15.11 14.60 -56.97
N ILE C 136 -15.35 15.48 -57.94
CA ILE C 136 -14.48 15.59 -59.11
C ILE C 136 -13.86 16.99 -59.16
N PHE C 137 -12.60 17.06 -59.57
CA PHE C 137 -11.93 18.35 -59.61
C PHE C 137 -10.90 18.42 -60.74
N GLY C 138 -10.78 19.63 -61.27
CA GLY C 138 -9.73 19.99 -62.19
C GLY C 138 -9.13 21.33 -61.84
N ILE C 139 -7.81 21.42 -61.89
CA ILE C 139 -7.07 22.59 -61.43
C ILE C 139 -6.32 23.18 -62.63
N TYR C 140 -6.63 24.42 -62.96
CA TYR C 140 -5.91 25.15 -64.00
C TYR C 140 -5.12 26.30 -63.40
N ARG C 141 -4.01 26.61 -64.05
CA ARG C 141 -3.35 27.89 -63.85
C ARG C 141 -4.16 28.97 -64.55
N LYS C 142 -4.24 30.15 -63.96
CA LYS C 142 -4.87 31.25 -64.68
C LYS C 142 -3.96 31.68 -65.83
N LYS C 143 -4.54 31.76 -67.03
CA LYS C 143 -3.80 31.95 -68.26
C LYS C 143 -3.67 33.42 -68.64
N SER C 144 -4.78 34.14 -68.71
CA SER C 144 -4.77 35.53 -69.07
C SER C 144 -4.31 36.39 -67.90
N THR C 145 -3.99 37.66 -68.20
CA THR C 145 -3.66 38.59 -67.14
C THR C 145 -4.80 39.56 -66.81
N ASP C 146 -5.96 39.44 -67.47
CA ASP C 146 -7.11 40.28 -67.14
C ASP C 146 -7.54 40.06 -65.69
N GLU C 147 -8.45 40.91 -65.24
CA GLU C 147 -9.06 40.69 -63.93
C GLU C 147 -9.73 39.32 -63.90
N PRO C 148 -9.68 38.60 -62.77
CA PRO C 148 -10.31 37.27 -62.74
C PRO C 148 -11.78 37.37 -63.09
N SER C 149 -12.22 36.43 -63.91
CA SER C 149 -13.59 36.40 -64.40
C SER C 149 -13.90 34.96 -64.80
N GLU C 150 -15.17 34.74 -65.18
CA GLU C 150 -15.62 33.43 -65.65
C GLU C 150 -14.79 32.93 -66.82
N LYS C 151 -14.25 33.86 -67.61
CA LYS C 151 -13.47 33.53 -68.80
C LYS C 151 -12.24 32.70 -68.48
N ASP C 152 -11.74 32.80 -67.23
CA ASP C 152 -10.55 32.07 -66.83
C ASP C 152 -10.74 30.55 -66.71
N ALA C 153 -11.98 30.07 -66.64
CA ALA C 153 -12.22 28.64 -66.57
C ALA C 153 -12.45 27.99 -67.93
N LEU C 154 -12.56 28.76 -69.00
CA LEU C 154 -12.86 28.21 -70.32
C LEU C 154 -11.58 27.77 -71.04
N GLN C 155 -10.90 26.99 -70.44
CA GLN C 155 -9.68 26.43 -71.03
C GLN C 155 -9.93 24.99 -71.46
N PRO C 156 -9.25 24.51 -72.49
CA PRO C 156 -9.33 23.08 -72.81
C PRO C 156 -8.66 22.22 -71.74
N GLY C 157 -9.11 20.96 -71.65
CA GLY C 157 -8.55 20.02 -70.69
C GLY C 157 -7.07 19.78 -70.87
N ARG C 158 -6.56 19.95 -72.10
CA ARG C 158 -5.13 19.84 -72.32
C ARG C 158 -4.34 20.72 -71.36
N ASN C 159 -4.94 21.83 -70.90
CA ASN C 159 -4.28 22.79 -70.02
C ASN C 159 -4.32 22.42 -68.54
N LEU C 160 -4.90 21.29 -68.17
CA LEU C 160 -5.03 20.95 -66.77
C LEU C 160 -3.65 20.77 -66.14
N VAL C 161 -3.46 21.36 -64.96
CA VAL C 161 -2.27 21.16 -64.14
C VAL C 161 -2.41 19.92 -63.26
N ALA C 162 -3.61 19.70 -62.72
CA ALA C 162 -3.85 18.54 -61.87
C ALA C 162 -5.34 18.21 -61.93
N ALA C 163 -5.66 16.93 -61.76
CA ALA C 163 -7.06 16.51 -61.84
C ALA C 163 -7.24 15.19 -61.10
N GLY C 164 -8.47 14.94 -60.66
CA GLY C 164 -8.75 13.65 -60.07
C GLY C 164 -10.08 13.62 -59.37
N TYR C 165 -10.25 12.59 -58.55
CA TYR C 165 -11.54 12.45 -57.90
C TYR C 165 -11.36 11.76 -56.57
N ALA C 166 -12.31 12.02 -55.70
CA ALA C 166 -12.51 11.25 -54.49
C ALA C 166 -13.76 10.43 -54.71
N LEU C 167 -13.67 9.11 -54.49
CA LEU C 167 -14.80 8.18 -54.62
C LEU C 167 -15.23 7.74 -53.23
N TYR C 168 -16.46 8.06 -52.85
CA TYR C 168 -17.05 7.63 -51.58
C TYR C 168 -17.83 6.34 -51.81
N GLY C 169 -17.09 5.24 -51.86
CA GLY C 169 -17.72 3.96 -52.13
C GLY C 169 -17.72 3.03 -50.93
N SER C 170 -17.39 1.76 -51.17
CA SER C 170 -17.17 0.86 -50.04
C SER C 170 -16.07 1.39 -49.13
N ALA C 171 -15.05 2.02 -49.72
CA ALA C 171 -14.10 2.84 -49.02
C ALA C 171 -13.99 4.14 -49.80
N THR C 172 -13.35 5.13 -49.19
CA THR C 172 -13.15 6.43 -49.81
C THR C 172 -11.74 6.47 -50.37
N MET C 173 -11.65 6.63 -51.68
CA MET C 173 -10.37 6.66 -52.37
C MET C 173 -10.22 7.98 -53.12
N LEU C 174 -9.01 8.51 -53.09
CA LEU C 174 -8.60 9.69 -53.84
C LEU C 174 -7.68 9.28 -54.99
N VAL C 175 -8.07 9.62 -56.20
CA VAL C 175 -7.25 9.41 -57.37
C VAL C 175 -6.72 10.79 -57.80
N LEU C 176 -5.40 10.96 -57.80
CA LEU C 176 -4.77 12.24 -58.15
C LEU C 176 -3.93 12.07 -59.41
N ALA C 177 -4.18 12.88 -60.43
CA ALA C 177 -3.43 12.84 -61.68
C ALA C 177 -2.71 14.15 -61.92
N MET C 178 -1.40 14.06 -62.18
CA MET C 178 -0.56 15.20 -62.53
C MET C 178 0.31 14.75 -63.70
N ASP C 179 1.30 15.57 -64.07
CA ASP C 179 2.17 15.15 -65.17
C ASP C 179 2.96 13.89 -64.83
N CYS C 180 3.34 13.71 -63.56
CA CYS C 180 4.08 12.53 -63.13
C CYS C 180 3.28 11.24 -63.24
N GLY C 181 1.99 11.30 -63.56
CA GLY C 181 1.19 10.10 -63.72
C GLY C 181 0.03 10.10 -62.75
N VAL C 182 -0.57 8.93 -62.60
CA VAL C 182 -1.74 8.77 -61.74
C VAL C 182 -1.35 8.06 -60.45
N ASN C 183 -1.84 8.57 -59.33
CA ASN C 183 -1.63 7.94 -58.03
C ASN C 183 -2.94 7.86 -57.23
N CYS C 184 -3.10 6.76 -56.49
CA CYS C 184 -4.33 6.46 -55.76
C CYS C 184 -4.06 6.44 -54.27
N PHE C 185 -4.87 7.14 -53.49
CA PHE C 185 -4.68 7.22 -52.06
C PHE C 185 -5.96 6.78 -51.37
N MET C 186 -5.83 5.87 -50.41
CA MET C 186 -6.95 5.35 -49.66
C MET C 186 -7.07 6.12 -48.35
N LEU C 187 -8.27 6.60 -48.06
CA LEU C 187 -8.51 7.27 -46.79
C LEU C 187 -8.52 6.26 -45.65
N ASP C 188 -7.60 6.40 -44.70
CA ASP C 188 -7.67 5.60 -43.49
C ASP C 188 -8.50 6.37 -42.49
N PRO C 189 -9.77 6.01 -42.30
CA PRO C 189 -10.64 6.83 -41.45
C PRO C 189 -10.28 6.74 -39.97
N ALA C 190 -9.52 5.73 -39.53
CA ALA C 190 -9.11 5.66 -38.13
C ALA C 190 -8.19 6.82 -37.74
N ILE C 191 -7.45 7.38 -38.70
CA ILE C 191 -6.52 8.47 -38.43
C ILE C 191 -6.72 9.66 -39.35
N GLY C 192 -7.67 9.60 -40.27
CA GLY C 192 -7.92 10.70 -41.18
C GLY C 192 -6.75 11.05 -42.06
N GLU C 193 -6.10 10.05 -42.65
CA GLU C 193 -4.96 10.23 -43.55
C GLU C 193 -5.19 9.52 -44.87
N PHE C 194 -4.73 10.13 -45.96
CA PHE C 194 -4.77 9.50 -47.27
C PHE C 194 -3.46 8.74 -47.45
N ILE C 195 -3.58 7.41 -47.61
CA ILE C 195 -2.45 6.50 -47.68
C ILE C 195 -2.20 6.14 -49.14
N LEU C 196 -0.97 6.33 -49.59
CA LEU C 196 -0.65 5.91 -50.95
C LEU C 196 -0.71 4.39 -51.07
N VAL C 197 -1.59 3.88 -51.93
CA VAL C 197 -1.71 2.45 -52.16
C VAL C 197 -1.51 2.02 -53.61
N ASP C 198 -1.49 2.94 -54.59
CA ASP C 198 -1.29 2.57 -56.00
C ASP C 198 -0.46 3.64 -56.70
N LYS C 199 0.79 3.35 -57.00
CA LYS C 199 1.68 4.29 -57.67
C LYS C 199 1.67 4.10 -59.18
N ASP C 200 1.61 5.22 -59.89
CA ASP C 200 1.77 5.27 -61.34
C ASP C 200 0.88 4.26 -62.04
N VAL C 201 -0.44 4.42 -61.86
CA VAL C 201 -1.39 3.44 -62.38
C VAL C 201 -1.47 3.56 -63.90
N LYS C 202 -1.68 2.41 -64.55
CA LYS C 202 -1.87 2.33 -66.00
C LYS C 202 -3.08 1.45 -66.26
N ILE C 203 -3.89 1.84 -67.22
CA ILE C 203 -5.11 1.11 -67.57
C ILE C 203 -4.75 -0.07 -68.48
N LYS C 204 -5.55 -1.14 -68.43
CA LYS C 204 -5.36 -2.27 -69.33
C LYS C 204 -5.48 -1.81 -70.77
N LYS C 205 -4.72 -2.45 -71.66
CA LYS C 205 -4.85 -2.14 -73.09
C LYS C 205 -6.24 -2.47 -73.61
N LYS C 206 -6.80 -3.60 -73.17
CA LYS C 206 -8.14 -4.03 -73.56
C LYS C 206 -8.84 -4.60 -72.35
N GLY C 207 -10.13 -4.23 -72.19
CA GLY C 207 -10.93 -4.67 -71.07
C GLY C 207 -12.04 -5.59 -71.55
N LYS C 208 -12.90 -5.98 -70.60
CA LYS C 208 -13.95 -6.96 -70.88
C LYS C 208 -15.30 -6.46 -70.40
N ILE C 209 -15.44 -5.16 -70.14
CA ILE C 209 -16.66 -4.57 -69.60
C ILE C 209 -16.97 -3.31 -70.37
N TYR C 210 -18.22 -3.15 -70.79
CA TYR C 210 -18.68 -1.91 -71.37
C TYR C 210 -19.78 -1.34 -70.48
N SER C 211 -19.87 -0.02 -70.46
CA SER C 211 -20.67 0.67 -69.47
C SER C 211 -21.40 1.82 -70.12
N LEU C 212 -22.73 1.75 -70.16
CA LEU C 212 -23.57 2.86 -70.61
C LEU C 212 -25.00 2.62 -70.16
N ASN C 213 -25.80 3.67 -70.18
CA ASN C 213 -27.23 3.52 -69.91
C ASN C 213 -27.90 3.05 -71.22
N GLU C 214 -28.18 1.75 -71.31
CA GLU C 214 -28.79 1.20 -72.52
C GLU C 214 -30.28 1.49 -72.65
N GLY C 215 -30.90 2.12 -71.65
CA GLY C 215 -32.28 2.52 -71.82
C GLY C 215 -32.51 3.61 -72.87
N TYR C 216 -31.46 4.34 -73.25
CA TYR C 216 -31.57 5.32 -74.31
C TYR C 216 -31.37 4.72 -75.71
N ALA C 217 -31.42 3.40 -75.83
CA ALA C 217 -31.14 2.75 -77.11
C ALA C 217 -32.04 3.28 -78.23
N LYS C 218 -33.27 3.66 -77.89
CA LYS C 218 -34.18 4.27 -78.86
C LYS C 218 -33.57 5.52 -79.50
N ASP C 219 -32.63 6.18 -78.83
CA ASP C 219 -32.03 7.41 -79.36
C ASP C 219 -30.59 7.25 -79.81
N PHE C 220 -30.01 6.07 -79.71
CA PHE C 220 -28.59 5.90 -80.01
C PHE C 220 -28.27 6.16 -81.47
N ASP C 221 -27.23 6.91 -81.68
CA ASP C 221 -26.42 7.01 -82.88
C ASP C 221 -26.17 5.62 -83.45
N PRO C 222 -26.29 5.46 -84.77
CA PRO C 222 -25.94 4.18 -85.39
C PRO C 222 -24.54 3.64 -85.06
N ALA C 223 -23.53 4.50 -84.90
CA ALA C 223 -22.21 4.00 -84.55
C ALA C 223 -22.20 3.38 -83.15
N VAL C 224 -22.86 4.02 -82.19
CA VAL C 224 -22.96 3.44 -80.85
C VAL C 224 -23.72 2.11 -80.89
N THR C 225 -24.82 2.06 -81.63
CA THR C 225 -25.60 0.83 -81.75
C THR C 225 -24.76 -0.33 -82.30
N GLU C 226 -23.98 -0.07 -83.35
CA GLU C 226 -23.18 -1.16 -83.92
C GLU C 226 -22.08 -1.58 -82.96
N TYR C 227 -21.50 -0.62 -82.25
CA TYR C 227 -20.42 -0.94 -81.32
C TYR C 227 -20.92 -1.83 -80.20
N ILE C 228 -22.11 -1.52 -79.65
CA ILE C 228 -22.66 -2.32 -78.57
C ILE C 228 -23.03 -3.73 -79.03
N GLN C 229 -23.59 -3.85 -80.24
CA GLN C 229 -23.86 -5.18 -80.79
C GLN C 229 -22.60 -6.03 -80.86
N ARG C 230 -21.48 -5.43 -81.25
CA ARG C 230 -20.24 -6.19 -81.29
C ARG C 230 -19.78 -6.59 -79.90
N LYS C 231 -20.20 -5.86 -78.87
CA LYS C 231 -19.88 -6.29 -77.51
C LYS C 231 -20.74 -7.48 -77.09
N LYS C 232 -22.01 -7.51 -77.51
CA LYS C 232 -22.89 -8.63 -77.15
C LYS C 232 -22.70 -9.84 -78.09
N PHE C 233 -22.45 -9.60 -79.37
CA PHE C 233 -22.32 -10.66 -80.36
C PHE C 233 -21.01 -10.50 -81.12
N PRO C 234 -19.89 -10.87 -80.51
CA PRO C 234 -18.57 -10.61 -81.10
C PRO C 234 -18.42 -11.27 -82.45
N PRO C 235 -17.83 -10.57 -83.42
CA PRO C 235 -17.63 -11.19 -84.75
C PRO C 235 -16.71 -12.39 -84.72
N ASP C 236 -15.65 -12.38 -83.90
CA ASP C 236 -14.72 -13.51 -83.81
C ASP C 236 -15.20 -14.58 -82.82
N ASN C 237 -16.48 -14.57 -82.47
CA ASN C 237 -17.09 -15.48 -81.51
C ASN C 237 -16.31 -15.57 -80.19
N SER C 238 -15.46 -14.59 -79.89
CA SER C 238 -14.83 -14.52 -78.57
C SER C 238 -15.91 -14.15 -77.54
N ALA C 239 -15.54 -14.16 -76.26
CA ALA C 239 -16.56 -13.98 -75.24
C ALA C 239 -17.10 -12.55 -75.23
N PRO C 240 -18.42 -12.39 -75.16
CA PRO C 240 -19.00 -11.04 -75.09
C PRO C 240 -18.54 -10.31 -73.84
N TYR C 241 -18.57 -8.98 -73.91
CA TYR C 241 -18.20 -8.16 -72.76
C TYR C 241 -19.30 -8.22 -71.71
N GLY C 242 -18.90 -8.08 -70.44
CA GLY C 242 -19.86 -7.82 -69.40
C GLY C 242 -20.32 -6.38 -69.41
N ALA C 243 -21.55 -6.16 -68.99
CA ALA C 243 -22.09 -4.82 -68.87
C ALA C 243 -22.18 -4.44 -67.41
N ARG C 244 -21.84 -3.18 -67.11
CA ARG C 244 -22.02 -2.58 -65.79
C ARG C 244 -22.42 -1.14 -66.02
N TYR C 245 -23.36 -0.66 -65.21
CA TYR C 245 -23.70 0.77 -65.25
C TYR C 245 -24.33 1.12 -63.89
N VAL C 246 -23.51 1.71 -63.03
CA VAL C 246 -23.94 2.17 -61.70
C VAL C 246 -24.79 3.43 -61.79
N GLY C 247 -24.60 4.23 -62.83
CA GLY C 247 -25.27 5.51 -62.91
C GLY C 247 -24.58 6.63 -62.16
N SER C 248 -23.41 6.39 -61.60
CA SER C 248 -22.65 7.43 -60.92
C SER C 248 -21.30 7.53 -61.63
N MET C 249 -21.03 8.67 -62.27
CA MET C 249 -19.89 8.74 -63.17
C MET C 249 -18.59 8.33 -62.48
N VAL C 250 -18.35 8.81 -61.25
CA VAL C 250 -17.09 8.47 -60.57
C VAL C 250 -16.96 6.98 -60.37
N ALA C 251 -18.04 6.32 -59.96
CA ALA C 251 -17.95 4.88 -59.77
C ALA C 251 -17.73 4.18 -61.10
N ASP C 252 -18.43 4.60 -62.15
CA ASP C 252 -18.26 3.91 -63.42
C ASP C 252 -16.87 4.13 -64.00
N VAL C 253 -16.35 5.35 -63.92
CA VAL C 253 -15.03 5.58 -64.49
C VAL C 253 -13.96 4.89 -63.66
N HIS C 254 -14.12 4.88 -62.33
CA HIS C 254 -13.09 4.25 -61.50
C HIS C 254 -12.99 2.76 -61.79
N ARG C 255 -14.14 2.09 -61.91
CA ARG C 255 -14.13 0.69 -62.32
C ARG C 255 -13.45 0.54 -63.66
N THR C 256 -13.73 1.47 -64.60
CA THR C 256 -13.08 1.41 -65.91
C THR C 256 -11.57 1.50 -65.76
N LEU C 257 -11.08 2.37 -64.87
CA LEU C 257 -9.65 2.48 -64.62
C LEU C 257 -9.06 1.22 -64.02
N VAL C 258 -9.75 0.63 -63.04
CA VAL C 258 -9.19 -0.50 -62.29
C VAL C 258 -9.28 -1.79 -63.09
N TYR C 259 -10.40 -2.02 -63.80
CA TYR C 259 -10.58 -3.28 -64.48
C TYR C 259 -10.43 -3.16 -65.99
N GLY C 260 -10.28 -1.94 -66.51
CA GLY C 260 -10.26 -1.73 -67.93
C GLY C 260 -11.65 -1.72 -68.51
N GLY C 261 -11.71 -1.47 -69.81
CA GLY C 261 -13.00 -1.40 -70.47
C GLY C 261 -13.32 -0.03 -71.02
N ILE C 262 -14.61 0.26 -71.14
CA ILE C 262 -15.03 1.45 -71.86
C ILE C 262 -16.28 1.99 -71.19
N PHE C 263 -16.32 3.31 -71.06
CA PHE C 263 -17.46 4.03 -70.50
C PHE C 263 -18.00 4.97 -71.57
N LEU C 264 -19.32 4.97 -71.74
CA LEU C 264 -19.96 5.80 -72.76
C LEU C 264 -21.12 6.55 -72.12
N TYR C 265 -21.15 7.89 -72.29
CA TYR C 265 -22.36 8.69 -72.16
C TYR C 265 -22.52 9.53 -73.42
N PRO C 266 -23.12 8.95 -74.46
CA PRO C 266 -23.19 9.64 -75.76
C PRO C 266 -24.43 10.53 -75.80
N ALA C 267 -24.64 11.30 -76.86
CA ALA C 267 -25.79 12.19 -76.89
C ALA C 267 -27.08 11.43 -77.18
N ASN C 268 -28.18 11.90 -76.57
CA ASN C 268 -29.53 11.40 -76.87
C ASN C 268 -30.50 12.54 -77.18
N LYS C 269 -31.79 12.24 -77.28
CA LYS C 269 -32.76 13.28 -77.61
C LYS C 269 -33.03 14.22 -76.44
N LYS C 270 -32.87 13.76 -75.21
CA LYS C 270 -32.98 14.72 -74.14
C LYS C 270 -31.70 15.52 -73.97
N SER C 271 -30.59 14.99 -74.47
CA SER C 271 -29.27 15.59 -74.26
C SER C 271 -28.52 15.61 -75.59
N PRO C 272 -28.86 16.55 -76.47
CA PRO C 272 -28.24 16.52 -77.81
C PRO C 272 -26.77 16.90 -77.82
N ASN C 273 -26.26 17.54 -76.77
CA ASN C 273 -24.83 17.78 -76.64
C ASN C 273 -24.22 16.86 -75.60
N GLY C 274 -24.89 15.75 -75.30
CA GLY C 274 -24.52 14.85 -74.24
C GLY C 274 -25.04 15.37 -72.93
N LYS C 275 -24.72 14.66 -71.87
CA LYS C 275 -25.25 15.03 -70.57
C LYS C 275 -24.20 15.47 -69.58
N LEU C 276 -23.02 14.85 -69.61
CA LEU C 276 -22.02 15.14 -68.61
C LEU C 276 -21.37 16.49 -68.88
N ARG C 277 -20.97 17.16 -67.79
CA ARG C 277 -20.46 18.53 -67.90
C ARG C 277 -18.99 18.52 -68.29
N LEU C 278 -18.65 19.38 -69.26
CA LEU C 278 -17.30 19.36 -69.78
C LEU C 278 -16.27 19.87 -68.76
N LEU C 279 -16.56 20.98 -68.09
CA LEU C 279 -15.51 21.63 -67.31
C LEU C 279 -15.06 20.80 -66.12
N TYR C 280 -15.99 20.27 -65.32
CA TYR C 280 -15.68 19.62 -64.06
C TYR C 280 -16.14 18.16 -64.00
N GLU C 281 -16.57 17.58 -65.12
CA GLU C 281 -16.81 16.14 -65.17
C GLU C 281 -15.98 15.48 -66.26
N CYS C 282 -16.14 15.90 -67.52
CA CYS C 282 -15.47 15.21 -68.61
C CYS C 282 -13.97 15.46 -68.61
N ASN C 283 -13.55 16.72 -68.54
CA ASN C 283 -12.12 17.02 -68.61
C ASN C 283 -11.35 16.33 -67.51
N PRO C 284 -11.69 16.48 -66.22
CA PRO C 284 -10.88 15.80 -65.20
C PRO C 284 -10.82 14.28 -65.39
N MET C 285 -11.91 13.64 -65.80
CA MET C 285 -11.85 12.20 -66.05
C MET C 285 -11.01 11.88 -67.27
N ALA C 286 -11.17 12.66 -68.34
CA ALA C 286 -10.34 12.52 -69.53
C ALA C 286 -8.86 12.67 -69.21
N TYR C 287 -8.51 13.57 -68.27
CA TYR C 287 -7.12 13.77 -67.91
C TYR C 287 -6.57 12.55 -67.17
N VAL C 288 -7.30 12.07 -66.17
CA VAL C 288 -6.91 10.85 -65.48
C VAL C 288 -6.77 9.71 -66.48
N MET C 289 -7.76 9.55 -67.37
CA MET C 289 -7.67 8.48 -68.35
C MET C 289 -6.41 8.61 -69.20
N GLU C 290 -6.15 9.82 -69.72
CA GLU C 290 -5.00 9.96 -70.61
C GLU C 290 -3.69 9.77 -69.85
N LYS C 291 -3.58 10.32 -68.64
CA LYS C 291 -2.38 10.12 -67.83
C LYS C 291 -2.16 8.67 -67.43
N ALA C 292 -3.19 7.84 -67.50
CA ALA C 292 -3.09 6.42 -67.22
C ALA C 292 -2.91 5.61 -68.50
N GLY C 293 -2.69 6.27 -69.62
CA GLY C 293 -2.48 5.58 -70.86
C GLY C 293 -3.73 5.21 -71.60
N GLY C 294 -4.88 5.75 -71.19
CA GLY C 294 -6.14 5.49 -71.86
C GLY C 294 -6.59 6.63 -72.76
N MET C 295 -7.84 6.54 -73.18
CA MET C 295 -8.36 7.49 -74.14
C MET C 295 -9.72 8.03 -73.68
N ALA C 296 -10.08 9.18 -74.24
CA ALA C 296 -11.35 9.86 -73.94
C ALA C 296 -11.67 10.72 -75.14
N THR C 297 -12.78 10.41 -75.83
CA THR C 297 -13.16 11.12 -77.06
C THR C 297 -14.62 11.54 -77.00
N THR C 298 -14.95 12.61 -77.73
CA THR C 298 -16.35 12.97 -77.89
C THR C 298 -17.00 12.27 -79.07
N GLY C 299 -16.24 11.50 -79.85
CA GLY C 299 -16.72 11.03 -81.12
C GLY C 299 -16.03 11.82 -82.23
N LYS C 300 -16.06 13.15 -82.12
CA LYS C 300 -15.46 14.01 -83.12
C LYS C 300 -14.08 14.54 -82.76
N GLU C 301 -13.71 14.55 -81.48
CA GLU C 301 -12.43 15.08 -81.04
C GLU C 301 -12.12 14.57 -79.64
N ALA C 302 -10.86 14.74 -79.23
CA ALA C 302 -10.46 14.44 -77.86
C ALA C 302 -11.16 15.39 -76.89
N VAL C 303 -11.63 14.84 -75.77
CA VAL C 303 -12.29 15.66 -74.75
C VAL C 303 -11.38 16.80 -74.32
N LEU C 304 -10.09 16.51 -74.15
CA LEU C 304 -9.14 17.53 -73.72
C LEU C 304 -8.87 18.57 -74.80
N ASP C 305 -9.26 18.33 -76.07
CA ASP C 305 -9.08 19.32 -77.13
C ASP C 305 -10.27 20.23 -77.32
N VAL C 306 -11.40 19.95 -76.69
CA VAL C 306 -12.56 20.83 -76.82
C VAL C 306 -12.26 22.14 -76.10
N ILE C 307 -12.54 23.25 -76.75
CA ILE C 307 -12.39 24.58 -76.17
C ILE C 307 -13.77 25.01 -75.65
N PRO C 308 -13.97 25.10 -74.35
CA PRO C 308 -15.29 25.42 -73.84
C PRO C 308 -15.67 26.85 -74.15
N THR C 309 -16.98 27.05 -74.30
CA THR C 309 -17.56 28.37 -74.47
C THR C 309 -18.45 28.76 -73.30
N ASP C 310 -18.98 27.79 -72.55
CA ASP C 310 -19.84 28.01 -71.42
C ASP C 310 -19.42 27.09 -70.29
N ILE C 311 -19.40 27.62 -69.07
CA ILE C 311 -18.83 26.88 -67.97
C ILE C 311 -19.62 25.63 -67.61
N HIS C 312 -20.91 25.57 -67.93
CA HIS C 312 -21.73 24.41 -67.62
C HIS C 312 -22.08 23.60 -68.86
N GLN C 313 -21.37 23.84 -69.95
CA GLN C 313 -21.72 23.15 -71.18
C GLN C 313 -21.49 21.62 -71.09
N ARG C 314 -22.24 20.91 -71.93
CA ARG C 314 -22.24 19.46 -71.94
C ARG C 314 -21.35 18.93 -73.05
N ALA C 315 -20.98 17.66 -72.93
CA ALA C 315 -20.17 16.97 -73.94
C ALA C 315 -20.53 15.50 -73.98
N PRO C 316 -20.61 14.90 -75.15
CA PRO C 316 -20.60 13.42 -75.21
C PRO C 316 -19.19 12.91 -74.96
N VAL C 317 -19.10 11.76 -74.32
CA VAL C 317 -17.80 11.21 -73.95
C VAL C 317 -17.83 9.69 -74.07
N ILE C 318 -16.78 9.13 -74.67
CA ILE C 318 -16.49 7.69 -74.66
C ILE C 318 -15.07 7.57 -74.19
N LEU C 319 -14.84 6.88 -73.05
CA LEU C 319 -13.51 6.84 -72.47
C LEU C 319 -13.21 5.47 -71.90
N GLY C 320 -11.92 5.18 -71.77
CA GLY C 320 -11.48 3.92 -71.19
C GLY C 320 -10.21 3.37 -71.82
N SER C 321 -10.10 2.05 -71.86
CA SER C 321 -8.92 1.37 -72.42
C SER C 321 -8.68 1.77 -73.87
N PRO C 322 -7.41 1.90 -74.28
CA PRO C 322 -7.16 2.34 -75.67
C PRO C 322 -7.71 1.43 -76.75
N ASP C 323 -7.52 0.10 -76.66
CA ASP C 323 -8.08 -0.80 -77.66
C ASP C 323 -9.60 -0.69 -77.76
N ASP C 324 -10.28 -0.54 -76.62
CA ASP C 324 -11.73 -0.46 -76.69
C ASP C 324 -12.19 0.86 -77.30
N VAL C 325 -11.55 1.97 -76.92
CA VAL C 325 -11.91 3.28 -77.46
C VAL C 325 -11.59 3.37 -78.95
N LEU C 326 -10.47 2.80 -79.36
CA LEU C 326 -10.14 2.84 -80.79
C LEU C 326 -11.18 2.08 -81.60
N GLU C 327 -11.58 0.90 -81.12
CA GLU C 327 -12.60 0.13 -81.83
C GLU C 327 -13.89 0.93 -82.00
N PHE C 328 -14.30 1.67 -80.97
CA PHE C 328 -15.48 2.51 -81.15
C PHE C 328 -15.25 3.51 -82.25
N LEU C 329 -14.09 4.18 -82.25
CA LEU C 329 -13.80 5.17 -83.27
C LEU C 329 -13.73 4.54 -84.65
N LYS C 330 -13.25 3.30 -84.74
CA LYS C 330 -13.23 2.64 -86.04
C LYS C 330 -14.65 2.41 -86.54
N VAL C 331 -15.55 2.02 -85.65
CA VAL C 331 -16.97 1.95 -86.00
C VAL C 331 -17.53 3.34 -86.30
N TYR C 332 -17.11 4.35 -85.54
CA TYR C 332 -17.62 5.70 -85.77
C TYR C 332 -17.28 6.19 -87.17
N GLU C 333 -16.04 5.97 -87.62
CA GLU C 333 -15.67 6.43 -88.95
C GLU C 333 -16.36 5.62 -90.04
N LYS C 334 -16.68 4.36 -89.77
CA LYS C 334 -17.49 3.60 -90.72
C LYS C 334 -18.78 4.32 -91.02
N HIS C 335 -19.34 4.99 -90.03
CA HIS C 335 -20.57 5.76 -90.21
C HIS C 335 -20.27 7.23 -90.47
N SER C 336 -19.12 7.50 -91.09
CA SER C 336 -18.60 8.84 -91.40
C SER C 336 -18.29 9.59 -90.11
N ASP D 10 -39.71 10.69 -31.84
CA ASP D 10 -38.84 10.02 -30.86
C ASP D 10 -37.77 9.14 -31.51
N VAL D 11 -36.51 9.36 -31.12
CA VAL D 11 -35.40 8.62 -31.72
C VAL D 11 -35.50 7.12 -31.42
N ASN D 12 -35.04 6.30 -32.36
CA ASN D 12 -35.05 4.86 -32.17
C ASN D 12 -33.80 4.26 -32.80
N THR D 13 -33.19 3.33 -32.08
CA THR D 13 -32.07 2.53 -32.56
C THR D 13 -32.54 1.14 -32.95
N LEU D 14 -31.66 0.39 -33.61
CA LEU D 14 -31.99 -1.01 -33.95
C LEU D 14 -32.20 -1.86 -32.71
N THR D 15 -31.28 -1.76 -31.74
CA THR D 15 -31.37 -2.58 -30.53
C THR D 15 -32.62 -2.24 -29.73
N ARG D 16 -32.87 -0.96 -29.54
CA ARG D 16 -34.10 -0.53 -28.87
C ARG D 16 -35.33 -1.07 -29.58
N PHE D 17 -35.37 -0.96 -30.92
CA PHE D 17 -36.53 -1.38 -31.71
C PHE D 17 -36.83 -2.86 -31.54
N VAL D 18 -35.81 -3.70 -31.66
CA VAL D 18 -36.00 -5.14 -31.58
C VAL D 18 -36.44 -5.51 -30.17
N MET D 19 -35.84 -4.90 -29.16
CA MET D 19 -36.26 -5.11 -27.79
C MET D 19 -37.72 -4.77 -27.62
N GLU D 20 -38.15 -3.63 -28.15
CA GLU D 20 -39.54 -3.25 -27.98
C GLU D 20 -40.48 -4.19 -28.74
N GLU D 21 -40.13 -4.60 -29.96
CA GLU D 21 -40.94 -5.61 -30.62
C GLU D 21 -40.92 -6.93 -29.86
N GLY D 22 -39.77 -7.31 -29.31
CA GLY D 22 -39.70 -8.56 -28.60
C GLY D 22 -40.60 -8.59 -27.37
N ARG D 23 -40.69 -7.49 -26.66
CA ARG D 23 -41.54 -7.45 -25.48
C ARG D 23 -43.01 -7.44 -25.84
N LYS D 24 -43.38 -6.77 -26.95
CA LYS D 24 -44.76 -6.86 -27.40
C LYS D 24 -45.18 -8.30 -27.64
N ALA D 25 -44.32 -9.08 -28.30
CA ALA D 25 -44.59 -10.45 -28.67
C ALA D 25 -44.40 -11.43 -27.53
N ARG D 26 -43.91 -10.97 -26.38
CA ARG D 26 -43.76 -11.82 -25.20
C ARG D 26 -42.86 -13.02 -25.48
N GLY D 27 -41.77 -12.81 -26.26
CA GLY D 27 -40.85 -13.88 -26.58
C GLY D 27 -39.73 -14.03 -25.56
N THR D 28 -38.93 -15.10 -25.71
CA THR D 28 -37.92 -15.41 -24.70
C THR D 28 -36.69 -14.52 -24.81
N GLY D 29 -36.48 -13.88 -25.95
CA GLY D 29 -35.34 -13.03 -26.14
C GLY D 29 -34.25 -13.58 -27.03
N GLU D 30 -34.30 -14.86 -27.42
CA GLU D 30 -33.20 -15.45 -28.20
C GLU D 30 -32.99 -14.72 -29.52
N LEU D 31 -34.08 -14.34 -30.19
CA LEU D 31 -33.94 -13.67 -31.48
C LEU D 31 -33.33 -12.28 -31.31
N THR D 32 -33.72 -11.56 -30.26
CA THR D 32 -33.10 -10.27 -30.00
C THR D 32 -31.60 -10.42 -29.75
N GLN D 33 -31.21 -11.47 -29.00
CA GLN D 33 -29.78 -11.73 -28.84
C GLN D 33 -29.10 -12.05 -30.18
N LEU D 34 -29.75 -12.86 -31.02
CA LEU D 34 -29.21 -13.15 -32.34
C LEU D 34 -29.02 -11.87 -33.15
N LEU D 35 -30.06 -11.03 -33.23
CA LEU D 35 -30.02 -9.83 -34.05
C LEU D 35 -29.03 -8.82 -33.50
N ASN D 36 -28.94 -8.72 -32.18
CA ASN D 36 -27.93 -7.86 -31.56
C ASN D 36 -26.52 -8.32 -31.90
N SER D 37 -26.26 -9.61 -31.84
CA SER D 37 -24.95 -10.12 -32.24
C SER D 37 -24.67 -9.79 -33.69
N LEU D 38 -25.67 -10.06 -34.54
CA LEU D 38 -25.54 -9.85 -35.98
C LEU D 38 -25.21 -8.40 -36.29
N CYS D 39 -25.91 -7.49 -35.62
CA CYS D 39 -25.69 -6.05 -35.77
C CYS D 39 -24.25 -5.67 -35.45
N THR D 40 -23.71 -6.24 -34.36
CA THR D 40 -22.33 -6.01 -33.98
C THR D 40 -21.38 -6.54 -35.03
N ALA D 41 -21.65 -7.73 -35.55
CA ALA D 41 -20.85 -8.25 -36.64
C ALA D 41 -20.83 -7.28 -37.81
N VAL D 42 -21.96 -6.62 -38.09
CA VAL D 42 -22.07 -5.73 -39.23
C VAL D 42 -21.23 -4.48 -39.04
N LYS D 43 -21.18 -3.97 -37.81
CA LYS D 43 -20.36 -2.79 -37.58
C LYS D 43 -18.88 -3.11 -37.77
N ALA D 44 -18.43 -4.26 -37.31
CA ALA D 44 -17.03 -4.59 -37.51
C ALA D 44 -16.74 -4.80 -38.98
N ILE D 45 -17.64 -5.47 -39.72
CA ILE D 45 -17.43 -5.66 -41.16
C ILE D 45 -17.34 -4.31 -41.85
N SER D 46 -18.28 -3.43 -41.56
CA SER D 46 -18.34 -2.11 -42.16
C SER D 46 -17.02 -1.38 -41.94
N SER D 47 -16.53 -1.42 -40.69
CA SER D 47 -15.27 -0.77 -40.35
C SER D 47 -14.11 -1.32 -41.17
N ALA D 48 -14.05 -2.64 -41.35
CA ALA D 48 -12.97 -3.23 -42.13
C ALA D 48 -13.13 -2.94 -43.61
N VAL D 49 -14.37 -2.87 -44.08
CA VAL D 49 -14.65 -2.56 -45.48
C VAL D 49 -14.30 -1.11 -45.80
N ARG D 50 -14.53 -0.19 -44.86
CA ARG D 50 -14.09 1.20 -45.06
C ARG D 50 -12.59 1.39 -44.80
N LYS D 51 -11.85 0.32 -44.52
CA LYS D 51 -10.39 0.32 -44.51
C LYS D 51 -9.85 1.01 -43.27
N ALA D 52 -10.51 0.79 -42.13
CA ALA D 52 -9.95 1.21 -40.85
C ALA D 52 -8.66 0.43 -40.59
N GLY D 53 -7.59 1.14 -40.25
CA GLY D 53 -6.34 0.47 -39.96
C GLY D 53 -5.49 0.10 -41.16
N ILE D 54 -5.84 0.57 -42.36
CA ILE D 54 -5.08 0.21 -43.55
C ILE D 54 -3.69 0.82 -43.51
N ALA D 55 -3.52 1.94 -42.81
CA ALA D 55 -2.21 2.54 -42.72
C ALA D 55 -1.22 1.57 -42.09
N HIS D 56 -1.72 0.71 -41.20
CA HIS D 56 -0.84 -0.28 -40.57
C HIS D 56 -0.44 -1.36 -41.58
N LEU D 57 -1.36 -1.76 -42.45
CA LEU D 57 -1.00 -2.69 -43.51
C LEU D 57 0.07 -2.15 -44.44
N TYR D 58 0.20 -0.82 -44.57
CA TYR D 58 1.15 -0.23 -45.49
C TYR D 58 2.42 0.31 -44.82
N GLY D 59 2.69 -0.10 -43.58
CA GLY D 59 3.98 0.14 -42.96
C GLY D 59 4.13 1.45 -42.25
N ILE D 60 3.04 2.02 -41.73
CA ILE D 60 3.13 3.27 -41.00
C ILE D 60 3.95 3.10 -39.71
N ALA D 61 4.04 1.89 -39.20
CA ALA D 61 4.82 1.62 -37.99
C ALA D 61 6.08 0.79 -38.27
N GLY D 62 6.63 0.90 -39.47
CA GLY D 62 7.81 0.13 -39.83
C GLY D 62 7.51 -1.31 -40.23
N LYS D 73 -8.23 -10.81 -47.61
CA LYS D 73 -8.96 -11.46 -46.54
C LYS D 73 -10.31 -10.83 -46.17
N LEU D 74 -10.81 -9.86 -46.95
CA LEU D 74 -11.98 -9.13 -46.47
C LEU D 74 -13.20 -10.04 -46.34
N ASP D 75 -13.40 -10.95 -47.29
CA ASP D 75 -14.51 -11.89 -47.12
C ASP D 75 -14.22 -12.97 -46.07
N VAL D 76 -12.95 -13.35 -45.85
CA VAL D 76 -12.62 -14.29 -44.78
C VAL D 76 -12.90 -13.68 -43.41
N LEU D 77 -12.46 -12.43 -43.21
CA LEU D 77 -12.75 -11.73 -41.97
C LEU D 77 -14.25 -11.55 -41.80
N SER D 78 -14.96 -11.25 -42.90
CA SER D 78 -16.41 -11.10 -42.84
C SER D 78 -17.07 -12.37 -42.34
N ASN D 79 -16.64 -13.51 -42.88
CA ASN D 79 -17.20 -14.79 -42.50
C ASN D 79 -16.94 -15.09 -41.02
N ASP D 80 -15.71 -14.85 -40.56
CA ASP D 80 -15.35 -15.09 -39.16
C ASP D 80 -16.13 -14.20 -38.21
N LEU D 81 -16.34 -12.93 -38.59
CA LEU D 81 -17.09 -12.03 -37.71
C LEU D 81 -18.52 -12.51 -37.52
N VAL D 82 -19.20 -12.84 -38.61
CA VAL D 82 -20.57 -13.33 -38.50
C VAL D 82 -20.59 -14.65 -37.76
N MET D 83 -19.75 -15.60 -38.19
CA MET D 83 -19.68 -16.94 -37.57
C MET D 83 -19.45 -16.87 -36.07
N ASN D 84 -18.44 -16.13 -35.64
CA ASN D 84 -18.11 -16.09 -34.22
C ASN D 84 -19.17 -15.35 -33.42
N MET D 85 -19.77 -14.30 -33.99
CA MET D 85 -20.78 -13.54 -33.23
C MET D 85 -22.08 -14.32 -33.09
N LEU D 86 -22.46 -15.06 -34.14
CA LEU D 86 -23.65 -15.89 -34.08
C LEU D 86 -23.47 -17.08 -33.14
N LYS D 87 -22.34 -17.79 -33.25
CA LYS D 87 -22.08 -18.90 -32.34
C LYS D 87 -22.11 -18.43 -30.90
N SER D 88 -21.39 -17.35 -30.60
CA SER D 88 -21.32 -16.87 -29.22
C SER D 88 -22.59 -16.13 -28.80
N SER D 89 -23.62 -16.09 -29.64
CA SER D 89 -24.86 -15.44 -29.24
C SER D 89 -25.72 -16.35 -28.40
N PHE D 90 -25.43 -17.66 -28.45
CA PHE D 90 -26.22 -18.69 -27.79
C PHE D 90 -27.64 -18.78 -28.34
N ALA D 91 -27.85 -18.39 -29.59
CA ALA D 91 -29.19 -18.39 -30.18
C ALA D 91 -29.29 -19.28 -31.43
N THR D 92 -28.21 -19.88 -31.89
CA THR D 92 -28.23 -20.61 -33.15
C THR D 92 -27.75 -22.05 -32.96
N CYS D 93 -28.08 -22.89 -33.93
CA CYS D 93 -27.57 -24.26 -33.91
C CYS D 93 -26.99 -24.69 -35.25
N VAL D 94 -27.39 -24.06 -36.35
CA VAL D 94 -26.89 -24.39 -37.68
C VAL D 94 -26.64 -23.08 -38.44
N LEU D 95 -25.49 -22.99 -39.08
CA LEU D 95 -25.10 -21.82 -39.83
C LEU D 95 -24.71 -22.24 -41.24
N VAL D 96 -25.29 -21.60 -42.25
CA VAL D 96 -24.91 -21.80 -43.65
C VAL D 96 -24.35 -20.48 -44.20
N SER D 97 -23.20 -20.56 -44.86
CA SER D 97 -22.45 -19.42 -45.38
C SER D 97 -22.01 -19.67 -46.81
N GLU D 98 -21.96 -18.60 -47.62
CA GLU D 98 -21.38 -18.64 -48.98
C GLU D 98 -19.97 -19.21 -48.93
N GLU D 99 -19.27 -19.03 -47.81
CA GLU D 99 -17.85 -19.31 -47.67
C GLU D 99 -17.53 -20.72 -47.20
N ASP D 100 -18.52 -21.50 -46.80
CA ASP D 100 -18.27 -22.82 -46.22
C ASP D 100 -19.04 -23.89 -46.97
N LYS D 101 -18.33 -24.96 -47.35
CA LYS D 101 -18.93 -26.01 -48.16
C LYS D 101 -20.10 -26.67 -47.46
N HIS D 102 -19.97 -26.86 -46.15
CA HIS D 102 -20.97 -27.57 -45.36
C HIS D 102 -21.56 -26.62 -44.33
N ALA D 103 -22.79 -26.96 -43.91
CA ALA D 103 -23.38 -26.24 -42.81
C ALA D 103 -22.49 -26.38 -41.59
N ILE D 104 -22.40 -25.33 -40.80
CA ILE D 104 -21.66 -25.38 -39.56
C ILE D 104 -22.65 -25.72 -38.45
N ILE D 105 -22.31 -26.70 -37.63
CA ILE D 105 -23.16 -27.10 -36.51
C ILE D 105 -22.57 -26.52 -35.25
N VAL D 106 -23.34 -25.67 -34.56
CA VAL D 106 -22.84 -25.05 -33.33
C VAL D 106 -22.61 -26.12 -32.27
N GLU D 107 -21.53 -25.98 -31.52
CA GLU D 107 -21.22 -26.93 -30.46
C GLU D 107 -22.32 -26.88 -29.40
N PRO D 108 -22.58 -28.01 -28.73
CA PRO D 108 -23.75 -28.10 -27.84
C PRO D 108 -23.87 -27.01 -26.78
N GLU D 109 -22.78 -26.58 -26.14
CA GLU D 109 -22.94 -25.61 -25.07
C GLU D 109 -23.49 -24.28 -25.58
N LYS D 110 -23.29 -23.98 -26.87
CA LYS D 110 -23.72 -22.72 -27.47
C LYS D 110 -24.98 -22.87 -28.32
N ARG D 111 -25.59 -24.05 -28.31
CA ARG D 111 -26.70 -24.33 -29.21
C ARG D 111 -27.94 -23.56 -28.78
N GLY D 112 -28.55 -22.88 -29.73
CA GLY D 112 -29.83 -22.22 -29.55
C GLY D 112 -30.81 -22.77 -30.55
N LYS D 113 -31.89 -22.03 -30.82
CA LYS D 113 -33.00 -22.59 -31.56
C LYS D 113 -33.13 -22.08 -32.99
N TYR D 114 -32.20 -21.25 -33.48
CA TYR D 114 -32.35 -20.66 -34.80
C TYR D 114 -31.31 -21.18 -35.78
N VAL D 115 -31.72 -21.24 -37.04
CA VAL D 115 -30.89 -21.56 -38.18
C VAL D 115 -30.64 -20.26 -38.95
N VAL D 116 -29.39 -19.97 -39.27
CA VAL D 116 -29.09 -18.74 -40.02
C VAL D 116 -28.33 -19.11 -41.29
N CYS D 117 -28.82 -18.63 -42.43
CA CYS D 117 -28.12 -18.69 -43.71
C CYS D 117 -27.65 -17.30 -44.06
N PHE D 118 -26.40 -17.17 -44.48
CA PHE D 118 -25.94 -15.83 -44.77
C PHE D 118 -24.87 -15.84 -45.85
N ASP D 119 -24.81 -14.74 -46.56
CA ASP D 119 -23.69 -14.39 -47.42
C ASP D 119 -22.90 -13.28 -46.71
N PRO D 120 -21.71 -13.56 -46.17
CA PRO D 120 -21.07 -12.58 -45.26
C PRO D 120 -20.56 -11.34 -45.95
N LEU D 121 -20.26 -11.38 -47.25
CA LEU D 121 -19.83 -10.21 -48.00
C LEU D 121 -20.13 -10.39 -49.49
N ASP D 122 -21.38 -10.17 -49.88
CA ASP D 122 -21.73 -10.35 -51.26
C ASP D 122 -21.24 -9.19 -52.10
N GLY D 123 -20.88 -9.49 -53.35
CA GLY D 123 -20.28 -8.56 -54.28
C GLY D 123 -18.79 -8.36 -54.10
N SER D 124 -18.17 -9.01 -53.11
CA SER D 124 -16.78 -8.79 -52.74
C SER D 124 -15.81 -9.21 -53.82
N SER D 125 -16.25 -9.98 -54.81
CA SER D 125 -15.39 -10.35 -55.93
C SER D 125 -14.96 -9.14 -56.76
N ASN D 126 -15.73 -8.06 -56.75
CA ASN D 126 -15.39 -6.83 -57.46
C ASN D 126 -15.02 -5.68 -56.54
N ILE D 127 -14.63 -5.97 -55.29
CA ILE D 127 -14.35 -4.90 -54.35
C ILE D 127 -13.08 -4.11 -54.66
N ASP D 128 -12.27 -4.56 -55.64
CA ASP D 128 -11.09 -3.82 -56.05
C ASP D 128 -11.44 -2.47 -56.67
N CYS D 129 -12.67 -2.31 -57.16
CA CYS D 129 -13.12 -1.05 -57.71
C CYS D 129 -13.95 -0.25 -56.71
N LEU D 130 -14.00 -0.71 -55.46
CA LEU D 130 -14.66 -0.01 -54.37
C LEU D 130 -16.17 0.12 -54.59
N VAL D 131 -16.70 -0.82 -55.38
CA VAL D 131 -18.14 -0.95 -55.57
C VAL D 131 -18.81 -1.24 -54.23
N SER D 132 -20.10 -0.88 -54.13
CA SER D 132 -20.93 -1.28 -52.99
C SER D 132 -20.93 -2.80 -52.79
N VAL D 133 -20.83 -3.20 -51.54
CA VAL D 133 -20.93 -4.59 -51.15
C VAL D 133 -21.91 -4.69 -49.99
N GLY D 134 -22.18 -5.91 -49.56
CA GLY D 134 -23.21 -6.06 -48.54
C GLY D 134 -23.15 -7.44 -47.90
N THR D 135 -23.85 -7.55 -46.77
CA THR D 135 -24.06 -8.81 -46.09
C THR D 135 -25.55 -9.16 -46.17
N ILE D 136 -25.87 -10.41 -46.53
CA ILE D 136 -27.26 -10.87 -46.65
C ILE D 136 -27.44 -11.98 -45.61
N PHE D 137 -28.61 -12.00 -44.97
CA PHE D 137 -28.85 -13.03 -43.96
C PHE D 137 -30.33 -13.44 -43.90
N GLY D 138 -30.55 -14.70 -43.58
CA GLY D 138 -31.89 -15.21 -43.34
C GLY D 138 -31.95 -16.07 -42.10
N ILE D 139 -33.02 -15.91 -41.33
CA ILE D 139 -33.16 -16.58 -40.03
C ILE D 139 -34.41 -17.45 -40.03
N TYR D 140 -34.22 -18.77 -39.85
CA TYR D 140 -35.29 -19.75 -39.70
C TYR D 140 -35.29 -20.33 -38.29
N ARG D 141 -36.48 -20.53 -37.73
CA ARG D 141 -36.58 -21.35 -36.53
C ARG D 141 -36.29 -22.81 -36.91
N LYS D 142 -35.41 -23.46 -36.15
CA LYS D 142 -35.26 -24.91 -36.33
C LYS D 142 -36.59 -25.61 -36.03
N LYS D 143 -37.02 -26.49 -36.94
CA LYS D 143 -38.36 -27.06 -36.91
C LYS D 143 -38.42 -28.36 -36.10
N SER D 144 -37.50 -29.30 -36.34
CA SER D 144 -37.45 -30.55 -35.59
C SER D 144 -36.63 -30.45 -34.30
N THR D 145 -36.72 -31.50 -33.50
CA THR D 145 -35.90 -31.68 -32.31
C THR D 145 -34.78 -32.69 -32.53
N ASP D 146 -34.56 -33.11 -33.77
CA ASP D 146 -33.46 -34.01 -34.02
C ASP D 146 -32.13 -33.32 -33.72
N GLU D 147 -31.09 -34.12 -33.66
CA GLU D 147 -29.77 -33.56 -33.58
C GLU D 147 -29.56 -32.65 -34.79
N PRO D 148 -28.96 -31.47 -34.59
CA PRO D 148 -28.77 -30.56 -35.73
C PRO D 148 -27.91 -31.16 -36.84
N SER D 149 -28.30 -30.86 -38.06
CA SER D 149 -27.60 -31.30 -39.25
C SER D 149 -27.83 -30.27 -40.34
N GLU D 150 -27.14 -30.49 -41.48
CA GLU D 150 -27.36 -29.68 -42.66
C GLU D 150 -28.82 -29.63 -43.07
N LYS D 151 -29.58 -30.71 -42.81
CA LYS D 151 -30.97 -30.77 -43.27
C LYS D 151 -31.85 -29.68 -42.64
N ASP D 152 -31.49 -29.16 -41.47
CA ASP D 152 -32.27 -28.09 -40.83
C ASP D 152 -32.25 -26.77 -41.60
N ALA D 153 -31.35 -26.62 -42.57
CA ALA D 153 -31.30 -25.43 -43.37
C ALA D 153 -32.10 -25.54 -44.66
N LEU D 154 -32.59 -26.74 -45.00
CA LEU D 154 -33.33 -26.95 -46.25
C LEU D 154 -34.80 -26.60 -46.12
N GLN D 155 -35.10 -25.37 -45.67
CA GLN D 155 -36.47 -24.92 -45.56
C GLN D 155 -36.81 -23.92 -46.67
N PRO D 156 -38.06 -23.89 -47.14
CA PRO D 156 -38.41 -22.84 -48.10
C PRO D 156 -38.38 -21.49 -47.40
N GLY D 157 -38.07 -20.45 -48.18
CA GLY D 157 -38.00 -19.11 -47.62
C GLY D 157 -39.29 -18.65 -46.96
N ARG D 158 -40.42 -19.22 -47.38
CA ARG D 158 -41.70 -18.94 -46.72
C ARG D 158 -41.62 -19.10 -45.22
N ASN D 159 -40.72 -19.97 -44.72
CA ASN D 159 -40.56 -20.23 -43.29
C ASN D 159 -39.70 -19.20 -42.57
N LEU D 160 -39.24 -18.15 -43.27
CA LEU D 160 -38.32 -17.19 -42.68
C LEU D 160 -38.96 -16.45 -41.51
N VAL D 161 -38.22 -16.38 -40.40
CA VAL D 161 -38.63 -15.57 -39.25
C VAL D 161 -38.18 -14.13 -39.44
N ALA D 162 -37.00 -13.95 -40.01
CA ALA D 162 -36.47 -12.64 -40.28
C ALA D 162 -35.40 -12.78 -41.36
N ALA D 163 -35.23 -11.70 -42.13
CA ALA D 163 -34.25 -11.63 -43.20
C ALA D 163 -33.94 -10.16 -43.46
N GLY D 164 -32.79 -9.94 -44.07
CA GLY D 164 -32.40 -8.62 -44.52
C GLY D 164 -30.95 -8.59 -44.95
N TYR D 165 -30.44 -7.37 -45.08
CA TYR D 165 -29.09 -7.14 -45.57
C TYR D 165 -28.56 -5.85 -44.99
N ALA D 166 -27.24 -5.73 -44.94
CA ALA D 166 -26.57 -4.46 -44.70
C ALA D 166 -25.89 -4.05 -46.00
N LEU D 167 -26.06 -2.79 -46.37
CA LEU D 167 -25.42 -2.25 -47.56
C LEU D 167 -24.28 -1.36 -47.11
N TYR D 168 -23.05 -1.71 -47.51
CA TYR D 168 -21.87 -0.88 -47.31
C TYR D 168 -21.66 -0.05 -48.58
N GLY D 169 -22.46 1.02 -48.70
CA GLY D 169 -22.40 1.90 -49.85
C GLY D 169 -21.79 3.26 -49.50
N SER D 170 -22.38 4.33 -50.00
CA SER D 170 -21.93 5.64 -49.58
C SER D 170 -22.07 5.79 -48.07
N ALA D 171 -23.08 5.14 -47.49
CA ALA D 171 -23.18 4.95 -46.05
C ALA D 171 -23.57 3.50 -45.76
N THR D 172 -23.58 3.15 -44.48
CA THR D 172 -23.97 1.81 -44.08
C THR D 172 -25.42 1.81 -43.58
N MET D 173 -26.25 1.00 -44.23
CA MET D 173 -27.65 0.85 -43.88
C MET D 173 -27.96 -0.61 -43.63
N LEU D 174 -28.79 -0.84 -42.62
CA LEU D 174 -29.29 -2.16 -42.31
C LEU D 174 -30.77 -2.16 -42.65
N VAL D 175 -31.18 -3.11 -43.49
CA VAL D 175 -32.57 -3.30 -43.84
C VAL D 175 -33.04 -4.59 -43.18
N LEU D 176 -34.02 -4.49 -42.30
CA LEU D 176 -34.51 -5.64 -41.55
C LEU D 176 -35.97 -5.89 -41.90
N ALA D 177 -36.29 -7.12 -42.31
CA ALA D 177 -37.66 -7.52 -42.63
C ALA D 177 -38.09 -8.59 -41.64
N MET D 178 -39.27 -8.38 -41.04
CA MET D 178 -39.92 -9.37 -40.20
C MET D 178 -41.40 -9.38 -40.58
N ASP D 179 -42.23 -10.08 -39.81
CA ASP D 179 -43.65 -10.06 -40.15
C ASP D 179 -44.25 -8.67 -39.95
N CYS D 180 -43.72 -7.88 -39.02
CA CYS D 180 -44.16 -6.51 -38.85
C CYS D 180 -43.82 -5.65 -40.06
N GLY D 181 -42.98 -6.12 -40.97
CA GLY D 181 -42.66 -5.35 -42.15
C GLY D 181 -41.18 -5.07 -42.33
N VAL D 182 -40.86 -4.13 -43.21
CA VAL D 182 -39.48 -3.80 -43.55
C VAL D 182 -39.13 -2.47 -42.91
N ASN D 183 -37.97 -2.42 -42.28
CA ASN D 183 -37.47 -1.23 -41.61
C ASN D 183 -36.01 -0.98 -41.96
N CYS D 184 -35.65 0.29 -42.14
CA CYS D 184 -34.31 0.66 -42.59
C CYS D 184 -33.61 1.45 -41.51
N PHE D 185 -32.38 1.03 -41.20
CA PHE D 185 -31.57 1.62 -40.15
C PHE D 185 -30.24 2.11 -40.72
N MET D 186 -29.89 3.37 -40.41
CA MET D 186 -28.63 3.97 -40.81
C MET D 186 -27.61 3.87 -39.70
N LEU D 187 -26.43 3.36 -40.04
CA LEU D 187 -25.33 3.30 -39.06
C LEU D 187 -24.72 4.69 -38.89
N ASP D 188 -24.77 5.22 -37.66
CA ASP D 188 -24.06 6.44 -37.33
C ASP D 188 -22.66 6.04 -36.85
N PRO D 189 -21.62 6.22 -37.68
CA PRO D 189 -20.28 5.76 -37.28
C PRO D 189 -19.66 6.55 -36.16
N ALA D 190 -20.15 7.77 -35.88
CA ALA D 190 -19.60 8.54 -34.78
C ALA D 190 -19.91 7.88 -33.44
N ILE D 191 -20.99 7.09 -33.37
CA ILE D 191 -21.44 6.48 -32.13
C ILE D 191 -21.64 4.98 -32.25
N GLY D 192 -21.48 4.41 -33.45
CA GLY D 192 -21.69 2.99 -33.63
C GLY D 192 -23.09 2.56 -33.26
N GLU D 193 -24.10 3.30 -33.71
CA GLU D 193 -25.50 2.96 -33.51
C GLU D 193 -26.25 2.98 -34.83
N PHE D 194 -27.23 2.07 -34.95
CA PHE D 194 -28.13 2.04 -36.09
C PHE D 194 -29.36 2.86 -35.77
N ILE D 195 -29.57 3.92 -36.53
CA ILE D 195 -30.67 4.83 -36.30
C ILE D 195 -31.76 4.50 -37.29
N LEU D 196 -32.97 4.33 -36.79
CA LEU D 196 -34.13 4.06 -37.63
C LEU D 196 -34.46 5.29 -38.47
N VAL D 197 -34.43 5.15 -39.79
CA VAL D 197 -34.69 6.28 -40.69
C VAL D 197 -35.84 6.02 -41.67
N ASP D 198 -36.35 4.79 -41.79
CA ASP D 198 -37.49 4.47 -42.66
C ASP D 198 -38.33 3.39 -42.00
N LYS D 199 -39.53 3.75 -41.54
CA LYS D 199 -40.44 2.79 -40.92
C LYS D 199 -41.40 2.26 -41.98
N ASP D 200 -41.63 0.94 -41.96
CA ASP D 200 -42.67 0.25 -42.75
C ASP D 200 -42.59 0.60 -44.23
N VAL D 201 -41.46 0.24 -44.82
CA VAL D 201 -41.17 0.61 -46.20
C VAL D 201 -41.99 -0.25 -47.14
N LYS D 202 -42.48 0.34 -48.23
CA LYS D 202 -43.20 -0.36 -49.28
C LYS D 202 -42.64 0.06 -50.62
N ILE D 203 -42.55 -0.89 -51.56
CA ILE D 203 -42.03 -0.58 -52.88
C ILE D 203 -43.13 0.04 -53.73
N LYS D 204 -42.76 0.91 -54.67
CA LYS D 204 -43.72 1.47 -55.61
C LYS D 204 -44.39 0.36 -56.36
N LYS D 205 -45.68 0.56 -56.68
CA LYS D 205 -46.40 -0.44 -57.47
C LYS D 205 -45.73 -0.63 -58.82
N LYS D 206 -45.24 0.46 -59.44
CA LYS D 206 -44.55 0.30 -60.73
C LYS D 206 -43.34 1.22 -60.77
N GLY D 207 -42.25 0.71 -61.35
CA GLY D 207 -41.01 1.44 -61.45
C GLY D 207 -40.64 1.84 -62.87
N LYS D 208 -39.43 2.41 -63.00
CA LYS D 208 -38.95 2.96 -64.26
C LYS D 208 -37.52 2.54 -64.57
N ILE D 209 -37.02 1.51 -63.89
CA ILE D 209 -35.63 1.07 -63.98
C ILE D 209 -35.61 -0.44 -64.10
N TYR D 210 -34.78 -0.96 -65.01
CA TYR D 210 -34.58 -2.39 -65.11
C TYR D 210 -33.11 -2.73 -64.87
N SER D 211 -32.86 -3.89 -64.27
CA SER D 211 -31.51 -4.20 -63.81
C SER D 211 -31.14 -5.64 -64.14
N LEU D 212 -30.19 -5.80 -65.05
CA LEU D 212 -29.61 -7.10 -65.38
C LEU D 212 -28.35 -6.87 -66.21
N ASN D 213 -27.49 -7.88 -66.26
CA ASN D 213 -26.27 -7.79 -67.06
C ASN D 213 -26.60 -8.02 -68.53
N GLU D 214 -26.74 -6.94 -69.31
CA GLU D 214 -27.11 -7.09 -70.71
C GLU D 214 -25.96 -7.57 -71.58
N GLY D 215 -24.76 -7.71 -71.05
CA GLY D 215 -23.68 -8.30 -71.83
C GLY D 215 -23.91 -9.76 -72.12
N TYR D 216 -24.78 -10.42 -71.36
CA TYR D 216 -25.17 -11.81 -71.55
C TYR D 216 -26.28 -11.98 -72.59
N ALA D 217 -26.57 -10.95 -73.40
CA ALA D 217 -27.74 -11.01 -74.29
C ALA D 217 -27.71 -12.21 -75.23
N LYS D 218 -26.51 -12.60 -75.69
CA LYS D 218 -26.37 -13.76 -76.56
C LYS D 218 -26.99 -15.02 -75.96
N ASP D 219 -27.08 -15.10 -74.64
CA ASP D 219 -27.54 -16.30 -73.97
C ASP D 219 -28.91 -16.16 -73.36
N PHE D 220 -29.59 -15.02 -73.52
CA PHE D 220 -30.87 -14.80 -72.87
C PHE D 220 -31.92 -15.77 -73.37
N ASP D 221 -32.66 -16.33 -72.44
CA ASP D 221 -33.96 -16.93 -72.71
C ASP D 221 -34.80 -15.98 -73.57
N PRO D 222 -35.45 -16.47 -74.63
CA PRO D 222 -36.29 -15.61 -75.49
C PRO D 222 -37.29 -14.70 -74.80
N ALA D 223 -37.87 -15.11 -73.68
CA ALA D 223 -38.79 -14.26 -72.94
C ALA D 223 -38.07 -13.06 -72.32
N VAL D 224 -36.87 -13.27 -71.77
CA VAL D 224 -36.11 -12.15 -71.21
C VAL D 224 -35.75 -11.16 -72.31
N THR D 225 -35.33 -11.68 -73.47
CA THR D 225 -35.00 -10.83 -74.60
C THR D 225 -36.20 -9.96 -74.99
N GLU D 226 -37.40 -10.56 -75.04
CA GLU D 226 -38.56 -9.76 -75.40
C GLU D 226 -38.94 -8.80 -74.27
N TYR D 227 -38.81 -9.23 -73.02
CA TYR D 227 -39.19 -8.35 -71.92
C TYR D 227 -38.32 -7.10 -71.88
N ILE D 228 -37.01 -7.28 -71.99
CA ILE D 228 -36.11 -6.12 -71.92
C ILE D 228 -36.31 -5.22 -73.14
N GLN D 229 -36.50 -5.80 -74.32
CA GLN D 229 -36.78 -5.03 -75.52
C GLN D 229 -38.00 -4.13 -75.35
N ARG D 230 -39.02 -4.60 -74.62
CA ARG D 230 -40.18 -3.74 -74.40
C ARG D 230 -39.88 -2.60 -73.44
N LYS D 231 -38.94 -2.80 -72.50
CA LYS D 231 -38.58 -1.69 -71.63
C LYS D 231 -37.80 -0.63 -72.41
N LYS D 232 -37.00 -1.05 -73.38
CA LYS D 232 -36.25 -0.11 -74.21
C LYS D 232 -37.12 0.51 -75.31
N PHE D 233 -38.04 -0.27 -75.90
CA PHE D 233 -38.88 0.21 -77.01
C PHE D 233 -40.34 -0.01 -76.70
N PRO D 234 -40.94 0.81 -75.84
CA PRO D 234 -42.31 0.56 -75.42
C PRO D 234 -43.21 0.57 -76.63
N PRO D 235 -44.19 -0.33 -76.72
CA PRO D 235 -45.09 -0.27 -77.88
C PRO D 235 -45.89 1.03 -77.93
N ASP D 236 -46.30 1.54 -76.77
CA ASP D 236 -47.08 2.77 -76.67
C ASP D 236 -46.14 3.98 -76.65
N ASN D 237 -46.63 5.14 -76.22
CA ASN D 237 -45.84 6.36 -76.17
C ASN D 237 -45.21 6.59 -74.80
N SER D 238 -45.14 5.57 -73.96
CA SER D 238 -44.46 5.79 -72.70
C SER D 238 -42.95 5.89 -72.91
N ALA D 239 -42.30 6.48 -71.93
CA ALA D 239 -40.86 6.64 -71.98
C ALA D 239 -40.19 5.31 -71.69
N PRO D 240 -39.14 4.94 -72.42
CA PRO D 240 -38.44 3.70 -72.10
C PRO D 240 -37.86 3.77 -70.69
N TYR D 241 -37.64 2.60 -70.11
CA TYR D 241 -37.05 2.52 -68.79
C TYR D 241 -35.58 2.88 -68.82
N GLY D 242 -35.10 3.41 -67.69
CA GLY D 242 -33.67 3.51 -67.48
C GLY D 242 -33.08 2.16 -67.08
N ALA D 243 -31.81 1.98 -67.41
CA ALA D 243 -31.04 0.82 -67.01
C ALA D 243 -30.05 1.19 -65.90
N ARG D 244 -29.92 0.31 -64.91
CA ARG D 244 -28.91 0.38 -63.88
C ARG D 244 -28.48 -1.05 -63.59
N TYR D 245 -27.18 -1.26 -63.43
CA TYR D 245 -26.71 -2.60 -63.05
C TYR D 245 -25.35 -2.43 -62.41
N VAL D 246 -25.32 -2.45 -61.08
CA VAL D 246 -24.08 -2.35 -60.32
C VAL D 246 -23.25 -3.62 -60.43
N GLY D 247 -23.89 -4.77 -60.64
CA GLY D 247 -23.17 -6.02 -60.56
C GLY D 247 -22.99 -6.51 -59.14
N SER D 248 -23.52 -5.79 -58.16
CA SER D 248 -23.49 -6.22 -56.78
C SER D 248 -24.92 -6.32 -56.28
N MET D 249 -25.36 -7.54 -55.99
CA MET D 249 -26.78 -7.80 -55.77
C MET D 249 -27.37 -6.90 -54.70
N VAL D 250 -26.69 -6.76 -53.57
CA VAL D 250 -27.32 -6.04 -52.46
C VAL D 250 -27.61 -4.60 -52.88
N ALA D 251 -26.68 -3.98 -53.62
CA ALA D 251 -26.87 -2.60 -54.09
C ALA D 251 -27.99 -2.50 -55.11
N ASP D 252 -28.02 -3.40 -56.09
CA ASP D 252 -29.08 -3.37 -57.11
C ASP D 252 -30.46 -3.64 -56.49
N VAL D 253 -30.54 -4.57 -55.53
CA VAL D 253 -31.82 -4.82 -54.90
C VAL D 253 -32.26 -3.64 -54.04
N HIS D 254 -31.32 -3.02 -53.31
CA HIS D 254 -31.69 -1.87 -52.47
C HIS D 254 -32.15 -0.70 -53.33
N ARG D 255 -31.46 -0.44 -54.44
CA ARG D 255 -31.98 0.58 -55.34
C ARG D 255 -33.38 0.20 -55.80
N THR D 256 -33.56 -1.07 -56.19
CA THR D 256 -34.89 -1.47 -56.64
C THR D 256 -35.92 -1.27 -55.53
N LEU D 257 -35.54 -1.57 -54.29
CA LEU D 257 -36.47 -1.37 -53.19
C LEU D 257 -36.80 0.11 -53.02
N VAL D 258 -35.80 0.99 -53.06
CA VAL D 258 -36.01 2.40 -52.76
C VAL D 258 -36.69 3.12 -53.92
N TYR D 259 -36.34 2.81 -55.16
CA TYR D 259 -36.87 3.53 -56.31
C TYR D 259 -37.87 2.74 -57.15
N GLY D 260 -38.09 1.47 -56.85
CA GLY D 260 -38.98 0.64 -57.64
C GLY D 260 -38.33 0.15 -58.93
N GLY D 261 -39.04 -0.71 -59.64
CA GLY D 261 -38.53 -1.32 -60.85
C GLY D 261 -38.37 -2.83 -60.69
N ILE D 262 -37.45 -3.39 -61.48
CA ILE D 262 -37.31 -4.83 -61.62
C ILE D 262 -35.83 -5.17 -61.66
N PHE D 263 -35.46 -6.24 -60.95
CA PHE D 263 -34.11 -6.80 -60.96
C PHE D 263 -34.19 -8.22 -61.46
N LEU D 264 -33.31 -8.57 -62.38
CA LEU D 264 -33.35 -9.90 -62.98
C LEU D 264 -31.96 -10.51 -62.95
N TYR D 265 -31.87 -11.72 -62.42
CA TYR D 265 -30.77 -12.62 -62.74
C TYR D 265 -31.47 -13.90 -63.17
N PRO D 266 -31.91 -13.98 -64.42
CA PRO D 266 -32.79 -15.07 -64.86
C PRO D 266 -32.03 -16.30 -65.35
N ALA D 267 -32.77 -17.37 -65.55
CA ALA D 267 -32.24 -18.62 -66.09
C ALA D 267 -32.15 -18.57 -67.61
N ASN D 268 -31.11 -19.20 -68.17
CA ASN D 268 -30.99 -19.43 -69.60
C ASN D 268 -30.67 -20.89 -69.89
N LYS D 269 -30.33 -21.23 -71.13
CA LYS D 269 -29.95 -22.62 -71.41
C LYS D 269 -28.57 -22.96 -70.86
N LYS D 270 -27.71 -21.96 -70.66
CA LYS D 270 -26.41 -22.22 -70.01
C LYS D 270 -26.60 -22.44 -68.52
N SER D 271 -27.63 -21.83 -67.93
CA SER D 271 -27.87 -21.88 -66.49
C SER D 271 -29.35 -22.12 -66.23
N PRO D 272 -29.80 -23.38 -66.30
CA PRO D 272 -31.24 -23.64 -66.15
C PRO D 272 -31.76 -23.35 -64.76
N ASN D 273 -30.89 -23.20 -63.77
CA ASN D 273 -31.33 -22.76 -62.45
C ASN D 273 -30.77 -21.40 -62.04
N GLY D 274 -30.28 -20.58 -62.98
CA GLY D 274 -29.77 -19.29 -62.58
C GLY D 274 -28.42 -19.38 -61.90
N LYS D 275 -27.99 -18.25 -61.32
CA LYS D 275 -26.68 -18.14 -60.67
C LYS D 275 -26.71 -17.86 -59.17
N LEU D 276 -27.67 -17.12 -58.66
CA LEU D 276 -27.66 -16.76 -57.26
C LEU D 276 -28.07 -17.96 -56.39
N ARG D 277 -27.54 -18.01 -55.17
CA ARG D 277 -27.81 -19.15 -54.29
C ARG D 277 -29.11 -18.88 -53.54
N LEU D 278 -29.97 -19.88 -53.51
CA LEU D 278 -31.33 -19.71 -52.99
C LEU D 278 -31.31 -19.38 -51.49
N LEU D 279 -30.49 -20.09 -50.71
CA LEU D 279 -30.63 -19.99 -49.25
C LEU D 279 -30.27 -18.60 -48.73
N TYR D 280 -29.12 -18.07 -49.12
CA TYR D 280 -28.58 -16.86 -48.50
C TYR D 280 -28.46 -15.68 -49.45
N GLU D 281 -29.00 -15.77 -50.66
CA GLU D 281 -29.11 -14.62 -51.55
C GLU D 281 -30.55 -14.37 -52.02
N CYS D 282 -31.19 -15.36 -52.67
CA CYS D 282 -32.50 -15.17 -53.27
C CYS D 282 -33.61 -15.08 -52.23
N ASN D 283 -33.66 -16.01 -51.28
CA ASN D 283 -34.74 -15.97 -50.31
C ASN D 283 -34.77 -14.70 -49.45
N PRO D 284 -33.68 -14.27 -48.79
CA PRO D 284 -33.79 -13.06 -47.96
C PRO D 284 -34.20 -11.84 -48.78
N MET D 285 -33.76 -11.77 -50.04
CA MET D 285 -34.22 -10.69 -50.90
C MET D 285 -35.69 -10.87 -51.27
N ALA D 286 -36.08 -12.11 -51.59
CA ALA D 286 -37.49 -12.37 -51.85
C ALA D 286 -38.34 -12.05 -50.63
N TYR D 287 -37.83 -12.36 -49.44
CA TYR D 287 -38.57 -12.05 -48.23
C TYR D 287 -38.69 -10.54 -48.02
N VAL D 288 -37.58 -9.80 -48.15
CA VAL D 288 -37.67 -8.36 -47.99
C VAL D 288 -38.65 -7.78 -49.00
N MET D 289 -38.54 -8.21 -50.25
CA MET D 289 -39.45 -7.72 -51.29
C MET D 289 -40.90 -8.02 -50.93
N GLU D 290 -41.19 -9.24 -50.51
CA GLU D 290 -42.58 -9.54 -50.23
C GLU D 290 -43.08 -8.76 -49.01
N LYS D 291 -42.28 -8.64 -47.95
CA LYS D 291 -42.70 -7.80 -46.83
C LYS D 291 -42.82 -6.33 -47.22
N ALA D 292 -42.19 -5.92 -48.32
CA ALA D 292 -42.28 -4.55 -48.79
C ALA D 292 -43.35 -4.37 -49.85
N GLY D 293 -44.15 -5.39 -50.13
CA GLY D 293 -45.20 -5.24 -51.11
C GLY D 293 -44.79 -5.54 -52.53
N GLY D 294 -43.60 -6.10 -52.74
CA GLY D 294 -43.13 -6.48 -54.06
C GLY D 294 -43.28 -7.96 -54.31
N MET D 295 -42.65 -8.42 -55.40
CA MET D 295 -42.78 -9.80 -55.83
C MET D 295 -41.41 -10.39 -56.13
N ALA D 296 -41.36 -11.72 -56.12
CA ALA D 296 -40.11 -12.41 -56.37
C ALA D 296 -40.41 -13.80 -56.91
N THR D 297 -40.05 -14.05 -58.17
CA THR D 297 -40.37 -15.30 -58.87
C THR D 297 -39.12 -15.86 -59.55
N THR D 298 -39.11 -17.17 -59.74
CA THR D 298 -38.11 -17.79 -60.61
C THR D 298 -38.54 -17.82 -62.06
N GLY D 299 -39.73 -17.30 -62.35
CA GLY D 299 -40.36 -17.49 -63.63
C GLY D 299 -41.50 -18.46 -63.49
N LYS D 300 -41.25 -19.64 -62.92
CA LYS D 300 -42.29 -20.65 -62.74
C LYS D 300 -42.92 -20.66 -61.36
N GLU D 301 -42.31 -20.00 -60.38
CA GLU D 301 -42.91 -20.03 -59.04
C GLU D 301 -42.30 -18.90 -58.23
N ALA D 302 -42.94 -18.62 -57.10
CA ALA D 302 -42.35 -17.70 -56.16
C ALA D 302 -41.08 -18.32 -55.62
N VAL D 303 -40.05 -17.48 -55.48
CA VAL D 303 -38.78 -17.91 -54.90
C VAL D 303 -39.00 -18.49 -53.50
N LEU D 304 -39.90 -17.87 -52.71
CA LEU D 304 -40.14 -18.33 -51.35
C LEU D 304 -40.87 -19.66 -51.27
N ASP D 305 -41.49 -20.13 -52.35
CA ASP D 305 -42.12 -21.45 -52.31
C ASP D 305 -41.17 -22.56 -52.71
N VAL D 306 -40.00 -22.22 -53.23
CA VAL D 306 -39.07 -23.27 -53.64
C VAL D 306 -38.57 -24.03 -52.43
N ILE D 307 -38.59 -25.36 -52.52
CA ILE D 307 -38.13 -26.24 -51.45
C ILE D 307 -36.70 -26.68 -51.78
N PRO D 308 -35.70 -26.20 -51.06
CA PRO D 308 -34.32 -26.55 -51.41
C PRO D 308 -33.99 -27.99 -51.03
N THR D 309 -33.13 -28.60 -51.84
CA THR D 309 -32.57 -29.91 -51.64
C THR D 309 -31.07 -29.88 -51.38
N ASP D 310 -30.39 -28.78 -51.71
CA ASP D 310 -28.98 -28.61 -51.44
C ASP D 310 -28.77 -27.21 -50.86
N ILE D 311 -27.95 -27.09 -49.81
CA ILE D 311 -27.79 -25.79 -49.16
C ILE D 311 -27.14 -24.75 -50.07
N HIS D 312 -26.44 -25.17 -51.12
CA HIS D 312 -25.82 -24.25 -52.06
C HIS D 312 -26.49 -24.25 -53.44
N GLN D 313 -27.71 -24.77 -53.55
CA GLN D 313 -28.36 -24.80 -54.85
C GLN D 313 -28.71 -23.39 -55.31
N ARG D 314 -28.83 -23.21 -56.62
CA ARG D 314 -29.08 -21.93 -57.27
C ARG D 314 -30.56 -21.79 -57.62
N ALA D 315 -30.95 -20.54 -57.89
CA ALA D 315 -32.31 -20.24 -58.33
C ALA D 315 -32.25 -19.00 -59.20
N PRO D 316 -32.98 -18.96 -60.30
CA PRO D 316 -33.18 -17.68 -61.00
C PRO D 316 -34.10 -16.81 -60.18
N VAL D 317 -33.94 -15.51 -60.30
CA VAL D 317 -34.78 -14.64 -59.48
C VAL D 317 -35.10 -13.42 -60.32
N ILE D 318 -36.37 -13.03 -60.31
CA ILE D 318 -36.83 -11.77 -60.86
C ILE D 318 -37.63 -11.13 -59.75
N LEU D 319 -37.22 -9.93 -59.33
CA LEU D 319 -37.85 -9.33 -58.17
C LEU D 319 -38.05 -7.84 -58.39
N GLY D 320 -38.98 -7.27 -57.62
CA GLY D 320 -39.22 -5.84 -57.62
C GLY D 320 -40.67 -5.40 -57.54
N SER D 321 -40.94 -4.27 -58.19
CA SER D 321 -42.29 -3.73 -58.21
C SER D 321 -43.28 -4.72 -58.83
N PRO D 322 -44.47 -4.86 -58.23
CA PRO D 322 -45.40 -5.92 -58.69
C PRO D 322 -45.83 -5.77 -60.13
N ASP D 323 -46.21 -4.57 -60.58
CA ASP D 323 -46.59 -4.39 -61.97
C ASP D 323 -45.48 -4.82 -62.91
N ASP D 324 -44.23 -4.51 -62.56
CA ASP D 324 -43.13 -4.85 -63.45
C ASP D 324 -42.89 -6.36 -63.47
N VAL D 325 -42.97 -7.02 -62.30
CA VAL D 325 -42.81 -8.48 -62.21
C VAL D 325 -43.98 -9.20 -62.86
N LEU D 326 -45.21 -8.68 -62.66
CA LEU D 326 -46.36 -9.26 -63.34
C LEU D 326 -46.19 -9.16 -64.85
N GLU D 327 -45.71 -8.02 -65.36
CA GLU D 327 -45.45 -7.87 -66.80
C GLU D 327 -44.42 -8.87 -67.27
N PHE D 328 -43.35 -9.07 -66.49
CA PHE D 328 -42.36 -10.05 -66.91
C PHE D 328 -43.01 -11.42 -67.05
N LEU D 329 -43.81 -11.83 -66.06
CA LEU D 329 -44.42 -13.18 -66.09
C LEU D 329 -45.34 -13.33 -67.29
N LYS D 330 -46.01 -12.26 -67.69
CA LYS D 330 -46.83 -12.28 -68.90
C LYS D 330 -46.00 -12.51 -70.16
N VAL D 331 -44.85 -11.84 -70.30
CA VAL D 331 -43.95 -12.16 -71.41
C VAL D 331 -43.42 -13.58 -71.26
N TYR D 332 -43.14 -13.98 -70.01
CA TYR D 332 -42.58 -15.31 -69.74
C TYR D 332 -43.54 -16.42 -70.15
N GLU D 333 -44.82 -16.26 -69.79
CA GLU D 333 -45.80 -17.28 -70.16
C GLU D 333 -46.07 -17.26 -71.65
N LYS D 334 -45.94 -16.10 -72.29
CA LYS D 334 -46.06 -16.05 -73.75
C LYS D 334 -45.08 -17.01 -74.42
N HIS D 335 -43.90 -17.21 -73.86
CA HIS D 335 -42.91 -18.13 -74.40
C HIS D 335 -42.93 -19.50 -73.75
N SER D 336 -44.08 -19.94 -73.22
CA SER D 336 -44.15 -21.24 -72.51
C SER D 336 -45.10 -22.28 -73.14
N ASP E 10 2.15 -19.70 55.83
CA ASP E 10 3.09 -20.23 54.86
C ASP E 10 2.89 -19.70 53.44
N VAL E 11 3.98 -19.23 52.82
CA VAL E 11 3.95 -18.60 51.52
C VAL E 11 3.30 -19.49 50.48
N ASN E 12 2.63 -18.89 49.52
CA ASN E 12 1.98 -19.66 48.48
C ASN E 12 2.15 -18.93 47.16
N THR E 13 2.45 -19.68 46.10
CA THR E 13 2.48 -19.13 44.75
C THR E 13 1.20 -19.49 44.02
N LEU E 14 0.98 -18.85 42.87
CA LEU E 14 -0.18 -19.19 42.06
C LEU E 14 -0.11 -20.65 41.61
N THR E 15 1.06 -21.07 41.12
CA THR E 15 1.19 -22.42 40.61
C THR E 15 1.01 -23.47 41.70
N ARG E 16 1.65 -23.27 42.85
CA ARG E 16 1.47 -24.16 43.99
C ARG E 16 0.02 -24.23 44.42
N PHE E 17 -0.65 -23.08 44.51
CA PHE E 17 -2.03 -23.03 44.98
C PHE E 17 -2.94 -23.82 44.05
N VAL E 18 -2.78 -23.63 42.75
CA VAL E 18 -3.61 -24.34 41.79
C VAL E 18 -3.31 -25.83 41.82
N MET E 19 -2.03 -26.19 41.98
CA MET E 19 -1.70 -27.61 42.09
C MET E 19 -2.40 -28.26 43.28
N GLU E 20 -2.39 -27.60 44.44
CA GLU E 20 -2.99 -28.19 45.63
C GLU E 20 -4.51 -28.29 45.48
N GLU E 21 -5.16 -27.24 44.97
CA GLU E 21 -6.58 -27.31 44.69
C GLU E 21 -6.89 -28.37 43.65
N GLY E 22 -6.06 -28.47 42.61
CA GLY E 22 -6.26 -29.50 41.60
C GLY E 22 -6.10 -30.90 42.15
N ARG E 23 -5.12 -31.09 43.04
CA ARG E 23 -4.91 -32.40 43.65
C ARG E 23 -6.01 -32.74 44.66
N LYS E 24 -6.49 -31.74 45.41
CA LYS E 24 -7.62 -32.00 46.32
C LYS E 24 -8.81 -32.54 45.54
N ALA E 25 -9.14 -31.89 44.42
CA ALA E 25 -10.30 -32.30 43.63
C ALA E 25 -10.03 -33.53 42.77
N ARG E 26 -8.80 -34.06 42.78
CA ARG E 26 -8.46 -35.29 42.07
C ARG E 26 -8.73 -35.16 40.58
N GLY E 27 -8.40 -33.97 39.99
CA GLY E 27 -8.65 -33.73 38.59
C GLY E 27 -7.52 -34.22 37.68
N THR E 28 -7.77 -34.14 36.36
CA THR E 28 -6.83 -34.72 35.40
C THR E 28 -5.58 -33.87 35.22
N GLY E 29 -5.63 -32.59 35.58
CA GLY E 29 -4.52 -31.70 35.35
C GLY E 29 -4.71 -30.75 34.20
N GLU E 30 -5.77 -30.94 33.39
CA GLU E 30 -5.94 -30.09 32.22
C GLU E 30 -6.12 -28.62 32.63
N LEU E 31 -6.89 -28.33 33.67
CA LEU E 31 -7.11 -26.94 34.06
C LEU E 31 -5.85 -26.33 34.63
N THR E 32 -5.08 -27.12 35.42
CA THR E 32 -3.82 -26.63 35.96
C THR E 32 -2.85 -26.28 34.83
N GLN E 33 -2.76 -27.13 33.81
CA GLN E 33 -1.93 -26.82 32.65
C GLN E 33 -2.45 -25.58 31.95
N LEU E 34 -3.77 -25.46 31.87
CA LEU E 34 -4.36 -24.26 31.29
C LEU E 34 -3.93 -23.02 32.06
N LEU E 35 -4.14 -23.02 33.38
CA LEU E 35 -3.90 -21.82 34.17
C LEU E 35 -2.43 -21.43 34.19
N ASN E 36 -1.57 -22.42 34.38
CA ASN E 36 -0.15 -22.13 34.38
C ASN E 36 0.27 -21.49 33.07
N SER E 37 -0.22 -22.02 31.95
CA SER E 37 0.09 -21.46 30.64
C SER E 37 -0.36 -20.02 30.57
N LEU E 38 -1.55 -19.73 31.08
CA LEU E 38 -2.08 -18.37 31.09
C LEU E 38 -1.20 -17.44 31.93
N CYS E 39 -0.81 -17.90 33.11
CA CYS E 39 0.06 -17.14 34.01
C CYS E 39 1.37 -16.77 33.32
N THR E 40 1.95 -17.69 32.54
CA THR E 40 3.14 -17.34 31.78
C THR E 40 2.85 -16.23 30.77
N ALA E 41 1.72 -16.33 30.06
CA ALA E 41 1.33 -15.29 29.13
C ALA E 41 1.17 -13.94 29.84
N VAL E 42 0.61 -13.96 31.06
CA VAL E 42 0.38 -12.71 31.77
C VAL E 42 1.70 -12.08 32.18
N LYS E 43 2.67 -12.89 32.60
CA LYS E 43 3.98 -12.36 32.96
C LYS E 43 4.69 -11.76 31.76
N ALA E 44 4.53 -12.39 30.58
CA ALA E 44 5.12 -11.86 29.37
C ALA E 44 4.48 -10.54 28.97
N ILE E 45 3.14 -10.47 29.07
CA ILE E 45 2.41 -9.23 28.78
C ILE E 45 2.86 -8.13 29.72
N SER E 46 2.91 -8.43 31.02
CA SER E 46 3.31 -7.43 32.01
C SER E 46 4.70 -6.85 31.71
N SER E 47 5.64 -7.70 31.34
CA SER E 47 6.97 -7.25 30.96
C SER E 47 6.91 -6.24 29.81
N ALA E 48 6.11 -6.54 28.78
CA ALA E 48 6.02 -5.68 27.62
C ALA E 48 5.30 -4.37 27.94
N VAL E 49 4.28 -4.43 28.79
CA VAL E 49 3.52 -3.22 29.12
C VAL E 49 4.37 -2.26 29.94
N ARG E 50 5.24 -2.81 30.82
CA ARG E 50 6.18 -1.98 31.57
C ARG E 50 7.37 -1.57 30.71
N LYS E 51 7.35 -1.93 29.43
CA LYS E 51 8.23 -1.42 28.38
C LYS E 51 9.65 -1.98 28.46
N ALA E 52 9.79 -3.23 28.91
CA ALA E 52 11.10 -3.87 28.88
C ALA E 52 11.63 -3.95 27.45
N GLY E 53 12.86 -3.50 27.25
CA GLY E 53 13.48 -3.53 25.94
C GLY E 53 13.17 -2.37 25.02
N ILE E 54 12.48 -1.34 25.53
CA ILE E 54 12.12 -0.20 24.69
C ILE E 54 13.35 0.55 24.20
N ALA E 55 14.46 0.50 24.94
CA ALA E 55 15.68 1.15 24.46
C ALA E 55 16.11 0.57 23.12
N HIS E 56 15.80 -0.70 22.88
CA HIS E 56 16.08 -1.34 21.60
C HIS E 56 15.17 -0.81 20.49
N LEU E 57 13.93 -0.46 20.79
CA LEU E 57 13.09 0.20 19.79
C LEU E 57 13.63 1.57 19.40
N TYR E 58 14.38 2.22 20.30
CA TYR E 58 14.85 3.58 20.06
C TYR E 58 16.32 3.62 19.64
N GLY E 59 16.87 2.51 19.16
CA GLY E 59 18.16 2.53 18.51
C GLY E 59 19.34 2.40 19.42
N ILE E 60 19.22 1.73 20.56
CA ILE E 60 20.35 1.64 21.47
C ILE E 60 21.50 0.86 20.85
N ALA E 61 21.18 -0.09 19.95
CA ALA E 61 22.20 -0.83 19.20
C ALA E 61 22.15 -0.49 17.71
N GLY E 62 21.62 0.69 17.37
CA GLY E 62 21.44 1.10 15.99
C GLY E 62 20.17 0.54 15.36
N VAL E 71 7.26 -1.26 15.90
CA VAL E 71 5.87 -1.01 15.58
C VAL E 71 5.11 -2.34 15.44
N LYS E 72 5.19 -3.17 16.48
CA LYS E 72 4.22 -4.24 16.74
C LYS E 72 3.35 -3.76 17.90
N LYS E 73 2.11 -3.39 17.60
CA LYS E 73 1.19 -2.89 18.61
C LYS E 73 1.16 -3.78 19.84
N LEU E 74 1.00 -3.17 21.00
CA LEU E 74 1.06 -3.93 22.25
C LEU E 74 -0.09 -4.93 22.32
N ASP E 75 -1.29 -4.53 21.87
CA ASP E 75 -2.44 -5.41 21.96
C ASP E 75 -2.34 -6.60 21.00
N VAL E 76 -1.70 -6.41 19.85
CA VAL E 76 -1.43 -7.56 18.99
C VAL E 76 -0.44 -8.49 19.68
N LEU E 77 0.60 -7.94 20.31
CA LEU E 77 1.53 -8.76 21.06
C LEU E 77 0.83 -9.50 22.21
N SER E 78 -0.07 -8.82 22.93
CA SER E 78 -0.81 -9.49 24.00
C SER E 78 -1.63 -10.66 23.47
N ASN E 79 -2.30 -10.47 22.33
CA ASN E 79 -3.13 -11.52 21.76
C ASN E 79 -2.32 -12.75 21.35
N ASP E 80 -1.17 -12.54 20.70
CA ASP E 80 -0.35 -13.69 20.29
C ASP E 80 0.11 -14.50 21.50
N LEU E 81 0.45 -13.81 22.60
CA LEU E 81 0.93 -14.49 23.79
C LEU E 81 -0.12 -15.42 24.37
N VAL E 82 -1.35 -14.94 24.54
CA VAL E 82 -2.40 -15.78 25.08
C VAL E 82 -2.71 -16.92 24.10
N MET E 83 -2.93 -16.55 22.83
CA MET E 83 -3.26 -17.53 21.80
C MET E 83 -2.22 -18.62 21.76
N ASN E 84 -0.95 -18.24 21.73
CA ASN E 84 0.09 -19.26 21.60
C ASN E 84 0.21 -20.08 22.87
N MET E 85 0.04 -19.45 24.04
CA MET E 85 0.17 -20.20 25.29
C MET E 85 -1.02 -21.12 25.53
N LEU E 86 -2.24 -20.68 25.20
CA LEU E 86 -3.39 -21.56 25.35
C LEU E 86 -3.34 -22.74 24.37
N LYS E 87 -3.04 -22.47 23.09
CA LYS E 87 -2.96 -23.56 22.11
C LYS E 87 -1.95 -24.60 22.54
N SER E 88 -0.77 -24.16 22.99
CA SER E 88 0.29 -25.06 23.41
C SER E 88 0.01 -25.69 24.76
N SER E 89 -1.14 -25.37 25.37
CA SER E 89 -1.48 -25.96 26.66
C SER E 89 -2.09 -27.34 26.49
N PHE E 90 -2.54 -27.67 25.28
CA PHE E 90 -3.27 -28.92 25.00
C PHE E 90 -4.53 -29.04 25.82
N ALA E 91 -5.02 -27.91 26.32
CA ALA E 91 -6.17 -27.92 27.21
C ALA E 91 -7.34 -27.15 26.67
N THR E 92 -7.22 -26.57 25.48
CA THR E 92 -8.26 -25.72 24.94
C THR E 92 -8.74 -26.28 23.61
N CYS E 93 -9.95 -25.89 23.21
CA CYS E 93 -10.50 -26.26 21.91
C CYS E 93 -11.16 -25.12 21.17
N VAL E 94 -11.66 -24.09 21.87
CA VAL E 94 -12.26 -22.91 21.25
C VAL E 94 -11.75 -21.69 21.99
N LEU E 95 -11.28 -20.70 21.24
CA LEU E 95 -10.71 -19.47 21.76
C LEU E 95 -11.47 -18.28 21.19
N VAL E 96 -11.97 -17.44 22.08
CA VAL E 96 -12.66 -16.21 21.69
C VAL E 96 -11.90 -15.03 22.26
N SER E 97 -11.60 -14.05 21.41
CA SER E 97 -10.80 -12.89 21.79
C SER E 97 -11.45 -11.60 21.29
N GLU E 98 -11.32 -10.53 22.09
CA GLU E 98 -11.74 -9.19 21.64
C GLU E 98 -11.11 -8.83 20.30
N GLU E 99 -9.95 -9.39 19.98
CA GLU E 99 -9.16 -9.00 18.82
C GLU E 99 -9.46 -9.82 17.55
N ASP E 100 -10.31 -10.84 17.61
CA ASP E 100 -10.55 -11.72 16.46
C ASP E 100 -12.01 -11.71 16.04
N LYS E 101 -12.22 -11.55 14.73
CA LYS E 101 -13.58 -11.47 14.21
C LYS E 101 -14.35 -12.76 14.49
N HIS E 102 -13.70 -13.92 14.36
CA HIS E 102 -14.32 -15.21 14.61
C HIS E 102 -13.59 -15.97 15.71
N ALA E 103 -14.32 -16.87 16.36
CA ALA E 103 -13.67 -17.76 17.33
C ALA E 103 -12.62 -18.58 16.63
N ILE E 104 -11.51 -18.82 17.32
CA ILE E 104 -10.44 -19.64 16.80
C ILE E 104 -10.64 -21.07 17.25
N ILE E 105 -10.47 -22.01 16.32
CA ILE E 105 -10.58 -23.43 16.61
C ILE E 105 -9.17 -23.99 16.71
N VAL E 106 -8.84 -24.55 17.87
CA VAL E 106 -7.52 -25.17 18.07
C VAL E 106 -7.40 -26.40 17.17
N GLU E 107 -6.21 -26.59 16.61
CA GLU E 107 -5.99 -27.73 15.73
C GLU E 107 -6.21 -29.04 16.48
N PRO E 108 -6.66 -30.10 15.79
CA PRO E 108 -7.03 -31.33 16.49
C PRO E 108 -5.93 -31.90 17.38
N GLU E 109 -4.67 -31.80 16.95
CA GLU E 109 -3.56 -32.41 17.70
C GLU E 109 -3.37 -31.77 19.08
N LYS E 110 -3.77 -30.50 19.25
CA LYS E 110 -3.60 -29.77 20.50
C LYS E 110 -4.90 -29.61 21.29
N ARG E 111 -6.00 -30.21 20.84
CA ARG E 111 -7.30 -29.93 21.43
C ARG E 111 -7.43 -30.52 22.82
N GLY E 112 -7.96 -29.72 23.75
CA GLY E 112 -8.40 -30.16 25.04
C GLY E 112 -9.87 -29.81 25.21
N LYS E 113 -10.37 -29.74 26.43
CA LYS E 113 -11.81 -29.70 26.69
C LYS E 113 -12.32 -28.35 27.18
N TYR E 114 -11.50 -27.32 27.21
CA TYR E 114 -11.91 -26.05 27.77
C TYR E 114 -12.06 -25.03 26.67
N VAL E 115 -13.04 -24.13 26.85
CA VAL E 115 -13.27 -22.97 26.00
C VAL E 115 -12.90 -21.74 26.82
N VAL E 116 -12.10 -20.85 26.23
CA VAL E 116 -11.59 -19.67 26.91
C VAL E 116 -11.96 -18.42 26.13
N CYS E 117 -12.61 -17.48 26.82
CA CYS E 117 -12.90 -16.16 26.30
C CYS E 117 -12.03 -15.16 27.03
N PHE E 118 -11.41 -14.25 26.28
CA PHE E 118 -10.51 -13.32 26.92
C PHE E 118 -10.47 -12.00 26.17
N ASP E 119 -10.19 -10.94 26.92
CA ASP E 119 -9.76 -9.67 26.35
C ASP E 119 -8.27 -9.50 26.69
N PRO E 120 -7.36 -9.64 25.72
CA PRO E 120 -5.93 -9.69 26.07
C PRO E 120 -5.34 -8.36 26.57
N LEU E 121 -5.94 -7.22 26.25
CA LEU E 121 -5.38 -5.99 26.78
C LEU E 121 -6.50 -4.94 26.83
N ASP E 122 -7.35 -5.06 27.85
CA ASP E 122 -8.47 -4.13 27.95
C ASP E 122 -7.99 -2.76 28.42
N GLY E 123 -8.61 -1.71 27.90
CA GLY E 123 -8.17 -0.37 28.17
C GLY E 123 -7.00 0.10 27.33
N SER E 124 -6.50 -0.73 26.41
CA SER E 124 -5.30 -0.38 25.64
C SER E 124 -5.54 0.80 24.70
N SER E 125 -6.80 1.18 24.46
CA SER E 125 -7.08 2.35 23.64
C SER E 125 -6.52 3.60 24.27
N ASN E 126 -6.39 3.62 25.60
CA ASN E 126 -5.86 4.76 26.32
C ASN E 126 -4.49 4.48 26.93
N ILE E 127 -3.76 3.49 26.39
CA ILE E 127 -2.45 3.13 26.95
C ILE E 127 -1.37 4.17 26.66
N ASP E 128 -1.64 5.15 25.78
CA ASP E 128 -0.69 6.24 25.50
C ASP E 128 -0.53 7.19 26.67
N CYS E 129 -1.49 7.25 27.58
CA CYS E 129 -1.36 8.07 28.78
C CYS E 129 -0.95 7.25 29.98
N LEU E 130 -0.54 5.99 29.77
CA LEU E 130 -0.04 5.12 30.81
C LEU E 130 -1.11 4.82 31.86
N VAL E 131 -2.37 4.85 31.43
CA VAL E 131 -3.45 4.40 32.28
C VAL E 131 -3.24 2.91 32.57
N SER E 132 -3.77 2.46 33.71
CA SER E 132 -3.80 1.04 33.99
C SER E 132 -4.52 0.28 32.87
N VAL E 133 -3.98 -0.88 32.52
CA VAL E 133 -4.61 -1.79 31.59
C VAL E 133 -4.62 -3.18 32.21
N GLY E 134 -5.22 -4.15 31.50
CA GLY E 134 -5.41 -5.46 32.07
C GLY E 134 -5.78 -6.51 31.05
N THR E 135 -5.70 -7.75 31.48
CA THR E 135 -6.13 -8.93 30.76
C THR E 135 -7.31 -9.53 31.49
N ILE E 136 -8.36 -9.94 30.75
CA ILE E 136 -9.55 -10.55 31.34
C ILE E 136 -9.76 -11.93 30.74
N PHE E 137 -10.21 -12.88 31.56
CA PHE E 137 -10.46 -14.21 30.99
C PHE E 137 -11.59 -14.94 31.71
N GLY E 138 -12.31 -15.76 30.95
CA GLY E 138 -13.29 -16.68 31.50
C GLY E 138 -13.15 -18.05 30.86
N ILE E 139 -13.26 -19.12 31.65
CA ILE E 139 -12.99 -20.47 31.19
C ILE E 139 -14.24 -21.32 31.36
N TYR E 140 -14.75 -21.85 30.25
CA TYR E 140 -15.90 -22.75 30.28
C TYR E 140 -15.43 -24.14 29.85
N ARG E 141 -16.14 -25.14 30.34
CA ARG E 141 -15.98 -26.49 29.81
C ARG E 141 -16.83 -26.63 28.57
N LYS E 142 -16.28 -27.27 27.55
CA LYS E 142 -17.08 -27.61 26.38
C LYS E 142 -18.20 -28.57 26.77
N LYS E 143 -19.40 -28.30 26.27
CA LYS E 143 -20.58 -29.02 26.72
C LYS E 143 -20.90 -30.23 25.86
N SER E 144 -21.13 -30.03 24.56
CA SER E 144 -21.41 -31.17 23.71
C SER E 144 -20.13 -31.90 23.32
N THR E 145 -20.30 -33.07 22.71
CA THR E 145 -19.20 -33.82 22.14
C THR E 145 -19.10 -33.61 20.64
N ASP E 146 -19.85 -32.65 20.12
CA ASP E 146 -19.79 -32.26 18.71
C ASP E 146 -18.41 -31.70 18.35
N GLU E 147 -18.22 -31.51 17.05
CA GLU E 147 -17.04 -30.82 16.56
C GLU E 147 -16.97 -29.41 17.16
N PRO E 148 -15.79 -28.99 17.63
CA PRO E 148 -15.68 -27.64 18.22
C PRO E 148 -15.99 -26.58 17.18
N SER E 149 -16.72 -25.57 17.63
CA SER E 149 -17.08 -24.46 16.75
C SER E 149 -17.33 -23.25 17.65
N GLU E 150 -17.57 -22.12 17.00
CA GLU E 150 -17.89 -20.89 17.70
C GLU E 150 -19.06 -21.09 18.67
N LYS E 151 -19.93 -22.06 18.41
CA LYS E 151 -21.10 -22.28 19.24
C LYS E 151 -20.74 -22.65 20.68
N ASP E 152 -19.60 -23.30 20.90
CA ASP E 152 -19.25 -23.73 22.25
C ASP E 152 -18.93 -22.58 23.20
N ALA E 153 -18.71 -21.38 22.69
CA ALA E 153 -18.48 -20.25 23.57
C ALA E 153 -19.75 -19.51 23.92
N LEU E 154 -20.87 -19.83 23.28
CA LEU E 154 -22.13 -19.14 23.51
C LEU E 154 -22.86 -19.72 24.73
N GLN E 155 -22.14 -19.73 25.84
CA GLN E 155 -22.69 -20.22 27.09
C GLN E 155 -22.95 -19.06 28.06
N PRO E 156 -23.93 -19.20 28.93
CA PRO E 156 -24.16 -18.20 29.99
C PRO E 156 -23.05 -18.22 31.04
N GLY E 157 -22.91 -17.07 31.70
CA GLY E 157 -21.89 -16.94 32.74
C GLY E 157 -22.01 -17.93 33.88
N ARG E 158 -23.21 -18.43 34.16
CA ARG E 158 -23.39 -19.46 35.18
C ARG E 158 -22.47 -20.65 34.96
N ASN E 159 -22.06 -20.89 33.72
CA ASN E 159 -21.24 -22.03 33.34
C ASN E 159 -19.74 -21.86 33.59
N LEU E 160 -19.31 -20.73 34.15
CA LEU E 160 -17.87 -20.49 34.29
C LEU E 160 -17.22 -21.46 35.27
N VAL E 161 -16.12 -22.07 34.84
CA VAL E 161 -15.31 -22.89 35.73
C VAL E 161 -14.34 -22.01 36.53
N ALA E 162 -13.77 -21.00 35.88
CA ALA E 162 -12.85 -20.08 36.51
C ALA E 162 -12.83 -18.81 35.69
N ALA E 163 -12.56 -17.71 36.36
CA ALA E 163 -12.54 -16.41 35.69
C ALA E 163 -11.71 -15.46 36.51
N GLY E 164 -11.24 -14.43 35.84
CA GLY E 164 -10.52 -13.39 36.54
C GLY E 164 -9.82 -12.46 35.58
N TYR E 165 -8.87 -11.74 36.13
CA TYR E 165 -8.17 -10.73 35.37
C TYR E 165 -6.77 -10.53 35.94
N ALA E 166 -5.91 -10.01 35.07
CA ALA E 166 -4.63 -9.45 35.46
C ALA E 166 -4.77 -7.95 35.33
N LEU E 167 -4.34 -7.24 36.36
CA LEU E 167 -4.30 -5.78 36.35
C LEU E 167 -2.85 -5.34 36.29
N TYR E 168 -2.48 -4.65 35.22
CA TYR E 168 -1.15 -4.06 35.10
C TYR E 168 -1.26 -2.60 35.54
N GLY E 169 -1.25 -2.39 36.86
CA GLY E 169 -1.38 -1.06 37.43
C GLY E 169 -0.07 -0.54 38.01
N SER E 170 -0.10 0.10 39.19
CA SER E 170 1.15 0.43 39.88
C SER E 170 1.96 -0.82 40.22
N ALA E 171 1.29 -1.95 40.42
CA ALA E 171 1.93 -3.27 40.42
C ALA E 171 1.10 -4.15 39.50
N THR E 172 1.59 -5.37 39.24
CA THR E 172 0.86 -6.36 38.46
C THR E 172 0.21 -7.36 39.42
N MET E 173 -1.10 -7.52 39.32
CA MET E 173 -1.83 -8.45 40.16
C MET E 173 -2.72 -9.32 39.30
N LEU E 174 -2.80 -10.60 39.67
CA LEU E 174 -3.73 -11.53 39.07
C LEU E 174 -4.77 -11.88 40.10
N VAL E 175 -6.04 -11.63 39.76
CA VAL E 175 -7.18 -11.99 40.58
C VAL E 175 -7.85 -13.22 39.97
N LEU E 176 -7.90 -14.33 40.71
CA LEU E 176 -8.45 -15.58 40.21
C LEU E 176 -9.69 -16.00 40.99
N ALA E 177 -10.80 -16.22 40.28
CA ALA E 177 -12.05 -16.63 40.90
C ALA E 177 -12.43 -18.01 40.41
N MET E 178 -12.68 -18.92 41.35
CA MET E 178 -13.19 -20.25 41.07
C MET E 178 -14.27 -20.54 42.08
N ASP E 179 -14.71 -21.78 42.11
CA ASP E 179 -15.76 -22.17 43.05
C ASP E 179 -15.29 -22.07 44.49
N CYS E 180 -14.02 -22.32 44.75
CA CYS E 180 -13.51 -22.07 46.08
C CYS E 180 -13.45 -20.58 46.44
N GLY E 181 -13.66 -19.67 45.49
CA GLY E 181 -13.68 -18.24 45.78
C GLY E 181 -12.67 -17.38 45.04
N VAL E 182 -12.46 -16.15 45.50
CA VAL E 182 -11.57 -15.20 44.84
C VAL E 182 -10.28 -15.09 45.63
N ASN E 183 -9.15 -15.10 44.92
CA ASN E 183 -7.82 -14.96 45.49
C ASN E 183 -6.97 -14.06 44.62
N CYS E 184 -6.13 -13.24 45.29
CA CYS E 184 -5.33 -12.21 44.65
C CYS E 184 -3.85 -12.53 44.77
N PHE E 185 -3.14 -12.46 43.64
CA PHE E 185 -1.74 -12.82 43.58
C PHE E 185 -0.96 -11.62 43.07
N MET E 186 0.12 -11.28 43.77
CA MET E 186 0.96 -10.16 43.37
C MET E 186 2.14 -10.68 42.57
N LEU E 187 2.38 -10.11 41.40
CA LEU E 187 3.58 -10.46 40.65
C LEU E 187 4.77 -9.78 41.32
N ASP E 188 5.74 -10.59 41.78
CA ASP E 188 7.05 -10.10 42.22
C ASP E 188 7.96 -10.11 41.00
N PRO E 189 8.20 -8.95 40.40
CA PRO E 189 8.95 -8.93 39.15
C PRO E 189 10.41 -9.33 39.33
N ALA E 190 10.94 -9.21 40.55
CA ALA E 190 12.32 -9.63 40.82
C ALA E 190 12.51 -11.14 40.62
N ILE E 191 11.46 -11.95 40.76
CA ILE E 191 11.64 -13.38 40.63
C ILE E 191 10.66 -13.99 39.64
N GLY E 192 9.72 -13.19 39.15
CA GLY E 192 8.70 -13.71 38.25
C GLY E 192 7.79 -14.78 38.82
N GLU E 193 7.25 -14.57 40.02
CA GLU E 193 6.27 -15.47 40.63
C GLU E 193 5.08 -14.67 41.13
N PHE E 194 3.89 -15.25 41.03
CA PHE E 194 2.68 -14.65 41.59
C PHE E 194 2.50 -15.11 43.03
N ILE E 195 2.56 -14.17 43.96
CA ILE E 195 2.57 -14.46 45.40
C ILE E 195 1.15 -14.27 45.91
N LEU E 196 0.63 -15.28 46.61
CA LEU E 196 -0.69 -15.18 47.20
C LEU E 196 -0.68 -14.13 48.29
N VAL E 197 -1.47 -13.07 48.12
CA VAL E 197 -1.46 -11.96 49.07
C VAL E 197 -2.84 -11.67 49.66
N ASP E 198 -3.91 -12.23 49.10
CA ASP E 198 -5.26 -11.99 49.61
C ASP E 198 -6.06 -13.27 49.39
N LYS E 199 -6.36 -13.98 50.47
CA LYS E 199 -7.08 -15.25 50.41
C LYS E 199 -8.57 -14.99 50.58
N ASP E 200 -9.37 -15.66 49.77
CA ASP E 200 -10.82 -15.65 49.93
C ASP E 200 -11.39 -14.24 50.06
N VAL E 201 -11.19 -13.43 49.04
CA VAL E 201 -11.56 -12.01 49.09
C VAL E 201 -13.07 -11.87 49.05
N LYS E 202 -13.59 -10.88 49.79
CA LYS E 202 -15.01 -10.54 49.82
C LYS E 202 -15.20 -9.02 49.71
N ILE E 203 -16.21 -8.59 48.98
CA ILE E 203 -16.48 -7.16 48.81
C ILE E 203 -17.28 -6.60 49.99
N LYS E 204 -17.08 -5.32 50.28
CA LYS E 204 -17.88 -4.59 51.29
C LYS E 204 -19.36 -4.62 50.92
N LYS E 205 -20.20 -4.64 51.96
CA LYS E 205 -21.65 -4.64 51.75
C LYS E 205 -22.10 -3.37 51.05
N LYS E 206 -21.56 -2.22 51.46
CA LYS E 206 -21.90 -0.97 50.82
C LYS E 206 -20.65 -0.11 50.80
N GLY E 207 -20.45 0.60 49.69
CA GLY E 207 -19.29 1.43 49.50
C GLY E 207 -19.62 2.91 49.43
N LYS E 208 -18.59 3.69 49.10
CA LYS E 208 -18.66 5.16 49.06
C LYS E 208 -18.14 5.69 47.74
N ILE E 209 -18.06 4.84 46.72
CA ILE E 209 -17.52 5.24 45.42
C ILE E 209 -18.49 4.74 44.36
N TYR E 210 -18.88 5.62 43.45
CA TYR E 210 -19.62 5.22 42.25
C TYR E 210 -18.76 5.52 41.04
N SER E 211 -18.90 4.70 39.99
CA SER E 211 -17.97 4.76 38.88
C SER E 211 -18.74 4.64 37.58
N LEU E 212 -18.77 5.73 36.83
CA LEU E 212 -19.34 5.76 35.50
C LEU E 212 -18.88 7.05 34.83
N ASN E 213 -19.00 7.08 33.50
CA ASN E 213 -18.66 8.24 32.68
C ASN E 213 -19.81 9.25 32.71
N GLU E 214 -19.68 10.30 33.52
CA GLU E 214 -20.76 11.27 33.60
C GLU E 214 -20.84 12.19 32.39
N GLY E 215 -19.90 12.08 31.44
CA GLY E 215 -19.99 12.82 30.20
C GLY E 215 -21.09 12.36 29.29
N TYR E 216 -21.58 11.14 29.47
CA TYR E 216 -22.71 10.63 28.72
C TYR E 216 -24.05 11.01 29.37
N ALA E 217 -24.05 11.97 30.29
CA ALA E 217 -25.26 12.29 31.04
C ALA E 217 -26.43 12.65 30.13
N LYS E 218 -26.15 13.31 29.00
CA LYS E 218 -27.19 13.70 28.05
C LYS E 218 -28.03 12.50 27.58
N ASP E 219 -27.48 11.29 27.62
CA ASP E 219 -28.16 10.09 27.13
C ASP E 219 -28.61 9.14 28.24
N PHE E 220 -28.47 9.51 29.51
CA PHE E 220 -28.79 8.59 30.58
C PHE E 220 -30.27 8.22 30.61
N ASP E 221 -30.53 6.93 30.77
CA ASP E 221 -31.79 6.45 31.31
C ASP E 221 -32.14 7.25 32.55
N PRO E 222 -33.40 7.70 32.71
CA PRO E 222 -33.78 8.40 33.94
C PRO E 222 -33.41 7.67 35.22
N ALA E 223 -33.39 6.33 35.20
CA ALA E 223 -33.02 5.57 36.39
C ALA E 223 -31.57 5.85 36.81
N VAL E 224 -30.65 5.86 35.85
CA VAL E 224 -29.27 6.20 36.15
C VAL E 224 -29.18 7.62 36.66
N THR E 225 -29.89 8.53 36.00
CA THR E 225 -29.87 9.92 36.43
C THR E 225 -30.32 10.05 37.88
N GLU E 226 -31.39 9.34 38.25
CA GLU E 226 -31.88 9.41 39.63
C GLU E 226 -30.95 8.70 40.60
N TYR E 227 -30.39 7.56 40.21
CA TYR E 227 -29.50 6.87 41.15
C TYR E 227 -28.27 7.73 41.46
N ILE E 228 -27.67 8.33 40.43
CA ILE E 228 -26.47 9.13 40.67
C ILE E 228 -26.81 10.38 41.48
N GLN E 229 -27.97 11.00 41.20
CA GLN E 229 -28.37 12.20 41.93
C GLN E 229 -28.46 11.92 43.42
N ARG E 230 -28.99 10.76 43.80
CA ARG E 230 -29.08 10.41 45.21
C ARG E 230 -27.70 10.21 45.80
N LYS E 231 -26.73 9.80 44.97
CA LYS E 231 -25.37 9.63 45.45
C LYS E 231 -24.70 10.98 45.67
N LYS E 232 -25.00 11.98 44.83
CA LYS E 232 -24.45 13.31 45.03
C LYS E 232 -25.21 14.09 46.10
N PHE E 233 -26.53 13.93 46.18
CA PHE E 233 -27.36 14.70 47.11
C PHE E 233 -28.19 13.72 47.93
N PRO E 234 -27.56 13.07 48.91
CA PRO E 234 -28.24 11.99 49.63
C PRO E 234 -29.48 12.50 50.33
N PRO E 235 -30.58 11.75 50.25
CA PRO E 235 -31.81 12.19 50.94
C PRO E 235 -31.64 12.28 52.44
N ASP E 236 -30.92 11.33 53.03
CA ASP E 236 -30.74 11.29 54.47
C ASP E 236 -29.61 12.19 54.96
N ASN E 237 -29.19 13.16 54.15
CA ASN E 237 -28.11 14.08 54.49
C ASN E 237 -26.84 13.33 54.91
N SER E 238 -26.74 12.06 54.53
CA SER E 238 -25.51 11.30 54.70
C SER E 238 -24.46 11.83 53.74
N ALA E 239 -23.24 11.31 53.86
CA ALA E 239 -22.14 11.82 53.05
C ALA E 239 -22.33 11.43 51.58
N PRO E 240 -22.15 12.36 50.65
CA PRO E 240 -22.24 12.00 49.24
C PRO E 240 -21.12 11.04 48.87
N TYR E 241 -21.38 10.22 47.86
CA TYR E 241 -20.38 9.26 47.41
C TYR E 241 -19.24 9.98 46.70
N GLY E 242 -18.05 9.38 46.75
CA GLY E 242 -16.95 9.82 45.91
C GLY E 242 -17.08 9.30 44.49
N ALA E 243 -16.51 10.04 43.54
CA ALA E 243 -16.49 9.63 42.14
C ALA E 243 -15.09 9.18 41.72
N ARG E 244 -15.04 8.11 40.94
CA ARG E 244 -13.82 7.65 40.28
C ARG E 244 -14.19 7.09 38.92
N TYR E 245 -13.40 7.41 37.90
CA TYR E 245 -13.59 6.75 36.61
C TYR E 245 -12.27 6.75 35.85
N VAL E 246 -11.55 5.64 35.94
CA VAL E 246 -10.28 5.52 35.25
C VAL E 246 -10.53 5.41 33.75
N GLY E 247 -11.69 4.88 33.37
CA GLY E 247 -11.95 4.57 31.98
C GLY E 247 -11.36 3.26 31.51
N SER E 248 -10.77 2.47 32.41
CA SER E 248 -10.24 1.16 32.07
C SER E 248 -10.90 0.16 32.99
N MET E 249 -11.67 -0.77 32.41
CA MET E 249 -12.62 -1.57 33.18
C MET E 249 -11.95 -2.33 34.31
N VAL E 250 -10.80 -2.95 34.04
CA VAL E 250 -10.14 -3.76 35.06
C VAL E 250 -9.74 -2.91 36.25
N ALA E 251 -9.27 -1.70 35.99
CA ALA E 251 -8.87 -0.82 37.08
C ALA E 251 -10.10 -0.38 37.87
N ASP E 252 -11.17 0.00 37.18
CA ASP E 252 -12.37 0.44 37.88
C ASP E 252 -13.02 -0.71 38.64
N VAL E 253 -13.08 -1.90 38.04
CA VAL E 253 -13.68 -3.04 38.71
C VAL E 253 -12.85 -3.48 39.91
N HIS E 254 -11.52 -3.49 39.77
CA HIS E 254 -10.65 -3.91 40.87
C HIS E 254 -10.76 -2.98 42.07
N ARG E 255 -10.82 -1.66 41.84
CA ARG E 255 -11.05 -0.70 42.91
C ARG E 255 -12.36 -0.99 43.62
N THR E 256 -13.39 -1.33 42.84
CA THR E 256 -14.68 -1.67 43.41
C THR E 256 -14.58 -2.89 44.32
N LEU E 257 -13.80 -3.87 43.90
CA LEU E 257 -13.59 -5.07 44.71
C LEU E 257 -12.85 -4.74 46.00
N VAL E 258 -11.84 -3.85 45.93
CA VAL E 258 -10.97 -3.54 47.07
C VAL E 258 -11.63 -2.57 48.05
N TYR E 259 -12.32 -1.53 47.55
CA TYR E 259 -12.87 -0.51 48.42
C TYR E 259 -14.38 -0.53 48.49
N GLY E 260 -15.05 -1.35 47.68
CA GLY E 260 -16.50 -1.34 47.63
C GLY E 260 -17.04 -0.26 46.73
N GLY E 261 -18.37 -0.24 46.61
CA GLY E 261 -19.01 0.73 45.75
C GLY E 261 -19.73 0.09 44.58
N ILE E 262 -19.88 0.86 43.51
CA ILE E 262 -20.68 0.43 42.35
C ILE E 262 -19.98 0.92 41.10
N PHE E 263 -19.99 0.09 40.06
CA PHE E 263 -19.48 0.43 38.76
C PHE E 263 -20.61 0.28 37.77
N LEU E 264 -20.80 1.29 36.91
CA LEU E 264 -21.84 1.25 35.90
C LEU E 264 -21.25 1.61 34.55
N TYR E 265 -21.53 0.78 33.57
CA TYR E 265 -21.51 1.15 32.17
C TYR E 265 -22.89 0.76 31.68
N PRO E 266 -23.87 1.62 31.88
CA PRO E 266 -25.27 1.24 31.71
C PRO E 266 -25.75 1.39 30.27
N ALA E 267 -26.95 0.86 30.04
CA ALA E 267 -27.62 1.05 28.76
C ALA E 267 -28.28 2.42 28.74
N ASN E 268 -28.22 3.06 27.59
CA ASN E 268 -28.97 4.29 27.35
C ASN E 268 -29.79 4.13 26.08
N LYS E 269 -30.45 5.19 25.63
CA LYS E 269 -31.16 5.07 24.36
C LYS E 269 -30.21 5.09 23.16
N LYS E 270 -28.99 5.60 23.32
CA LYS E 270 -28.01 5.57 22.24
C LYS E 270 -27.39 4.18 22.05
N SER E 271 -27.28 3.38 23.12
CA SER E 271 -26.73 2.02 23.06
C SER E 271 -27.56 1.11 23.95
N PRO E 272 -28.69 0.60 23.45
CA PRO E 272 -29.65 -0.11 24.31
C PRO E 272 -29.13 -1.43 24.85
N ASN E 273 -28.02 -1.94 24.33
CA ASN E 273 -27.38 -3.13 24.89
C ASN E 273 -26.04 -2.82 25.54
N GLY E 274 -25.77 -1.56 25.82
CA GLY E 274 -24.51 -1.19 26.44
C GLY E 274 -23.36 -1.22 25.45
N LYS E 275 -22.15 -1.03 25.98
CA LYS E 275 -20.93 -0.95 25.19
C LYS E 275 -19.97 -2.09 25.44
N LEU E 276 -19.85 -2.55 26.69
CA LEU E 276 -18.91 -3.61 27.03
C LEU E 276 -19.40 -4.97 26.53
N ARG E 277 -18.47 -5.80 26.10
CA ARG E 277 -18.78 -7.08 25.50
C ARG E 277 -19.01 -8.14 26.57
N LEU E 278 -20.08 -8.92 26.40
CA LEU E 278 -20.53 -9.86 27.44
C LEU E 278 -19.55 -11.03 27.67
N LEU E 279 -19.08 -11.67 26.59
CA LEU E 279 -18.39 -12.96 26.73
C LEU E 279 -17.08 -12.83 27.51
N TYR E 280 -16.26 -11.83 27.18
CA TYR E 280 -14.91 -11.72 27.72
C TYR E 280 -14.67 -10.44 28.51
N GLU E 281 -15.71 -9.68 28.82
CA GLU E 281 -15.53 -8.59 29.76
C GLU E 281 -16.53 -8.73 30.90
N CYS E 282 -17.83 -8.71 30.57
CA CYS E 282 -18.86 -8.63 31.59
C CYS E 282 -18.94 -9.91 32.41
N ASN E 283 -19.01 -11.06 31.74
CA ASN E 283 -19.15 -12.32 32.48
C ASN E 283 -18.02 -12.56 33.48
N PRO E 284 -16.73 -12.53 33.11
CA PRO E 284 -15.71 -12.79 34.13
C PRO E 284 -15.73 -11.78 35.26
N MET E 285 -16.04 -10.52 34.96
CA MET E 285 -16.17 -9.55 36.04
C MET E 285 -17.40 -9.84 36.89
N ALA E 286 -18.51 -10.22 36.26
CA ALA E 286 -19.70 -10.64 37.02
C ALA E 286 -19.40 -11.87 37.88
N TYR E 287 -18.58 -12.77 37.36
CA TYR E 287 -18.24 -13.96 38.12
C TYR E 287 -17.35 -13.63 39.31
N VAL E 288 -16.27 -12.86 39.10
CA VAL E 288 -15.44 -12.48 40.24
C VAL E 288 -16.26 -11.76 41.29
N MET E 289 -17.10 -10.81 40.85
CA MET E 289 -17.95 -10.04 41.76
C MET E 289 -18.85 -10.96 42.57
N GLU E 290 -19.47 -11.93 41.91
CA GLU E 290 -20.40 -12.81 42.60
C GLU E 290 -19.69 -13.73 43.59
N LYS E 291 -18.58 -14.35 43.19
CA LYS E 291 -17.84 -15.19 44.13
C LYS E 291 -17.26 -14.38 45.29
N ALA E 292 -17.18 -13.06 45.14
CA ALA E 292 -16.70 -12.19 46.20
C ALA E 292 -17.83 -11.60 47.03
N GLY E 293 -19.07 -12.07 46.86
CA GLY E 293 -20.17 -11.55 47.63
C GLY E 293 -20.87 -10.33 47.05
N GLY E 294 -20.57 -9.95 45.82
CA GLY E 294 -21.22 -8.84 45.16
C GLY E 294 -22.27 -9.27 44.15
N MET E 295 -22.72 -8.31 43.36
CA MET E 295 -23.77 -8.57 42.39
C MET E 295 -23.40 -7.94 41.06
N ALA E 296 -24.11 -8.34 40.01
CA ALA E 296 -23.87 -7.80 38.67
C ALA E 296 -25.13 -8.01 37.83
N THR E 297 -25.79 -6.92 37.44
CA THR E 297 -27.05 -6.98 36.72
C THR E 297 -27.00 -6.08 35.49
N THR E 298 -27.83 -6.42 34.49
CA THR E 298 -28.07 -5.53 33.36
C THR E 298 -29.19 -4.55 33.66
N GLY E 299 -29.80 -4.66 34.83
CA GLY E 299 -31.03 -3.97 35.13
C GLY E 299 -32.19 -4.94 35.17
N LYS E 300 -32.32 -5.77 34.15
CA LYS E 300 -33.42 -6.73 34.11
C LYS E 300 -33.03 -8.14 34.56
N GLU E 301 -31.75 -8.48 34.58
CA GLU E 301 -31.34 -9.84 34.92
C GLU E 301 -29.88 -9.83 35.33
N ALA E 302 -29.46 -10.94 35.94
CA ALA E 302 -28.05 -11.15 36.23
C ALA E 302 -27.26 -11.31 34.94
N VAL E 303 -26.07 -10.68 34.91
CA VAL E 303 -25.17 -10.80 33.76
C VAL E 303 -24.91 -12.26 33.45
N LEU E 304 -24.70 -13.06 34.51
CA LEU E 304 -24.37 -14.47 34.33
C LEU E 304 -25.53 -15.28 33.76
N ASP E 305 -26.75 -14.73 33.79
CA ASP E 305 -27.93 -15.38 33.24
C ASP E 305 -28.23 -14.99 31.79
N VAL E 306 -27.56 -13.97 31.24
CA VAL E 306 -27.78 -13.60 29.85
C VAL E 306 -27.24 -14.70 28.94
N ILE E 307 -28.07 -15.09 27.98
CA ILE E 307 -27.74 -16.17 27.04
C ILE E 307 -27.14 -15.51 25.79
N PRO E 308 -25.85 -15.68 25.52
CA PRO E 308 -25.28 -15.02 24.35
C PRO E 308 -25.79 -15.64 23.06
N THR E 309 -25.98 -14.78 22.06
CA THR E 309 -26.36 -15.19 20.73
C THR E 309 -25.26 -14.93 19.71
N ASP E 310 -24.32 -14.04 20.04
CA ASP E 310 -23.16 -13.71 19.21
C ASP E 310 -21.96 -13.57 20.14
N ILE E 311 -20.79 -14.11 19.74
CA ILE E 311 -19.62 -14.10 20.64
C ILE E 311 -19.13 -12.69 20.97
N HIS E 312 -19.48 -11.68 20.15
CA HIS E 312 -19.08 -10.30 20.37
C HIS E 312 -20.22 -9.39 20.77
N GLN E 313 -21.34 -9.96 21.23
CA GLN E 313 -22.48 -9.14 21.62
C GLN E 313 -22.20 -8.35 22.90
N ARG E 314 -22.87 -7.19 23.02
CA ARG E 314 -22.66 -6.26 24.10
C ARG E 314 -23.71 -6.46 25.19
N ALA E 315 -23.42 -5.92 26.37
CA ALA E 315 -24.31 -6.02 27.51
C ALA E 315 -24.12 -4.79 28.39
N PRO E 316 -25.20 -4.23 28.93
CA PRO E 316 -25.05 -3.25 30.02
C PRO E 316 -24.69 -3.95 31.32
N VAL E 317 -23.94 -3.25 32.17
CA VAL E 317 -23.45 -3.88 33.40
C VAL E 317 -23.52 -2.88 34.55
N ILE E 318 -24.06 -3.34 35.68
CA ILE E 318 -24.02 -2.65 36.95
C ILE E 318 -23.50 -3.63 37.98
N LEU E 319 -22.34 -3.33 38.58
CA LEU E 319 -21.77 -4.29 39.51
C LEU E 319 -21.09 -3.56 40.66
N GLY E 320 -20.92 -4.29 41.76
CA GLY E 320 -20.20 -3.79 42.92
C GLY E 320 -20.81 -4.33 44.20
N SER E 321 -20.72 -3.51 45.24
CA SER E 321 -21.23 -3.88 46.56
C SER E 321 -22.73 -4.22 46.50
N PRO E 322 -23.16 -5.24 47.26
CA PRO E 322 -24.56 -5.68 47.16
C PRO E 322 -25.60 -4.62 47.51
N ASP E 323 -25.46 -3.93 48.64
CA ASP E 323 -26.44 -2.90 48.98
C ASP E 323 -26.53 -1.81 47.92
N ASP E 324 -25.40 -1.41 47.36
CA ASP E 324 -25.47 -0.38 46.33
C ASP E 324 -26.12 -0.89 45.07
N VAL E 325 -25.82 -2.12 44.66
CA VAL E 325 -26.45 -2.64 43.46
C VAL E 325 -27.95 -2.85 43.71
N LEU E 326 -28.32 -3.29 44.92
CA LEU E 326 -29.73 -3.40 45.27
C LEU E 326 -30.40 -2.02 45.28
N GLU E 327 -29.74 -1.03 45.85
CA GLU E 327 -30.26 0.33 45.84
C GLU E 327 -30.49 0.82 44.42
N PHE E 328 -29.56 0.51 43.51
CA PHE E 328 -29.75 0.87 42.12
C PHE E 328 -30.97 0.18 41.52
N LEU E 329 -31.10 -1.13 41.77
CA LEU E 329 -32.20 -1.89 41.21
C LEU E 329 -33.54 -1.38 41.71
N LYS E 330 -33.59 -0.89 42.95
CA LYS E 330 -34.82 -0.32 43.50
C LYS E 330 -35.21 0.96 42.75
N VAL E 331 -34.24 1.83 42.47
CA VAL E 331 -34.49 2.99 41.61
C VAL E 331 -34.88 2.56 40.21
N TYR E 332 -34.25 1.48 39.71
CA TYR E 332 -34.54 1.00 38.36
C TYR E 332 -35.98 0.53 38.24
N GLU E 333 -36.45 -0.24 39.23
CA GLU E 333 -37.82 -0.73 39.18
C GLU E 333 -38.82 0.40 39.34
N LYS E 334 -38.45 1.44 40.09
CA LYS E 334 -39.28 2.62 40.24
C LYS E 334 -39.68 3.22 38.90
N HIS E 335 -38.80 3.13 37.90
CA HIS E 335 -39.07 3.65 36.56
C HIS E 335 -39.60 2.59 35.60
N SER E 336 -40.31 1.58 36.12
CA SER E 336 -40.83 0.47 35.33
C SER E 336 -39.70 -0.26 34.60
N ASP F 10 18.94 9.37 16.71
CA ASP F 10 19.94 8.94 17.68
C ASP F 10 19.36 8.83 19.08
N VAL F 11 19.57 7.69 19.73
CA VAL F 11 18.99 7.46 21.04
C VAL F 11 19.57 8.46 22.06
N ASN F 12 18.73 8.84 23.02
CA ASN F 12 19.12 9.74 24.08
C ASN F 12 18.54 9.23 25.39
N THR F 13 19.35 9.31 26.43
CA THR F 13 18.91 9.00 27.78
C THR F 13 18.70 10.29 28.55
N LEU F 14 18.07 10.16 29.71
CA LEU F 14 17.87 11.31 30.58
C LEU F 14 19.20 11.92 31.00
N THR F 15 20.15 11.09 31.43
CA THR F 15 21.43 11.62 31.88
C THR F 15 22.21 12.27 30.74
N ARG F 16 22.29 11.59 29.60
CA ARG F 16 22.96 12.18 28.44
C ARG F 16 22.30 13.50 28.04
N PHE F 17 20.96 13.51 27.95
CA PHE F 17 20.23 14.70 27.54
C PHE F 17 20.51 15.86 28.48
N VAL F 18 20.45 15.60 29.79
CA VAL F 18 20.67 16.66 30.77
C VAL F 18 22.12 17.12 30.75
N MET F 19 23.09 16.19 30.68
CA MET F 19 24.48 16.60 30.57
C MET F 19 24.70 17.49 29.36
N GLU F 20 24.11 17.14 28.22
CA GLU F 20 24.36 17.90 26.99
C GLU F 20 23.80 19.31 27.08
N GLU F 21 22.57 19.46 27.59
CA GLU F 21 22.02 20.81 27.76
C GLU F 21 22.88 21.61 28.74
N GLY F 22 23.27 20.99 29.84
CA GLY F 22 24.09 21.69 30.82
C GLY F 22 25.41 22.12 30.25
N ARG F 23 25.98 21.32 29.35
CA ARG F 23 27.23 21.73 28.71
C ARG F 23 26.97 22.83 27.71
N LYS F 24 25.84 22.77 27.02
CA LYS F 24 25.47 23.88 26.15
C LYS F 24 25.45 25.20 26.92
N ALA F 25 24.87 25.19 28.12
CA ALA F 25 24.68 26.37 28.97
C ALA F 25 25.92 26.79 29.75
N ARG F 26 27.02 26.05 29.67
CA ARG F 26 28.26 26.43 30.36
C ARG F 26 28.03 26.60 31.87
N GLY F 27 27.16 25.74 32.46
CA GLY F 27 26.87 25.78 33.88
C GLY F 27 27.81 24.93 34.72
N THR F 28 27.69 25.06 36.04
CA THR F 28 28.64 24.38 36.92
C THR F 28 28.42 22.88 37.03
N GLY F 29 27.22 22.39 36.72
CA GLY F 29 26.92 20.99 36.87
C GLY F 29 26.06 20.64 38.06
N GLU F 30 25.82 21.57 38.97
CA GLU F 30 25.06 21.26 40.18
C GLU F 30 23.68 20.74 39.85
N LEU F 31 23.03 21.33 38.84
CA LEU F 31 21.69 20.90 38.48
C LEU F 31 21.70 19.50 37.87
N THR F 32 22.70 19.21 37.03
CA THR F 32 22.85 17.88 36.45
C THR F 32 23.08 16.83 37.55
N GLN F 33 23.88 17.16 38.57
CA GLN F 33 24.01 16.25 39.70
C GLN F 33 22.71 16.10 40.47
N LEU F 34 22.00 17.23 40.71
CA LEU F 34 20.70 17.14 41.36
C LEU F 34 19.77 16.25 40.57
N LEU F 35 19.64 16.52 39.27
CA LEU F 35 18.69 15.76 38.46
C LEU F 35 19.11 14.29 38.37
N ASN F 36 20.40 14.02 38.20
CA ASN F 36 20.85 12.63 38.16
C ASN F 36 20.54 11.93 39.48
N SER F 37 20.77 12.60 40.61
CA SER F 37 20.42 12.01 41.90
C SER F 37 18.93 11.71 42.00
N LEU F 38 18.09 12.65 41.57
CA LEU F 38 16.66 12.44 41.62
C LEU F 38 16.24 11.25 40.76
N CYS F 39 16.81 11.15 39.56
CA CYS F 39 16.51 10.03 38.66
C CYS F 39 16.80 8.70 39.36
N THR F 40 17.90 8.63 40.11
CA THR F 40 18.20 7.41 40.85
C THR F 40 17.11 7.10 41.88
N ALA F 41 16.69 8.11 42.64
CA ALA F 41 15.60 7.86 43.59
C ALA F 41 14.34 7.34 42.89
N VAL F 42 14.01 7.89 41.70
CA VAL F 42 12.77 7.51 41.01
C VAL F 42 12.82 6.05 40.54
N LYS F 43 13.98 5.60 40.06
CA LYS F 43 14.10 4.17 39.73
C LYS F 43 13.90 3.31 40.98
N ALA F 44 14.41 3.78 42.12
CA ALA F 44 14.22 3.05 43.36
C ALA F 44 12.76 3.03 43.76
N ILE F 45 12.07 4.16 43.66
CA ILE F 45 10.65 4.20 44.02
C ILE F 45 9.86 3.27 43.12
N SER F 46 10.09 3.37 41.81
CA SER F 46 9.43 2.50 40.83
C SER F 46 9.57 1.03 41.16
N SER F 47 10.80 0.60 41.47
CA SER F 47 11.05 -0.81 41.78
C SER F 47 10.25 -1.24 43.01
N ALA F 48 10.22 -0.40 44.04
CA ALA F 48 9.42 -0.76 45.20
C ALA F 48 7.92 -0.72 44.90
N VAL F 49 7.47 0.19 44.01
CA VAL F 49 6.04 0.31 43.71
C VAL F 49 5.53 -0.89 42.91
N ARG F 50 6.35 -1.43 42.00
CA ARG F 50 5.92 -2.62 41.28
C ARG F 50 6.09 -3.89 42.12
N LYS F 51 6.49 -3.74 43.39
CA LYS F 51 6.49 -4.78 44.41
C LYS F 51 7.65 -5.74 44.24
N ALA F 52 8.79 -5.23 43.77
CA ALA F 52 10.01 -6.02 43.71
C ALA F 52 10.42 -6.48 45.11
N GLY F 53 10.61 -7.80 45.26
CA GLY F 53 10.96 -8.38 46.53
C GLY F 53 9.82 -8.66 47.48
N ILE F 54 8.57 -8.54 47.03
CA ILE F 54 7.45 -8.77 47.96
C ILE F 54 7.41 -10.21 48.45
N ALA F 55 7.96 -11.15 47.68
CA ALA F 55 7.98 -12.55 48.09
C ALA F 55 8.66 -12.71 49.45
N HIS F 56 9.61 -11.84 49.76
CA HIS F 56 10.27 -11.95 51.05
C HIS F 56 9.35 -11.51 52.18
N LEU F 57 8.56 -10.45 51.97
CA LEU F 57 7.60 -10.04 53.00
C LEU F 57 6.59 -11.13 53.33
N TYR F 58 6.31 -12.02 52.38
CA TYR F 58 5.32 -13.06 52.58
C TYR F 58 5.98 -14.40 52.91
N GLY F 59 7.25 -14.35 53.31
CA GLY F 59 7.92 -15.49 53.90
C GLY F 59 8.58 -16.46 52.95
N ILE F 60 9.09 -16.01 51.81
CA ILE F 60 9.71 -16.98 50.90
C ILE F 60 10.92 -17.65 51.55
N ALA F 61 11.57 -16.96 52.49
CA ALA F 61 12.71 -17.50 53.23
C ALA F 61 12.39 -17.73 54.71
N GLY F 62 11.13 -17.95 55.05
CA GLY F 62 10.71 -18.12 56.43
C GLY F 62 10.49 -16.82 57.20
N LYS F 73 4.30 2.18 54.73
CA LYS F 73 5.74 2.08 54.58
C LYS F 73 6.18 2.70 53.26
N LEU F 74 5.45 2.39 52.18
CA LEU F 74 5.94 2.73 50.84
C LEU F 74 6.12 4.25 50.65
N ASP F 75 5.21 5.08 51.19
CA ASP F 75 5.40 6.52 51.03
C ASP F 75 6.51 7.05 51.95
N VAL F 76 6.73 6.42 53.09
CA VAL F 76 7.89 6.77 53.92
C VAL F 76 9.18 6.37 53.22
N LEU F 77 9.21 5.17 52.63
CA LEU F 77 10.37 4.73 51.88
C LEU F 77 10.67 5.66 50.71
N SER F 78 9.61 6.12 50.02
CA SER F 78 9.81 7.06 48.94
C SER F 78 10.45 8.34 49.44
N ASN F 79 10.00 8.83 50.60
CA ASN F 79 10.57 10.06 51.15
C ASN F 79 12.04 9.87 51.49
N ASP F 80 12.39 8.75 52.13
CA ASP F 80 13.79 8.51 52.51
C ASP F 80 14.68 8.41 51.29
N LEU F 81 14.20 7.74 50.23
CA LEU F 81 14.99 7.62 49.00
C LEU F 81 15.29 9.00 48.41
N VAL F 82 14.26 9.85 48.28
CA VAL F 82 14.48 11.18 47.72
C VAL F 82 15.36 12.00 48.65
N MET F 83 15.00 12.07 49.94
CA MET F 83 15.78 12.84 50.91
C MET F 83 17.25 12.43 50.87
N ASN F 84 17.51 11.13 50.88
CA ASN F 84 18.89 10.68 50.97
C ASN F 84 19.65 11.00 49.69
N MET F 85 19.01 10.84 48.53
CA MET F 85 19.71 11.05 47.27
C MET F 85 19.96 12.52 47.01
N LEU F 86 19.03 13.40 47.36
CA LEU F 86 19.24 14.83 47.21
C LEU F 86 20.29 15.35 48.21
N LYS F 87 20.18 14.96 49.47
CA LYS F 87 21.15 15.41 50.46
C LYS F 87 22.58 15.12 50.02
N SER F 88 22.82 13.90 49.55
CA SER F 88 24.15 13.44 49.13
C SER F 88 24.53 13.88 47.72
N SER F 89 23.70 14.71 47.07
CA SER F 89 24.02 15.21 45.74
C SER F 89 25.00 16.36 45.73
N PHE F 90 25.20 17.01 46.88
CA PHE F 90 26.00 18.23 47.02
C PHE F 90 25.43 19.38 46.20
N ALA F 91 24.13 19.33 45.86
CA ALA F 91 23.51 20.37 45.03
C ALA F 91 22.33 21.03 45.71
N THR F 92 21.96 20.64 46.92
CA THR F 92 20.78 21.18 47.57
C THR F 92 21.14 21.82 48.91
N CYS F 93 20.23 22.67 49.38
CA CYS F 93 20.32 23.30 50.69
C CYS F 93 19.00 23.33 51.45
N VAL F 94 17.86 23.30 50.79
CA VAL F 94 16.55 23.33 51.44
C VAL F 94 15.65 22.33 50.73
N LEU F 95 14.99 21.47 51.51
CA LEU F 95 14.10 20.43 50.99
C LEU F 95 12.74 20.51 51.67
N VAL F 96 11.68 20.54 50.86
CA VAL F 96 10.30 20.52 51.31
C VAL F 96 9.62 19.30 50.70
N SER F 97 8.95 18.51 51.55
CA SER F 97 8.34 17.26 51.18
C SER F 97 6.92 17.22 51.74
N GLU F 98 6.01 16.58 50.99
CA GLU F 98 4.64 16.36 51.47
C GLU F 98 4.65 15.71 52.85
N GLU F 99 5.71 14.96 53.17
CA GLU F 99 5.82 14.09 54.34
C GLU F 99 6.49 14.72 55.57
N ASP F 100 7.04 15.93 55.49
CA ASP F 100 7.78 16.50 56.61
C ASP F 100 7.16 17.83 57.01
N LYS F 101 6.87 18.00 58.31
CA LYS F 101 6.14 19.18 58.77
C LYS F 101 6.92 20.45 58.50
N HIS F 102 8.24 20.41 58.66
CA HIS F 102 9.07 21.58 58.41
C HIS F 102 10.02 21.27 57.26
N ALA F 103 10.47 22.31 56.57
CA ALA F 103 11.49 22.13 55.56
C ALA F 103 12.76 21.54 56.19
N ILE F 104 13.46 20.73 55.43
CA ILE F 104 14.74 20.19 55.88
C ILE F 104 15.84 21.10 55.36
N ILE F 105 16.74 21.51 56.25
CA ILE F 105 17.90 22.33 55.89
C ILE F 105 19.10 21.39 55.80
N VAL F 106 19.71 21.32 54.61
CA VAL F 106 20.84 20.42 54.42
C VAL F 106 22.00 20.84 55.31
N GLU F 107 22.69 19.85 55.88
CA GLU F 107 23.83 20.14 56.73
C GLU F 107 24.89 20.86 55.89
N PRO F 108 25.73 21.69 56.53
CA PRO F 108 26.66 22.56 55.78
C PRO F 108 27.56 21.83 54.80
N GLU F 109 28.12 20.67 55.16
CA GLU F 109 29.07 20.03 54.26
C GLU F 109 28.43 19.55 52.97
N LYS F 110 27.12 19.28 52.94
CA LYS F 110 26.46 18.78 51.74
C LYS F 110 25.69 19.86 50.99
N ARG F 111 25.79 21.12 51.41
CA ARG F 111 24.96 22.17 50.85
C ARG F 111 25.37 22.51 49.42
N GLY F 112 24.37 22.59 48.55
CA GLY F 112 24.53 23.14 47.22
C GLY F 112 23.56 24.29 47.13
N LYS F 113 23.22 24.73 45.93
CA LYS F 113 22.50 25.99 45.77
C LYS F 113 21.03 25.82 45.42
N TYR F 114 20.51 24.60 45.41
CA TYR F 114 19.16 24.39 44.92
C TYR F 114 18.18 24.01 46.02
N VAL F 115 16.94 24.47 45.84
CA VAL F 115 15.80 24.16 46.69
C VAL F 115 14.88 23.23 45.91
N VAL F 116 14.50 22.13 46.54
CA VAL F 116 13.67 21.13 45.90
C VAL F 116 12.41 20.98 46.75
N CYS F 117 11.26 21.13 46.13
CA CYS F 117 9.99 20.82 46.76
C CYS F 117 9.47 19.57 46.07
N PHE F 118 9.04 18.57 46.85
CA PHE F 118 8.63 17.33 46.21
C PHE F 118 7.52 16.63 46.99
N ASP F 119 6.72 15.87 46.24
CA ASP F 119 5.76 14.91 46.76
C ASP F 119 6.30 13.52 46.43
N PRO F 120 6.86 12.78 47.39
CA PRO F 120 7.60 11.56 47.02
C PRO F 120 6.71 10.44 46.51
N LEU F 121 5.43 10.38 46.89
CA LEU F 121 4.56 9.32 46.35
C LEU F 121 3.10 9.78 46.39
N ASP F 122 2.72 10.60 45.41
CA ASP F 122 1.37 11.15 45.34
C ASP F 122 0.36 10.09 44.90
N GLY F 123 -0.83 10.14 45.50
CA GLY F 123 -1.86 9.14 45.28
C GLY F 123 -1.73 7.87 46.11
N SER F 124 -0.68 7.72 46.91
CA SER F 124 -0.42 6.49 47.65
C SER F 124 -1.45 6.20 48.72
N SER F 125 -2.33 7.15 49.07
CA SER F 125 -3.39 6.87 50.03
C SER F 125 -4.34 5.82 49.50
N ASN F 126 -4.46 5.71 48.18
CA ASN F 126 -5.30 4.73 47.51
C ASN F 126 -4.47 3.68 46.80
N ILE F 127 -3.21 3.48 47.21
CA ILE F 127 -2.32 2.52 46.56
C ILE F 127 -2.73 1.09 46.81
N ASP F 128 -3.68 0.87 47.73
CA ASP F 128 -4.18 -0.46 48.03
C ASP F 128 -4.95 -1.06 46.87
N CYS F 129 -5.44 -0.24 45.94
CA CYS F 129 -6.17 -0.71 44.77
C CYS F 129 -5.31 -0.75 43.51
N LEU F 130 -4.00 -0.51 43.65
CA LEU F 130 -3.09 -0.51 42.51
C LEU F 130 -3.41 0.61 41.53
N VAL F 131 -3.98 1.70 42.04
CA VAL F 131 -4.13 2.91 41.24
C VAL F 131 -2.74 3.45 40.90
N SER F 132 -2.67 4.19 39.79
CA SER F 132 -1.46 4.92 39.45
C SER F 132 -1.05 5.85 40.58
N VAL F 133 0.27 5.93 40.81
CA VAL F 133 0.89 6.87 41.75
C VAL F 133 2.08 7.51 41.07
N GLY F 134 2.70 8.48 41.74
CA GLY F 134 3.78 9.22 41.11
C GLY F 134 4.52 10.06 42.14
N THR F 135 5.68 10.57 41.70
CA THR F 135 6.48 11.54 42.46
C THR F 135 6.48 12.89 41.74
N ILE F 136 6.31 13.98 42.48
CA ILE F 136 6.29 15.33 41.91
C ILE F 136 7.45 16.14 42.47
N PHE F 137 8.05 17.00 41.64
CA PHE F 137 9.14 17.83 42.13
C PHE F 137 9.20 19.15 41.37
N GLY F 138 9.61 20.20 42.11
CA GLY F 138 9.91 21.51 41.58
C GLY F 138 11.19 22.01 42.18
N ILE F 139 12.05 22.60 41.34
CA ILE F 139 13.40 22.98 41.73
C ILE F 139 13.56 24.49 41.55
N TYR F 140 13.92 25.16 42.63
CA TYR F 140 14.22 26.58 42.65
C TYR F 140 15.71 26.80 42.92
N ARG F 141 16.19 27.98 42.52
CA ARG F 141 17.51 28.46 42.92
C ARG F 141 17.39 29.37 44.14
N LYS F 142 18.30 29.20 45.10
CA LYS F 142 18.28 30.03 46.29
C LYS F 142 18.43 31.48 45.91
N LYS F 143 17.57 32.33 46.48
CA LYS F 143 17.51 33.73 46.03
C LYS F 143 18.39 34.63 46.90
N SER F 144 18.11 34.68 48.21
CA SER F 144 18.89 35.50 49.11
C SER F 144 20.25 34.87 49.38
N THR F 145 21.13 35.63 50.05
CA THR F 145 22.45 35.14 50.42
C THR F 145 22.57 34.77 51.89
N ASP F 146 21.48 34.83 52.63
CA ASP F 146 21.46 34.41 54.03
C ASP F 146 21.78 32.94 54.19
N GLU F 147 21.86 32.48 55.44
CA GLU F 147 21.88 31.05 55.68
C GLU F 147 20.63 30.45 55.06
N PRO F 148 20.72 29.28 54.43
CA PRO F 148 19.53 28.69 53.84
C PRO F 148 18.48 28.45 54.90
N SER F 149 17.22 28.73 54.57
CA SER F 149 16.14 28.53 55.50
C SER F 149 14.85 28.27 54.75
N GLU F 150 13.80 27.93 55.51
CA GLU F 150 12.49 27.67 54.91
C GLU F 150 12.02 28.79 53.99
N LYS F 151 12.42 30.05 54.26
CA LYS F 151 11.97 31.15 53.44
C LYS F 151 12.41 31.00 51.99
N ASP F 152 13.52 30.30 51.74
CA ASP F 152 14.04 30.08 50.39
C ASP F 152 13.11 29.18 49.55
N ALA F 153 12.14 28.52 50.18
CA ALA F 153 11.14 27.73 49.49
C ALA F 153 9.84 28.48 49.25
N LEU F 154 9.68 29.68 49.82
CA LEU F 154 8.44 30.44 49.62
C LEU F 154 8.51 31.28 48.36
N GLN F 155 8.85 30.66 47.26
CA GLN F 155 8.92 31.43 46.04
C GLN F 155 7.72 31.16 45.15
N PRO F 156 7.30 32.11 44.34
CA PRO F 156 6.24 31.84 43.38
C PRO F 156 6.70 30.82 42.35
N GLY F 157 5.72 30.13 41.77
CA GLY F 157 6.04 29.16 40.75
C GLY F 157 6.77 29.75 39.56
N ARG F 158 6.57 31.05 39.28
CA ARG F 158 7.31 31.71 38.21
C ARG F 158 8.82 31.51 38.30
N ASN F 159 9.35 31.36 39.52
CA ASN F 159 10.80 31.27 39.75
C ASN F 159 11.39 29.89 39.48
N LEU F 160 10.58 28.94 39.01
CA LEU F 160 11.05 27.56 38.89
C LEU F 160 12.17 27.43 37.86
N VAL F 161 13.26 26.78 38.26
CA VAL F 161 14.37 26.47 37.37
C VAL F 161 14.06 25.22 36.56
N ALA F 162 13.49 24.21 37.20
CA ALA F 162 13.06 22.99 36.54
C ALA F 162 12.02 22.34 37.44
N ALA F 163 11.13 21.58 36.82
CA ALA F 163 10.07 20.90 37.53
C ALA F 163 9.58 19.75 36.67
N GLY F 164 8.95 18.77 37.32
CA GLY F 164 8.35 17.68 36.59
C GLY F 164 7.91 16.60 37.55
N TYR F 165 7.64 15.43 36.97
CA TYR F 165 7.09 14.34 37.76
C TYR F 165 7.50 13.00 37.13
N ALA F 166 7.42 11.94 37.93
CA ALA F 166 7.46 10.56 37.48
C ALA F 166 6.11 9.90 37.73
N LEU F 167 5.56 9.21 36.73
CA LEU F 167 4.31 8.46 36.87
C LEU F 167 4.62 6.96 36.80
N TYR F 168 4.24 6.24 37.87
CA TYR F 168 4.31 4.76 37.96
C TYR F 168 2.95 4.19 37.56
N GLY F 169 2.75 4.07 36.25
CA GLY F 169 1.49 3.56 35.73
C GLY F 169 1.66 2.20 35.10
N SER F 170 1.03 1.97 33.94
CA SER F 170 1.33 0.75 33.20
C SER F 170 2.81 0.65 32.83
N ALA F 171 3.46 1.78 32.57
CA ALA F 171 4.93 1.88 32.57
C ALA F 171 5.33 3.11 33.38
N THR F 172 6.62 3.23 33.65
CA THR F 172 7.15 4.38 34.40
C THR F 172 7.73 5.43 33.45
N MET F 173 7.20 6.64 33.53
CA MET F 173 7.65 7.75 32.70
C MET F 173 8.09 8.96 33.54
N LEU F 174 9.16 9.59 33.11
CA LEU F 174 9.64 10.84 33.70
C LEU F 174 9.37 11.99 32.73
N VAL F 175 8.60 12.98 33.19
CA VAL F 175 8.34 14.18 32.41
C VAL F 175 9.15 15.30 33.06
N LEU F 176 10.10 15.86 32.31
CA LEU F 176 10.99 16.90 32.80
C LEU F 176 10.71 18.20 32.04
N ALA F 177 10.43 19.28 32.79
CA ALA F 177 10.16 20.58 32.21
C ALA F 177 11.22 21.59 32.65
N MET F 178 11.83 22.27 31.67
CA MET F 178 12.82 23.31 31.89
C MET F 178 12.53 24.47 30.94
N ASP F 179 13.49 25.39 30.84
CA ASP F 179 13.29 26.53 29.95
C ASP F 179 13.23 26.13 28.49
N CYS F 180 13.99 25.09 28.09
CA CYS F 180 13.97 24.58 26.72
C CYS F 180 12.67 23.85 26.35
N GLY F 181 11.79 23.57 27.31
CA GLY F 181 10.55 22.87 27.02
C GLY F 181 10.32 21.61 27.84
N VAL F 182 9.37 20.78 27.42
CA VAL F 182 8.99 19.58 28.15
C VAL F 182 9.47 18.36 27.38
N ASN F 183 10.05 17.39 28.09
CA ASN F 183 10.51 16.15 27.47
C ASN F 183 10.11 14.95 28.33
N CYS F 184 9.76 13.84 27.65
CA CYS F 184 9.25 12.62 28.28
C CYS F 184 10.21 11.45 28.09
N PHE F 185 10.53 10.78 29.19
CA PHE F 185 11.47 9.67 29.21
C PHE F 185 10.78 8.41 29.75
N MET F 186 10.93 7.30 29.05
CA MET F 186 10.36 6.02 29.47
C MET F 186 11.43 5.21 30.19
N LEU F 187 11.08 4.65 31.34
CA LEU F 187 12.00 3.73 32.01
C LEU F 187 11.98 2.38 31.31
N ASP F 188 13.13 1.96 30.78
CA ASP F 188 13.31 0.60 30.31
C ASP F 188 13.81 -0.20 31.50
N PRO F 189 12.94 -0.96 32.17
CA PRO F 189 13.39 -1.64 33.39
C PRO F 189 14.41 -2.75 33.13
N ALA F 190 14.53 -3.24 31.90
CA ALA F 190 15.55 -4.25 31.63
C ALA F 190 16.96 -3.72 31.82
N ILE F 191 17.16 -2.41 31.66
CA ILE F 191 18.50 -1.83 31.75
C ILE F 191 18.59 -0.67 32.72
N GLY F 192 17.49 -0.31 33.37
CA GLY F 192 17.50 0.80 34.32
C GLY F 192 17.90 2.13 33.71
N GLU F 193 17.38 2.45 32.53
CA GLU F 193 17.68 3.72 31.88
C GLU F 193 16.41 4.42 31.41
N PHE F 194 16.42 5.74 31.48
CA PHE F 194 15.32 6.55 30.97
C PHE F 194 15.58 6.97 29.52
N ILE F 195 14.73 6.49 28.61
CA ILE F 195 14.90 6.74 27.19
C ILE F 195 13.96 7.87 26.78
N LEU F 196 14.52 8.87 26.09
CA LEU F 196 13.75 9.97 25.55
C LEU F 196 12.81 9.46 24.47
N VAL F 197 11.51 9.67 24.67
CA VAL F 197 10.51 9.19 23.70
C VAL F 197 9.62 10.31 23.15
N ASP F 198 9.65 11.51 23.73
CA ASP F 198 8.80 12.61 23.29
C ASP F 198 9.57 13.90 23.50
N LYS F 199 9.99 14.55 22.42
CA LYS F 199 10.73 15.80 22.52
C LYS F 199 9.81 17.00 22.43
N ASP F 200 10.10 18.02 23.23
CA ASP F 200 9.50 19.35 23.15
C ASP F 200 7.97 19.24 23.07
N VAL F 201 7.40 18.65 24.12
CA VAL F 201 6.00 18.28 24.06
C VAL F 201 5.13 19.52 24.20
N LYS F 202 4.02 19.53 23.46
CA LYS F 202 3.04 20.60 23.45
C LYS F 202 1.65 20.01 23.64
N ILE F 203 0.81 20.68 24.42
CA ILE F 203 -0.53 20.19 24.70
C ILE F 203 -1.50 20.61 23.59
N LYS F 204 -2.54 19.81 23.37
CA LYS F 204 -3.56 20.22 22.42
C LYS F 204 -4.18 21.55 22.85
N LYS F 205 -4.56 22.34 21.85
CA LYS F 205 -5.19 23.62 22.11
C LYS F 205 -6.54 23.41 22.78
N LYS F 206 -7.30 22.43 22.34
CA LYS F 206 -8.59 22.12 22.92
C LYS F 206 -8.77 20.63 23.00
N GLY F 207 -9.35 20.15 24.11
CA GLY F 207 -9.53 18.75 24.35
C GLY F 207 -10.99 18.33 24.37
N LYS F 208 -11.21 17.06 24.74
CA LYS F 208 -12.53 16.45 24.76
C LYS F 208 -12.83 15.72 26.06
N ILE F 209 -12.03 15.93 27.10
CA ILE F 209 -12.21 15.24 28.38
C ILE F 209 -12.05 16.24 29.51
N TYR F 210 -12.92 16.16 30.51
CA TYR F 210 -12.78 16.91 31.75
C TYR F 210 -12.57 15.93 32.90
N SER F 211 -11.85 16.39 33.93
CA SER F 211 -11.37 15.52 35.00
C SER F 211 -11.56 16.24 36.33
N LEU F 212 -12.52 15.76 37.13
CA LEU F 212 -12.71 16.22 38.50
C LEU F 212 -13.66 15.29 39.24
N ASN F 213 -13.59 15.33 40.56
CA ASN F 213 -14.45 14.54 41.45
C ASN F 213 -15.82 15.21 41.56
N GLU F 214 -16.80 14.71 40.80
CA GLU F 214 -18.17 15.25 40.81
C GLU F 214 -18.96 14.83 42.04
N GLY F 215 -18.39 14.00 42.91
CA GLY F 215 -19.07 13.72 44.16
C GLY F 215 -19.13 14.91 45.08
N TYR F 216 -18.28 15.90 44.85
CA TYR F 216 -18.37 17.14 45.60
C TYR F 216 -19.36 18.14 45.00
N ALA F 217 -20.24 17.69 44.09
CA ALA F 217 -21.12 18.60 43.36
C ALA F 217 -21.97 19.42 44.31
N LYS F 218 -22.42 18.82 45.41
CA LYS F 218 -23.21 19.53 46.41
C LYS F 218 -22.48 20.77 46.95
N ASP F 219 -21.15 20.82 46.89
CA ASP F 219 -20.40 21.95 47.42
C ASP F 219 -19.79 22.84 46.35
N PHE F 220 -19.99 22.53 45.07
CA PHE F 220 -19.32 23.27 44.01
C PHE F 220 -19.72 24.72 43.96
N ASP F 221 -18.73 25.58 43.83
CA ASP F 221 -18.88 26.94 43.35
C ASP F 221 -19.81 26.91 42.13
N PRO F 222 -20.83 27.77 42.09
CA PRO F 222 -21.71 27.81 40.92
C PRO F 222 -20.99 27.92 39.59
N ALA F 223 -19.83 28.58 39.56
CA ALA F 223 -19.05 28.65 38.34
C ALA F 223 -18.61 27.27 37.89
N VAL F 224 -18.18 26.43 38.85
CA VAL F 224 -17.85 25.05 38.55
C VAL F 224 -19.08 24.30 38.07
N THR F 225 -20.22 24.49 38.75
CA THR F 225 -21.43 23.82 38.30
C THR F 225 -21.78 24.20 36.88
N GLU F 226 -21.66 25.49 36.53
CA GLU F 226 -22.02 25.88 35.17
C GLU F 226 -21.03 25.32 34.13
N TYR F 227 -19.74 25.34 34.43
CA TYR F 227 -18.76 24.81 33.46
C TYR F 227 -18.97 23.32 33.23
N ILE F 228 -19.24 22.54 34.29
CA ILE F 228 -19.45 21.10 34.12
C ILE F 228 -20.72 20.84 33.32
N GLN F 229 -21.78 21.60 33.60
CA GLN F 229 -23.01 21.44 32.84
C GLN F 229 -22.80 21.75 31.35
N ARG F 230 -21.93 22.71 31.04
CA ARG F 230 -21.60 23.03 29.65
C ARG F 230 -20.81 21.92 28.97
N LYS F 231 -20.05 21.12 29.74
CA LYS F 231 -19.37 19.96 29.15
C LYS F 231 -20.36 18.83 28.85
N LYS F 232 -21.37 18.65 29.70
CA LYS F 232 -22.34 17.58 29.50
C LYS F 232 -23.41 17.96 28.46
N PHE F 233 -23.85 19.22 28.45
CA PHE F 233 -24.93 19.71 27.58
C PHE F 233 -24.39 20.91 26.83
N PRO F 234 -23.61 20.69 25.79
CA PRO F 234 -22.77 21.77 25.20
C PRO F 234 -23.57 22.98 24.74
N PRO F 235 -23.04 24.19 25.01
CA PRO F 235 -23.75 25.43 24.65
C PRO F 235 -23.93 25.63 23.16
N ASP F 236 -22.93 25.29 22.35
CA ASP F 236 -23.08 25.31 20.91
C ASP F 236 -23.60 23.99 20.37
N ASN F 237 -23.95 23.05 21.25
CA ASN F 237 -24.49 21.72 20.96
C ASN F 237 -23.50 20.82 20.21
N SER F 238 -22.20 21.07 20.33
CA SER F 238 -21.19 20.11 19.86
C SER F 238 -21.26 18.88 20.75
N ALA F 239 -20.42 17.88 20.48
CA ALA F 239 -20.50 16.65 21.27
C ALA F 239 -20.04 16.89 22.71
N PRO F 240 -20.74 16.34 23.70
CA PRO F 240 -20.31 16.49 25.10
C PRO F 240 -18.94 15.86 25.34
N TYR F 241 -18.22 16.39 26.32
CA TYR F 241 -16.93 15.83 26.68
C TYR F 241 -17.10 14.53 27.44
N GLY F 242 -16.11 13.65 27.32
CA GLY F 242 -15.99 12.51 28.23
C GLY F 242 -15.40 12.94 29.56
N ALA F 243 -15.76 12.22 30.62
CA ALA F 243 -15.20 12.44 31.95
C ALA F 243 -14.23 11.33 32.31
N ARG F 244 -13.14 11.71 32.99
CA ARG F 244 -12.19 10.77 33.58
C ARG F 244 -11.73 11.32 34.92
N TYR F 245 -11.63 10.48 35.92
CA TYR F 245 -11.08 10.91 37.18
C TYR F 245 -10.49 9.70 37.88
N VAL F 246 -9.16 9.57 37.80
CA VAL F 246 -8.42 8.48 38.44
C VAL F 246 -8.37 8.66 39.95
N GLY F 247 -8.42 9.89 40.42
CA GLY F 247 -8.20 10.16 41.83
C GLY F 247 -6.75 10.25 42.24
N SER F 248 -5.81 10.13 41.29
CA SER F 248 -4.39 10.29 41.55
C SER F 248 -3.86 11.40 40.65
N MET F 249 -3.45 12.52 41.25
CA MET F 249 -3.20 13.76 40.51
C MET F 249 -2.26 13.57 39.34
N VAL F 250 -1.15 12.87 39.56
CA VAL F 250 -0.16 12.73 38.50
C VAL F 250 -0.77 12.02 37.30
N ALA F 251 -1.60 11.00 37.54
CA ALA F 251 -2.21 10.25 36.44
C ALA F 251 -3.23 11.09 35.68
N ASP F 252 -4.10 11.81 36.38
CA ASP F 252 -5.06 12.67 35.69
C ASP F 252 -4.37 13.82 34.97
N VAL F 253 -3.33 14.41 35.58
CA VAL F 253 -2.62 15.52 34.96
C VAL F 253 -1.84 15.06 33.73
N HIS F 254 -1.19 13.90 33.81
CA HIS F 254 -0.41 13.42 32.66
C HIS F 254 -1.33 13.13 31.47
N ARG F 255 -2.50 12.54 31.74
CA ARG F 255 -3.46 12.30 30.67
C ARG F 255 -3.87 13.61 30.01
N THR F 256 -4.08 14.66 30.81
CA THR F 256 -4.47 15.97 30.27
C THR F 256 -3.40 16.54 29.34
N LEU F 257 -2.13 16.35 29.71
CA LEU F 257 -1.03 16.77 28.84
C LEU F 257 -1.02 16.00 27.53
N VAL F 258 -1.22 14.70 27.58
CA VAL F 258 -1.06 13.80 26.43
C VAL F 258 -2.25 13.87 25.47
N TYR F 259 -3.47 13.90 25.99
CA TYR F 259 -4.64 13.83 25.15
C TYR F 259 -5.38 15.16 25.04
N GLY F 260 -4.99 16.18 25.81
CA GLY F 260 -5.72 17.44 25.90
C GLY F 260 -6.87 17.35 26.90
N GLY F 261 -7.54 18.47 27.09
CA GLY F 261 -8.62 18.52 28.03
C GLY F 261 -8.31 19.39 29.24
N ILE F 262 -9.03 19.15 30.32
CA ILE F 262 -8.99 20.02 31.48
C ILE F 262 -9.05 19.19 32.76
N PHE F 263 -8.24 19.58 33.74
CA PHE F 263 -8.25 18.96 35.06
C PHE F 263 -8.59 20.03 36.09
N LEU F 264 -9.52 19.71 36.99
CA LEU F 264 -9.94 20.62 38.06
C LEU F 264 -9.92 19.90 39.40
N TYR F 265 -9.27 20.50 40.39
CA TYR F 265 -9.55 20.24 41.80
C TYR F 265 -9.81 21.58 42.44
N PRO F 266 -11.05 22.07 42.37
CA PRO F 266 -11.33 23.45 42.77
C PRO F 266 -11.64 23.58 44.25
N ALA F 267 -11.66 24.84 44.68
CA ALA F 267 -12.09 25.16 46.03
C ALA F 267 -13.60 25.22 46.06
N ASN F 268 -14.17 24.77 47.16
CA ASN F 268 -15.59 24.86 47.40
C ASN F 268 -15.79 25.64 48.70
N LYS F 269 -17.02 25.64 49.21
CA LYS F 269 -17.19 26.28 50.51
C LYS F 269 -16.66 25.40 51.65
N LYS F 270 -16.58 24.07 51.43
CA LYS F 270 -16.03 23.16 52.43
C LYS F 270 -14.51 23.18 52.47
N SER F 271 -13.84 23.47 51.35
CA SER F 271 -12.38 23.57 51.31
C SER F 271 -12.07 24.80 50.48
N PRO F 272 -12.20 26.00 51.07
CA PRO F 272 -12.08 27.23 50.27
C PRO F 272 -10.68 27.47 49.75
N ASN F 273 -9.69 26.72 50.23
CA ASN F 273 -8.34 26.83 49.68
C ASN F 273 -7.98 25.65 48.81
N GLY F 274 -8.96 24.84 48.44
CA GLY F 274 -8.67 23.65 47.67
C GLY F 274 -8.07 22.59 48.57
N LYS F 275 -7.61 21.54 47.92
CA LYS F 275 -6.98 20.43 48.61
C LYS F 275 -5.50 20.25 48.25
N LEU F 276 -5.15 20.48 46.99
CA LEU F 276 -3.80 20.20 46.54
C LEU F 276 -2.84 21.27 47.06
N ARG F 277 -1.59 20.84 47.29
CA ARG F 277 -0.58 21.68 47.89
C ARG F 277 0.10 22.53 46.83
N LEU F 278 0.26 23.82 47.12
CA LEU F 278 0.78 24.75 46.13
C LEU F 278 2.24 24.47 45.80
N LEU F 279 3.06 24.26 46.82
CA LEU F 279 4.51 24.24 46.60
C LEU F 279 4.94 23.04 45.77
N TYR F 280 4.47 21.83 46.12
CA TYR F 280 5.00 20.62 45.51
C TYR F 280 3.96 19.79 44.76
N GLU F 281 2.75 20.31 44.56
CA GLU F 281 1.79 19.68 43.66
C GLU F 281 1.37 20.66 42.57
N CYS F 282 0.84 21.83 42.93
CA CYS F 282 0.28 22.72 41.91
C CYS F 282 1.38 23.36 41.06
N ASN F 283 2.39 23.96 41.68
CA ASN F 283 3.40 24.68 40.90
C ASN F 283 4.11 23.77 39.90
N PRO F 284 4.68 22.63 40.30
CA PRO F 284 5.38 21.81 39.29
C PRO F 284 4.46 21.36 38.18
N MET F 285 3.21 21.04 38.50
CA MET F 285 2.26 20.73 37.44
C MET F 285 1.90 21.97 36.63
N ALA F 286 1.69 23.11 37.28
CA ALA F 286 1.44 24.36 36.56
C ALA F 286 2.62 24.72 35.67
N TYR F 287 3.82 24.48 36.16
CA TYR F 287 4.99 24.80 35.37
C TYR F 287 5.07 23.90 34.15
N VAL F 288 4.87 22.59 34.34
CA VAL F 288 4.87 21.69 33.20
C VAL F 288 3.77 22.08 32.20
N MET F 289 2.57 22.41 32.68
CA MET F 289 1.48 22.78 31.78
C MET F 289 1.84 23.98 30.91
N GLU F 290 2.41 25.03 31.53
CA GLU F 290 2.69 26.23 30.76
C GLU F 290 3.81 26.00 29.73
N LYS F 291 4.91 25.36 30.14
CA LYS F 291 5.98 25.01 29.21
C LYS F 291 5.51 24.09 28.09
N ALA F 292 4.38 23.42 28.24
CA ALA F 292 3.80 22.58 27.19
C ALA F 292 2.72 23.32 26.39
N GLY F 293 2.59 24.63 26.61
CA GLY F 293 1.62 25.46 25.91
C GLY F 293 0.25 25.53 26.55
N GLY F 294 0.07 24.98 27.75
CA GLY F 294 -1.20 25.04 28.43
C GLY F 294 -1.23 26.10 29.52
N MET F 295 -2.29 26.05 30.32
CA MET F 295 -2.54 27.05 31.35
C MET F 295 -2.88 26.35 32.66
N ALA F 296 -2.75 27.11 33.77
CA ALA F 296 -3.06 26.59 35.11
C ALA F 296 -3.40 27.78 36.01
N THR F 297 -4.65 27.86 36.46
CA THR F 297 -5.14 28.98 37.26
C THR F 297 -5.85 28.47 38.50
N THR F 298 -5.87 29.33 39.52
CA THR F 298 -6.68 29.13 40.71
C THR F 298 -8.10 29.64 40.53
N GLY F 299 -8.39 30.29 39.41
CA GLY F 299 -9.63 31.02 39.30
C GLY F 299 -9.35 32.51 39.43
N LYS F 300 -8.57 32.88 40.45
CA LYS F 300 -8.26 34.26 40.77
C LYS F 300 -6.93 34.74 40.20
N GLU F 301 -6.00 33.84 39.89
CA GLU F 301 -4.71 34.22 39.32
C GLU F 301 -4.07 32.95 38.75
N ALA F 302 -3.00 33.16 37.98
CA ALA F 302 -2.20 32.03 37.53
C ALA F 302 -1.57 31.35 38.74
N VAL F 303 -1.52 30.01 38.70
CA VAL F 303 -0.92 29.26 39.79
C VAL F 303 0.51 29.73 40.05
N LEU F 304 1.27 29.95 38.97
CA LEU F 304 2.67 30.33 39.11
C LEU F 304 2.88 31.71 39.71
N ASP F 305 1.82 32.51 39.81
CA ASP F 305 1.88 33.86 40.38
C ASP F 305 1.59 33.90 41.88
N VAL F 306 1.11 32.81 42.48
CA VAL F 306 0.81 32.85 43.90
C VAL F 306 2.12 32.97 44.68
N ILE F 307 2.14 33.87 45.66
CA ILE F 307 3.28 34.00 46.56
C ILE F 307 2.97 33.17 47.80
N PRO F 308 3.65 32.05 48.01
CA PRO F 308 3.30 31.21 49.16
C PRO F 308 3.78 31.86 50.45
N THR F 309 3.00 31.65 51.49
CA THR F 309 3.36 32.09 52.83
C THR F 309 3.60 30.91 53.77
N ASP F 310 3.10 29.73 53.42
CA ASP F 310 3.28 28.49 54.16
C ASP F 310 3.67 27.39 53.19
N ILE F 311 4.66 26.56 53.58
CA ILE F 311 5.15 25.55 52.66
C ILE F 311 4.13 24.47 52.37
N HIS F 312 3.12 24.29 53.24
CA HIS F 312 2.08 23.27 53.05
C HIS F 312 0.70 23.86 52.78
N GLN F 313 0.66 25.13 52.39
CA GLN F 313 -0.62 25.77 52.09
C GLN F 313 -1.26 25.17 50.86
N ARG F 314 -2.58 25.27 50.77
CA ARG F 314 -3.34 24.66 49.69
C ARG F 314 -3.73 25.67 48.62
N ALA F 315 -4.11 25.12 47.46
CA ALA F 315 -4.53 25.91 46.30
C ALA F 315 -5.52 25.14 45.44
N PRO F 316 -6.57 25.80 44.97
CA PRO F 316 -7.39 25.21 43.90
C PRO F 316 -6.64 25.29 42.59
N VAL F 317 -6.93 24.36 41.68
CA VAL F 317 -6.22 24.35 40.42
C VAL F 317 -7.17 23.98 39.30
N ILE F 318 -7.08 24.74 38.21
CA ILE F 318 -7.70 24.39 36.95
C ILE F 318 -6.59 24.48 35.92
N LEU F 319 -6.28 23.37 35.28
CA LEU F 319 -5.15 23.37 34.35
C LEU F 319 -5.47 22.50 33.15
N GLY F 320 -4.72 22.74 32.07
CA GLY F 320 -4.92 21.91 30.91
C GLY F 320 -4.86 22.64 29.58
N SER F 321 -5.61 22.16 28.59
CA SER F 321 -5.64 22.79 27.29
C SER F 321 -6.14 24.23 27.41
N PRO F 322 -5.52 25.17 26.68
CA PRO F 322 -5.84 26.60 26.86
C PRO F 322 -7.29 26.96 26.55
N ASP F 323 -7.83 26.49 25.42
CA ASP F 323 -9.24 26.76 25.12
C ASP F 323 -10.16 26.27 26.23
N ASP F 324 -9.83 25.14 26.86
CA ASP F 324 -10.67 24.62 27.94
C ASP F 324 -10.52 25.46 29.20
N VAL F 325 -9.30 25.83 29.56
CA VAL F 325 -9.09 26.61 30.77
C VAL F 325 -9.66 28.02 30.60
N LEU F 326 -9.52 28.61 29.41
CA LEU F 326 -10.10 29.93 29.16
C LEU F 326 -11.61 29.90 29.27
N GLU F 327 -12.23 28.86 28.70
CA GLU F 327 -13.68 28.72 28.81
C GLU F 327 -14.10 28.70 30.27
N PHE F 328 -13.34 28.03 31.13
CA PHE F 328 -13.67 28.06 32.56
C PHE F 328 -13.55 29.48 33.12
N LEU F 329 -12.46 30.18 32.79
CA LEU F 329 -12.24 31.51 33.34
C LEU F 329 -13.34 32.49 32.92
N LYS F 330 -13.86 32.36 31.70
CA LYS F 330 -14.97 33.20 31.27
C LYS F 330 -16.23 32.93 32.10
N VAL F 331 -16.50 31.66 32.41
CA VAL F 331 -17.58 31.32 33.32
C VAL F 331 -17.29 31.82 34.73
N TYR F 332 -16.05 31.67 35.20
CA TYR F 332 -15.70 32.08 36.55
C TYR F 332 -15.87 33.58 36.73
N GLU F 333 -15.40 34.35 35.76
CA GLU F 333 -15.55 35.80 35.83
C GLU F 333 -17.00 36.22 35.60
N LYS F 334 -17.76 35.43 34.83
CA LYS F 334 -19.18 35.70 34.65
C LYS F 334 -19.91 35.81 35.98
N HIS F 335 -19.50 35.02 36.98
CA HIS F 335 -20.14 35.02 38.29
C HIS F 335 -19.51 36.05 39.23
N SER F 336 -18.99 37.13 38.69
CA SER F 336 -18.31 38.21 39.44
C SER F 336 -17.19 37.65 40.31
N ASP G 10 7.18 -25.85 19.50
CA ASP G 10 6.26 -25.25 20.47
C ASP G 10 7.01 -24.95 21.76
N VAL G 11 6.89 -23.70 22.25
CA VAL G 11 7.65 -23.31 23.43
C VAL G 11 7.26 -24.20 24.60
N ASN G 12 8.23 -24.49 25.45
CA ASN G 12 7.98 -25.27 26.64
C ASN G 12 8.70 -24.63 27.82
N THR G 13 8.00 -24.51 28.94
CA THR G 13 8.55 -24.05 30.20
C THR G 13 8.88 -25.25 31.08
N LEU G 14 9.61 -24.97 32.16
CA LEU G 14 9.95 -26.00 33.13
C LEU G 14 8.69 -26.58 33.79
N THR G 15 7.80 -25.69 34.24
CA THR G 15 6.58 -26.12 34.94
C THR G 15 5.69 -26.92 34.00
N ARG G 16 5.54 -26.44 32.76
CA ARG G 16 4.80 -27.17 31.75
C ARG G 16 5.40 -28.54 31.47
N PHE G 17 6.71 -28.58 31.26
CA PHE G 17 7.41 -29.82 30.91
C PHE G 17 7.23 -30.86 32.00
N VAL G 18 7.37 -30.45 33.25
CA VAL G 18 7.25 -31.36 34.37
C VAL G 18 5.81 -31.82 34.53
N MET G 19 4.86 -30.90 34.40
CA MET G 19 3.45 -31.30 34.46
C MET G 19 3.15 -32.37 33.41
N GLU G 20 3.67 -32.20 32.20
CA GLU G 20 3.36 -33.14 31.12
C GLU G 20 3.98 -34.52 31.38
N GLU G 21 5.20 -34.57 31.91
CA GLU G 21 5.76 -35.85 32.32
C GLU G 21 4.94 -36.47 33.45
N GLY G 22 4.50 -35.64 34.40
CA GLY G 22 3.73 -36.15 35.51
C GLY G 22 2.40 -36.74 35.09
N ARG G 23 1.72 -36.11 34.13
CA ARG G 23 0.45 -36.67 33.66
C ARG G 23 0.65 -37.88 32.78
N LYS G 24 1.70 -37.88 31.94
CA LYS G 24 2.02 -39.08 31.19
C LYS G 24 2.26 -40.24 32.14
N ALA G 25 2.97 -39.99 33.22
CA ALA G 25 3.32 -41.03 34.17
C ALA G 25 2.18 -41.39 35.12
N ARG G 26 1.07 -40.67 35.07
CA ARG G 26 -0.08 -40.96 35.93
C ARG G 26 0.31 -40.94 37.40
N GLY G 27 1.20 -39.99 37.75
CA GLY G 27 1.68 -39.88 39.11
C GLY G 27 0.78 -39.00 39.97
N THR G 28 1.06 -39.00 41.27
CA THR G 28 0.18 -38.29 42.17
C THR G 28 0.40 -36.78 42.16
N GLY G 29 1.53 -36.31 41.68
CA GLY G 29 1.78 -34.89 41.70
C GLY G 29 2.76 -34.43 42.76
N GLU G 30 3.16 -35.29 43.71
CA GLU G 30 4.08 -34.85 44.75
C GLU G 30 5.41 -34.42 44.16
N LEU G 31 5.92 -35.13 43.16
CA LEU G 31 7.22 -34.78 42.61
C LEU G 31 7.16 -33.46 41.84
N THR G 32 6.04 -33.20 41.15
CA THR G 32 5.85 -31.92 40.46
C THR G 32 5.83 -30.75 41.44
N GLN G 33 5.08 -30.88 42.52
CA GLN G 33 5.04 -29.80 43.51
C GLN G 33 6.43 -29.56 44.12
N LEU G 34 7.18 -30.63 44.41
CA LEU G 34 8.53 -30.46 44.94
C LEU G 34 9.40 -29.71 43.94
N LEU G 35 9.37 -30.14 42.69
CA LEU G 35 10.23 -29.55 41.67
C LEU G 35 9.83 -28.10 41.40
N ASN G 36 8.52 -27.83 41.38
CA ASN G 36 8.06 -26.46 41.25
C ASN G 36 8.53 -25.60 42.40
N SER G 37 8.41 -26.10 43.63
CA SER G 37 8.88 -25.36 44.79
C SER G 37 10.37 -25.08 44.69
N LEU G 38 11.13 -26.10 44.28
CA LEU G 38 12.57 -25.91 44.11
C LEU G 38 12.87 -24.84 43.06
N CYS G 39 12.15 -24.87 41.94
CA CYS G 39 12.31 -23.90 40.86
C CYS G 39 12.07 -22.47 41.34
N THR G 40 11.04 -22.27 42.16
CA THR G 40 10.83 -20.95 42.73
C THR G 40 12.02 -20.54 43.58
N ALA G 41 12.52 -21.46 44.40
CA ALA G 41 13.68 -21.17 45.23
C ALA G 41 14.87 -20.75 44.39
N VAL G 42 15.07 -21.39 43.23
CA VAL G 42 16.22 -21.06 42.38
C VAL G 42 16.08 -19.66 41.78
N LYS G 43 14.86 -19.27 41.40
CA LYS G 43 14.70 -17.89 40.92
C LYS G 43 14.99 -16.89 42.03
N ALA G 44 14.59 -17.21 43.26
CA ALA G 44 14.91 -16.30 44.37
C ALA G 44 16.42 -16.25 44.62
N ILE G 45 17.09 -17.39 44.60
CA ILE G 45 18.53 -17.39 44.83
C ILE G 45 19.25 -16.63 43.73
N SER G 46 18.89 -16.94 42.48
CA SER G 46 19.51 -16.26 41.34
C SER G 46 19.40 -14.75 41.47
N SER G 47 18.21 -14.27 41.84
CA SER G 47 18.02 -12.84 42.02
C SER G 47 19.00 -12.29 43.03
N ALA G 48 19.13 -12.98 44.17
CA ALA G 48 20.06 -12.54 45.21
C ALA G 48 21.51 -12.70 44.78
N VAL G 49 21.85 -13.70 43.98
CA VAL G 49 23.24 -13.83 43.58
C VAL G 49 23.60 -12.71 42.60
N ARG G 50 22.67 -12.34 41.72
CA ARG G 50 22.91 -11.20 40.83
C ARG G 50 22.76 -9.87 41.55
N LYS G 51 22.51 -9.89 42.87
CA LYS G 51 22.62 -8.70 43.71
C LYS G 51 21.45 -7.73 43.51
N ALA G 52 20.25 -8.26 43.24
CA ALA G 52 19.07 -7.41 43.24
C ALA G 52 18.85 -6.83 44.64
N GLY G 53 18.72 -5.52 44.71
CA GLY G 53 18.54 -4.81 45.97
C GLY G 53 19.81 -4.41 46.69
N ILE G 54 20.98 -4.59 46.06
CA ILE G 54 22.23 -4.29 46.76
C ILE G 54 22.35 -2.81 47.09
N ALA G 55 21.69 -1.94 46.31
CA ALA G 55 21.76 -0.52 46.58
C ALA G 55 21.24 -0.17 47.96
N HIS G 56 20.26 -0.94 48.47
CA HIS G 56 19.73 -0.70 49.81
C HIS G 56 20.74 -1.07 50.88
N LEU G 57 21.49 -2.14 50.68
CA LEU G 57 22.51 -2.46 51.67
C LEU G 57 23.54 -1.33 51.78
N TYR G 58 23.77 -0.59 50.72
CA TYR G 58 24.78 0.47 50.72
C TYR G 58 24.17 1.84 50.92
N GLY G 59 22.95 1.90 51.44
CA GLY G 59 22.40 3.13 51.97
C GLY G 59 21.70 4.05 51.01
N ILE G 60 21.10 3.53 49.94
CA ILE G 60 20.43 4.41 48.99
C ILE G 60 19.25 5.11 49.65
N ALA G 61 18.66 4.49 50.67
CA ALA G 61 17.54 5.09 51.42
C ALA G 61 17.90 5.42 52.86
N GLY G 62 19.17 5.65 53.16
CA GLY G 62 19.59 5.91 54.52
C GLY G 62 19.73 4.63 55.30
N LYS G 73 23.59 -13.58 55.02
CA LYS G 73 24.70 -13.95 54.14
C LYS G 73 24.16 -14.78 53.00
N LEU G 74 24.87 -14.79 51.87
CA LEU G 74 24.28 -15.28 50.64
C LEU G 74 23.94 -16.75 50.73
N ASP G 75 24.86 -17.56 51.30
CA ASP G 75 24.61 -19.00 51.43
C ASP G 75 23.62 -19.31 52.55
N VAL G 76 23.57 -18.48 53.59
CA VAL G 76 22.53 -18.63 54.60
C VAL G 76 21.17 -18.33 53.99
N LEU G 77 21.06 -17.23 53.24
CA LEU G 77 19.80 -16.91 52.60
C LEU G 77 19.40 -17.97 51.59
N SER G 78 20.34 -18.46 50.79
CA SER G 78 20.04 -19.52 49.84
C SER G 78 19.52 -20.77 50.56
N ASN G 79 20.16 -21.15 51.68
CA ASN G 79 19.69 -22.31 52.43
C ASN G 79 18.27 -22.11 52.94
N ASP G 80 17.99 -20.93 53.47
CA ASP G 80 16.66 -20.63 53.99
C ASP G 80 15.63 -20.67 52.88
N LEU G 81 16.00 -20.20 51.70
CA LEU G 81 15.09 -20.23 50.55
C LEU G 81 14.74 -21.67 50.16
N VAL G 82 15.74 -22.52 49.96
CA VAL G 82 15.50 -23.92 49.60
C VAL G 82 14.81 -24.66 50.74
N MET G 83 15.32 -24.53 51.97
CA MET G 83 14.69 -25.18 53.10
C MET G 83 13.22 -24.82 53.21
N ASN G 84 12.90 -23.54 53.12
CA ASN G 84 11.52 -23.11 53.34
C ASN G 84 10.59 -23.49 52.19
N MET G 85 11.09 -23.48 50.95
CA MET G 85 10.21 -23.85 49.85
C MET G 85 9.95 -25.34 49.83
N LEU G 86 10.94 -26.16 50.20
CA LEU G 86 10.73 -27.60 50.28
C LEU G 86 9.79 -27.96 51.43
N LYS G 87 10.00 -27.36 52.62
CA LYS G 87 9.10 -27.64 53.74
C LYS G 87 7.65 -27.31 53.37
N SER G 88 7.42 -26.14 52.77
CA SER G 88 6.06 -25.74 52.47
C SER G 88 5.51 -26.41 51.22
N SER G 89 6.28 -27.29 50.57
CA SER G 89 5.80 -27.97 49.38
C SER G 89 4.91 -29.16 49.74
N PHE G 90 4.91 -29.59 50.99
CA PHE G 90 4.20 -30.78 51.44
C PHE G 90 4.70 -32.04 50.72
N ALA G 91 5.92 -32.00 50.21
CA ALA G 91 6.47 -33.09 49.43
C ALA G 91 7.71 -33.73 50.04
N THR G 92 8.23 -33.21 51.15
CA THR G 92 9.48 -33.71 51.71
C THR G 92 9.28 -34.12 53.17
N CYS G 93 10.26 -34.89 53.65
CA CYS G 93 10.30 -35.29 55.06
C CYS G 93 11.68 -35.21 55.68
N VAL G 94 12.75 -35.33 54.91
CA VAL G 94 14.10 -35.24 55.42
C VAL G 94 14.89 -34.38 54.45
N LEU G 95 15.59 -33.38 54.97
CA LEU G 95 16.35 -32.47 54.16
C LEU G 95 17.78 -32.46 54.67
N VAL G 96 18.71 -32.69 53.74
CA VAL G 96 20.14 -32.63 54.00
C VAL G 96 20.70 -31.48 53.16
N SER G 97 21.46 -30.60 53.83
CA SER G 97 22.07 -29.43 53.19
C SER G 97 23.51 -29.28 53.64
N GLU G 98 24.40 -28.85 52.73
CA GLU G 98 25.80 -28.59 53.10
C GLU G 98 25.91 -27.66 54.29
N GLU G 99 24.88 -26.84 54.51
CA GLU G 99 24.89 -25.77 55.49
C GLU G 99 24.41 -26.23 56.86
N ASP G 100 23.97 -27.48 57.00
CA ASP G 100 23.41 -27.98 58.25
C ASP G 100 24.18 -29.19 58.74
N LYS G 101 24.61 -29.16 60.00
CA LYS G 101 25.41 -30.25 60.54
C LYS G 101 24.61 -31.54 60.57
N HIS G 102 23.32 -31.44 60.88
CA HIS G 102 22.41 -32.58 60.96
C HIS G 102 21.29 -32.47 59.93
N ALA G 103 20.75 -33.62 59.55
CA ALA G 103 19.61 -33.60 58.64
C ALA G 103 18.45 -32.85 59.29
N ILE G 104 17.67 -32.15 58.47
CA ILE G 104 16.46 -31.49 58.93
C ILE G 104 15.29 -32.42 58.64
N ILE G 105 14.48 -32.65 59.67
CA ILE G 105 13.28 -33.48 59.55
C ILE G 105 12.08 -32.54 59.50
N VAL G 106 11.31 -32.61 58.43
CA VAL G 106 10.13 -31.77 58.27
C VAL G 106 9.07 -32.10 59.33
N GLU G 107 8.41 -31.05 59.82
CA GLU G 107 7.38 -31.21 60.83
C GLU G 107 6.27 -32.11 60.29
N PRO G 108 5.61 -32.87 61.17
CA PRO G 108 4.69 -33.95 60.72
C PRO G 108 3.61 -33.54 59.75
N GLU G 109 2.94 -32.42 59.95
CA GLU G 109 1.83 -31.99 59.12
C GLU G 109 2.24 -31.66 57.69
N LYS G 110 3.51 -31.33 57.47
CA LYS G 110 4.02 -30.97 56.16
C LYS G 110 4.79 -32.11 55.49
N ARG G 111 4.86 -33.29 56.11
CA ARG G 111 5.68 -34.38 55.61
C ARG G 111 5.13 -34.98 54.32
N GLY G 112 5.99 -35.12 53.32
CA GLY G 112 5.69 -35.85 52.10
C GLY G 112 6.63 -37.03 51.98
N LYS G 113 6.84 -37.58 50.78
CA LYS G 113 7.50 -38.87 50.68
C LYS G 113 8.93 -38.81 50.14
N TYR G 114 9.46 -37.62 49.90
CA TYR G 114 10.75 -37.49 49.24
C TYR G 114 11.81 -36.99 50.21
N VAL G 115 13.04 -37.44 49.98
CA VAL G 115 14.23 -37.01 50.72
C VAL G 115 15.09 -36.15 49.79
N VAL G 116 15.49 -34.96 50.25
CA VAL G 116 16.20 -34.01 49.41
C VAL G 116 17.55 -33.69 50.04
N CYS G 117 18.61 -33.89 49.26
CA CYS G 117 19.97 -33.51 49.61
C CYS G 117 20.42 -32.40 48.66
N PHE G 118 20.95 -31.31 49.20
CA PHE G 118 21.28 -30.21 48.30
C PHE G 118 22.42 -29.38 48.86
N ASP G 119 23.19 -28.77 47.94
CA ASP G 119 24.15 -27.72 48.26
C ASP G 119 23.55 -26.42 47.78
N PRO G 120 23.08 -25.54 48.67
CA PRO G 120 22.26 -24.40 48.23
C PRO G 120 23.04 -23.34 47.47
N LEU G 121 24.36 -23.23 47.68
CA LEU G 121 25.18 -22.26 46.95
C LEU G 121 26.63 -22.76 46.90
N ASP G 122 26.88 -23.72 46.00
CA ASP G 122 28.20 -24.32 45.91
C ASP G 122 29.17 -23.36 45.23
N GLY G 123 30.42 -23.39 45.67
CA GLY G 123 31.40 -22.44 45.21
C GLY G 123 31.34 -21.09 45.89
N SER G 124 30.43 -20.90 46.86
CA SER G 124 30.21 -19.58 47.46
C SER G 124 31.39 -19.08 48.29
N SER G 125 32.34 -19.94 48.66
CA SER G 125 33.52 -19.46 49.39
C SER G 125 34.36 -18.54 48.53
N ASN G 126 34.29 -18.68 47.21
CA ASN G 126 35.03 -17.84 46.28
C ASN G 126 34.13 -16.84 45.56
N ILE G 127 32.93 -16.57 46.10
CA ILE G 127 32.01 -15.66 45.43
C ILE G 127 32.46 -14.20 45.47
N ASP G 128 33.49 -13.88 46.24
CA ASP G 128 34.04 -12.52 46.29
C ASP G 128 34.67 -12.11 44.96
N CYS G 129 35.04 -13.07 44.11
CA CYS G 129 35.58 -12.79 42.79
C CYS G 129 34.53 -12.93 41.71
N LEU G 130 33.27 -13.13 42.12
CA LEU G 130 32.13 -13.24 41.22
C LEU G 130 32.25 -14.46 40.32
N VAL G 131 32.93 -15.50 40.80
CA VAL G 131 32.96 -16.80 40.13
C VAL G 131 31.54 -17.31 40.00
N SER G 132 31.29 -18.14 38.98
CA SER G 132 30.04 -18.86 38.90
C SER G 132 29.77 -19.61 40.19
N VAL G 133 28.52 -19.63 40.60
CA VAL G 133 28.08 -20.43 41.73
C VAL G 133 26.86 -21.22 41.28
N GLY G 134 26.40 -22.12 42.14
CA GLY G 134 25.28 -22.95 41.74
C GLY G 134 24.66 -23.66 42.91
N THR G 135 23.46 -24.20 42.64
CA THR G 135 22.71 -25.05 43.54
C THR G 135 22.72 -26.46 42.94
N ILE G 136 23.01 -27.46 43.78
CA ILE G 136 23.01 -28.86 43.40
C ILE G 136 21.96 -29.55 44.25
N PHE G 137 21.21 -30.46 43.66
CA PHE G 137 20.16 -31.16 44.42
C PHE G 137 19.98 -32.57 43.90
N GLY G 138 19.68 -33.47 44.84
CA GLY G 138 19.30 -34.83 44.49
C GLY G 138 18.09 -35.26 45.31
N ILE G 139 17.17 -35.95 44.66
CA ILE G 139 15.88 -36.29 45.27
C ILE G 139 15.72 -37.80 45.35
N TYR G 140 15.51 -38.29 46.56
CA TYR G 140 15.21 -39.70 46.81
C TYR G 140 13.78 -39.88 47.27
N ARG G 141 13.14 -40.94 46.82
CA ARG G 141 12.05 -41.50 47.62
C ARG G 141 12.61 -41.97 48.97
N LYS G 142 11.87 -41.69 50.04
CA LYS G 142 12.12 -42.37 51.31
C LYS G 142 11.91 -43.88 51.17
N LYS G 143 12.92 -44.65 51.60
CA LYS G 143 12.96 -46.11 51.41
C LYS G 143 12.42 -46.90 52.61
N SER G 144 12.96 -46.68 53.81
CA SER G 144 12.45 -47.45 54.93
C SER G 144 11.12 -46.90 55.40
N THR G 145 10.45 -47.67 56.26
CA THR G 145 9.20 -47.26 56.85
C THR G 145 9.33 -46.76 58.28
N ASP G 146 10.57 -46.60 58.79
CA ASP G 146 10.78 -46.01 60.10
C ASP G 146 10.26 -44.57 60.15
N GLU G 147 10.23 -44.01 61.35
CA GLU G 147 10.05 -42.56 61.47
C GLU G 147 11.16 -41.85 60.70
N PRO G 148 10.87 -40.70 60.09
CA PRO G 148 11.91 -40.01 59.32
C PRO G 148 13.10 -39.64 60.20
N SER G 149 14.29 -39.86 59.65
CA SER G 149 15.52 -39.56 60.35
C SER G 149 16.62 -39.35 59.32
N GLU G 150 17.80 -38.99 59.81
CA GLU G 150 18.99 -38.84 58.98
C GLU G 150 19.31 -40.10 58.17
N LYS G 151 18.93 -41.27 58.68
CA LYS G 151 19.26 -42.53 58.01
C LYS G 151 18.60 -42.62 56.64
N ASP G 152 17.48 -41.93 56.46
CA ASP G 152 16.74 -41.93 55.19
C ASP G 152 17.46 -41.23 54.06
N ALA G 153 18.51 -40.46 54.36
CA ALA G 153 19.31 -39.83 53.34
C ALA G 153 20.53 -40.65 52.95
N LEU G 154 20.80 -41.75 53.65
CA LEU G 154 22.00 -42.56 53.36
C LEU G 154 21.73 -43.56 52.25
N GLN G 155 21.30 -43.06 51.11
CA GLN G 155 21.07 -43.98 50.02
C GLN G 155 22.14 -43.87 48.94
N PRO G 156 22.46 -44.95 48.25
CA PRO G 156 23.39 -44.84 47.12
C PRO G 156 22.76 -44.02 46.00
N GLY G 157 23.62 -43.38 45.20
CA GLY G 157 23.15 -42.54 44.11
C GLY G 157 22.29 -43.27 43.09
N ARG G 158 22.50 -44.58 42.95
CA ARG G 158 21.67 -45.41 42.08
C ARG G 158 20.18 -45.25 42.36
N ASN G 159 19.82 -44.91 43.59
CA ASN G 159 18.41 -44.80 43.99
C ASN G 159 17.76 -43.46 43.65
N LEU G 160 18.46 -42.54 42.99
CA LEU G 160 17.95 -41.19 42.72
C LEU G 160 16.74 -41.23 41.78
N VAL G 161 15.71 -40.48 42.15
CA VAL G 161 14.54 -40.34 41.31
C VAL G 161 14.76 -39.25 40.25
N ALA G 162 15.34 -38.13 40.66
CA ALA G 162 15.64 -36.98 39.81
C ALA G 162 16.74 -36.18 40.48
N ALA G 163 17.52 -35.45 39.67
CA ALA G 163 18.64 -34.67 40.18
C ALA G 163 19.03 -33.64 39.15
N GLY G 164 19.71 -32.61 39.64
CA GLY G 164 20.25 -31.62 38.75
C GLY G 164 20.84 -30.43 39.49
N TYR G 165 21.02 -29.34 38.74
CA TYR G 165 21.64 -28.16 39.29
C TYR G 165 21.09 -26.93 38.59
N ALA G 166 21.19 -25.83 39.31
CA ALA G 166 21.05 -24.51 38.72
C ALA G 166 22.44 -23.91 38.68
N LEU G 167 22.80 -23.34 37.55
CA LEU G 167 24.08 -22.65 37.42
C LEU G 167 23.81 -21.17 37.23
N TYR G 168 24.29 -20.34 38.17
CA TYR G 168 24.22 -18.88 38.08
C TYR G 168 25.51 -18.35 37.46
N GLY G 169 25.57 -18.46 36.14
CA GLY G 169 26.76 -18.04 35.43
C GLY G 169 26.51 -16.76 34.68
N SER G 170 26.98 -16.69 33.44
CA SER G 170 26.68 -15.53 32.61
C SER G 170 25.17 -15.40 32.42
N ALA G 171 24.46 -16.52 32.40
CA ALA G 171 23.03 -16.59 32.56
C ALA G 171 22.75 -17.66 33.61
N THR G 172 21.50 -17.74 34.04
CA THR G 172 21.09 -18.76 34.99
C THR G 172 20.43 -19.90 34.24
N MET G 173 21.01 -21.10 34.35
CA MET G 173 20.51 -22.28 33.68
C MET G 173 20.19 -23.35 34.70
N LEU G 174 19.07 -24.04 34.49
CA LEU G 174 18.65 -25.18 35.30
C LEU G 174 18.75 -26.44 34.46
N VAL G 175 19.57 -27.39 34.92
CA VAL G 175 19.77 -28.66 34.25
C VAL G 175 19.10 -29.75 35.10
N LEU G 176 18.10 -30.42 34.55
CA LEU G 176 17.31 -31.42 35.27
C LEU G 176 17.45 -32.78 34.59
N ALA G 177 17.87 -33.78 35.37
CA ALA G 177 18.03 -35.15 34.89
C ALA G 177 17.04 -36.05 35.61
N MET G 178 16.31 -36.86 34.83
CA MET G 178 15.38 -37.88 35.32
C MET G 178 15.59 -39.18 34.55
N ASP G 179 14.66 -40.13 34.64
CA ASP G 179 14.82 -41.37 33.87
C ASP G 179 14.81 -41.12 32.37
N CYS G 180 13.96 -40.21 31.91
CA CYS G 180 13.84 -39.86 30.50
C CYS G 180 15.06 -39.15 29.93
N GLY G 181 16.04 -38.77 30.75
CA GLY G 181 17.24 -38.13 30.28
C GLY G 181 17.48 -36.77 30.91
N VAL G 182 18.38 -35.98 30.31
CA VAL G 182 18.79 -34.66 30.81
C VAL G 182 18.14 -33.59 29.94
N ASN G 183 17.60 -32.55 30.59
CA ASN G 183 17.02 -31.40 29.90
C ASN G 183 17.48 -30.11 30.55
N CYS G 184 17.71 -29.09 29.72
CA CYS G 184 18.28 -27.82 30.14
C CYS G 184 17.28 -26.70 29.93
N PHE G 185 17.09 -25.91 30.97
CA PHE G 185 16.15 -24.81 30.95
C PHE G 185 16.91 -23.53 31.24
N MET G 186 16.69 -22.51 30.43
CA MET G 186 17.35 -21.23 30.61
C MET G 186 16.41 -20.30 31.36
N LEU G 187 16.92 -19.63 32.38
CA LEU G 187 16.09 -18.66 33.08
C LEU G 187 15.97 -17.39 32.25
N ASP G 188 14.75 -17.06 31.86
CA ASP G 188 14.45 -15.78 31.24
C ASP G 188 14.09 -14.84 32.37
N PRO G 189 15.00 -13.95 32.79
CA PRO G 189 14.69 -13.07 33.92
C PRO G 189 13.65 -11.99 33.60
N ALA G 190 13.35 -11.74 32.32
CA ALA G 190 12.34 -10.75 32.00
C ALA G 190 10.95 -11.16 32.49
N ILE G 191 10.68 -12.46 32.58
CA ILE G 191 9.38 -12.96 33.00
C ILE G 191 9.48 -14.01 34.09
N GLY G 192 10.68 -14.36 34.52
CA GLY G 192 10.84 -15.36 35.57
C GLY G 192 10.34 -16.73 35.19
N GLU G 193 10.69 -17.22 34.00
CA GLU G 193 10.31 -18.55 33.56
C GLU G 193 11.54 -19.29 33.09
N PHE G 194 11.56 -20.60 33.32
CA PHE G 194 12.63 -21.48 32.83
C PHE G 194 12.22 -22.05 31.48
N ILE G 195 12.97 -21.70 30.44
CA ILE G 195 12.65 -22.05 29.07
C ILE G 195 13.44 -23.27 28.65
N LEU G 196 12.73 -24.27 28.12
CA LEU G 196 13.42 -25.44 27.58
C LEU G 196 14.21 -25.04 26.34
N VAL G 197 15.53 -25.21 26.41
CA VAL G 197 16.41 -24.85 25.29
C VAL G 197 17.25 -26.03 24.81
N ASP G 198 17.29 -27.15 25.54
CA ASP G 198 18.05 -28.32 25.09
C ASP G 198 17.35 -29.58 25.58
N LYS G 199 16.76 -30.36 24.66
CA LYS G 199 16.06 -31.57 25.03
C LYS G 199 17.01 -32.78 24.95
N ASP G 200 16.96 -33.63 25.99
CA ASP G 200 17.64 -34.90 25.99
C ASP G 200 19.11 -34.77 25.60
N VAL G 201 19.83 -34.03 26.43
CA VAL G 201 21.21 -33.69 26.12
C VAL G 201 22.09 -34.92 26.32
N LYS G 202 23.10 -35.05 25.48
CA LYS G 202 24.06 -36.15 25.52
C LYS G 202 25.45 -35.58 25.47
N ILE G 203 26.35 -36.18 26.24
CA ILE G 203 27.74 -35.72 26.29
C ILE G 203 28.50 -36.32 25.12
N LYS G 204 29.52 -35.60 24.65
CA LYS G 204 30.39 -36.16 23.63
C LYS G 204 31.04 -37.44 24.11
N LYS G 205 31.26 -38.37 23.19
CA LYS G 205 31.95 -39.62 23.52
C LYS G 205 33.36 -39.35 24.03
N LYS G 206 34.06 -38.39 23.42
CA LYS G 206 35.39 -37.99 23.85
C LYS G 206 35.53 -36.48 23.75
N GLY G 207 36.21 -35.87 24.71
CA GLY G 207 36.43 -34.45 24.75
C GLY G 207 37.90 -34.08 24.59
N LYS G 208 38.18 -32.79 24.78
CA LYS G 208 39.51 -32.24 24.55
C LYS G 208 39.96 -31.38 25.73
N ILE G 209 39.31 -31.50 26.87
CA ILE G 209 39.57 -30.65 28.01
C ILE G 209 39.68 -31.53 29.22
N TYR G 210 40.69 -31.26 30.05
CA TYR G 210 40.77 -31.91 31.35
C TYR G 210 40.66 -30.84 32.43
N SER G 211 40.07 -31.21 33.57
CA SER G 211 39.74 -30.24 34.60
C SER G 211 40.02 -30.77 36.00
N LEU G 212 41.05 -30.22 36.66
CA LEU G 212 41.37 -30.44 38.07
C LEU G 212 42.30 -29.32 38.55
N ASN G 213 42.41 -29.19 39.87
CA ASN G 213 43.34 -28.26 40.52
C ASN G 213 44.72 -28.91 40.53
N GLU G 214 45.61 -28.47 39.62
CA GLU G 214 46.94 -29.06 39.55
C GLU G 214 47.86 -28.58 40.65
N GLY G 215 47.38 -27.69 41.52
CA GLY G 215 48.19 -27.29 42.65
C GLY G 215 48.44 -28.40 43.66
N TYR G 216 47.63 -29.44 43.64
CA TYR G 216 47.85 -30.61 44.49
C TYR G 216 48.75 -31.65 43.82
N ALA G 217 49.43 -31.30 42.72
CA ALA G 217 50.19 -32.30 41.98
C ALA G 217 51.20 -33.02 42.86
N LYS G 218 51.77 -32.32 43.84
CA LYS G 218 52.68 -32.91 44.83
C LYS G 218 52.07 -34.11 45.55
N ASP G 219 50.73 -34.22 45.64
CA ASP G 219 50.05 -35.30 46.37
C ASP G 219 49.40 -36.34 45.47
N PHE G 220 49.49 -36.21 44.16
CA PHE G 220 48.73 -37.09 43.27
C PHE G 220 49.19 -38.53 43.27
N ASP G 221 48.24 -39.43 43.33
CA ASP G 221 48.28 -40.83 42.97
C ASP G 221 49.04 -40.99 41.65
N PRO G 222 49.96 -41.97 41.55
CA PRO G 222 50.65 -42.20 40.27
C PRO G 222 49.73 -42.37 39.08
N ALA G 223 48.54 -42.94 39.29
CA ALA G 223 47.56 -43.07 38.22
C ALA G 223 47.10 -41.71 37.72
N VAL G 224 46.81 -40.77 38.64
CA VAL G 224 46.46 -39.42 38.22
C VAL G 224 47.66 -38.75 37.54
N THR G 225 48.86 -38.92 38.12
CA THR G 225 50.07 -38.34 37.52
C THR G 225 50.25 -38.83 36.09
N GLU G 226 50.10 -40.14 35.86
CA GLU G 226 50.29 -40.65 34.50
C GLU G 226 49.17 -40.21 33.57
N TYR G 227 47.92 -40.21 34.05
CA TYR G 227 46.81 -39.83 33.17
C TYR G 227 46.96 -38.38 32.72
N ILE G 228 47.38 -37.49 33.62
CA ILE G 228 47.51 -36.09 33.24
C ILE G 228 48.63 -35.89 32.22
N GLN G 229 49.78 -36.55 32.44
CA GLN G 229 50.90 -36.45 31.53
C GLN G 229 50.49 -36.84 30.12
N ARG G 230 49.63 -37.84 29.98
CA ARG G 230 49.19 -38.25 28.67
C ARG G 230 48.35 -37.16 28.01
N LYS G 231 47.67 -36.33 28.79
CA LYS G 231 46.89 -35.25 28.20
C LYS G 231 47.80 -34.10 27.76
N LYS G 232 48.87 -33.83 28.51
CA LYS G 232 49.80 -32.77 28.12
C LYS G 232 50.80 -33.23 27.08
N PHE G 233 51.24 -34.49 27.15
CA PHE G 233 52.23 -35.04 26.23
C PHE G 233 51.66 -36.32 25.63
N PRO G 234 50.74 -36.21 24.68
CA PRO G 234 50.07 -37.39 24.14
C PRO G 234 51.06 -38.33 23.47
N PRO G 235 50.96 -39.63 23.74
CA PRO G 235 51.89 -40.58 23.09
C PRO G 235 51.70 -40.66 21.58
N ASP G 236 50.46 -40.56 21.11
CA ASP G 236 50.13 -40.70 19.70
C ASP G 236 50.34 -39.41 18.89
N ASN G 237 51.07 -38.44 19.43
CA ASN G 237 51.33 -37.17 18.76
C ASN G 237 50.05 -36.43 18.37
N SER G 238 48.91 -36.76 18.97
CA SER G 238 47.73 -35.91 18.82
C SER G 238 47.91 -34.62 19.62
N ALA G 239 46.99 -33.69 19.45
CA ALA G 239 47.11 -32.41 20.15
C ALA G 239 46.81 -32.57 21.64
N PRO G 240 47.61 -31.94 22.51
CA PRO G 240 47.30 -31.96 23.94
C PRO G 240 45.97 -31.30 24.26
N TYR G 241 45.38 -31.72 25.37
CA TYR G 241 44.12 -31.17 25.83
C TYR G 241 44.31 -29.76 26.38
N GLY G 242 43.26 -28.97 26.28
CA GLY G 242 43.22 -27.74 27.03
C GLY G 242 42.85 -27.99 28.49
N ALA G 243 43.37 -27.13 29.36
CA ALA G 243 43.06 -27.21 30.77
C ALA G 243 42.08 -26.10 31.13
N ARG G 244 41.11 -26.43 31.97
CA ARG G 244 40.20 -25.47 32.55
C ARG G 244 39.93 -25.92 33.97
N TYR G 245 39.89 -24.97 34.90
CA TYR G 245 39.50 -25.27 36.28
C TYR G 245 38.95 -23.98 36.88
N VAL G 246 37.63 -23.83 36.86
CA VAL G 246 37.03 -22.64 37.43
C VAL G 246 37.15 -22.66 38.95
N GLY G 247 37.22 -23.83 39.54
CA GLY G 247 37.17 -23.89 40.99
C GLY G 247 35.79 -23.86 41.56
N SER G 248 34.76 -23.90 40.72
CA SER G 248 33.38 -24.01 41.20
C SER G 248 32.78 -25.22 40.51
N MET G 249 32.43 -26.24 41.29
CA MET G 249 32.10 -27.56 40.74
C MET G 249 30.97 -27.48 39.72
N VAL G 250 29.90 -26.75 40.04
CA VAL G 250 28.78 -26.69 39.12
C VAL G 250 29.23 -26.10 37.78
N ALA G 251 30.07 -25.07 37.82
CA ALA G 251 30.58 -24.45 36.59
C ALA G 251 31.47 -25.41 35.82
N ASP G 252 32.37 -26.11 36.52
CA ASP G 252 33.25 -27.07 35.86
C ASP G 252 32.46 -28.25 35.30
N VAL G 253 31.48 -28.75 36.05
CA VAL G 253 30.73 -29.90 35.58
C VAL G 253 29.89 -29.52 34.37
N HIS G 254 29.29 -28.34 34.41
CA HIS G 254 28.46 -27.96 33.28
C HIS G 254 29.29 -27.81 31.99
N ARG G 255 30.45 -27.17 32.06
CA ARG G 255 31.30 -27.13 30.87
C ARG G 255 31.62 -28.53 30.37
N THR G 256 31.93 -29.45 31.29
CA THR G 256 32.22 -30.84 30.92
C THR G 256 31.03 -31.52 30.25
N LEU G 257 29.81 -31.23 30.72
CA LEU G 257 28.63 -31.74 30.04
C LEU G 257 28.50 -31.14 28.65
N VAL G 258 28.75 -29.83 28.51
CA VAL G 258 28.44 -29.12 27.26
C VAL G 258 29.45 -29.44 26.17
N TYR G 259 30.74 -29.45 26.52
CA TYR G 259 31.80 -29.59 25.53
C TYR G 259 32.52 -30.93 25.59
N GLY G 260 32.24 -31.78 26.57
CA GLY G 260 32.99 -32.99 26.74
C GLY G 260 34.28 -32.74 27.48
N GLY G 261 34.99 -33.81 27.73
CA GLY G 261 36.21 -33.78 28.50
C GLY G 261 36.03 -34.50 29.83
N ILE G 262 36.90 -34.16 30.77
CA ILE G 262 36.99 -34.92 31.99
C ILE G 262 37.28 -33.99 33.15
N PHE G 263 36.57 -34.21 34.25
CA PHE G 263 36.74 -33.49 35.50
C PHE G 263 37.19 -34.46 36.59
N LEU G 264 38.21 -34.07 37.34
CA LEU G 264 38.77 -34.89 38.41
C LEU G 264 38.93 -34.03 39.65
N TYR G 265 38.41 -34.52 40.78
CA TYR G 265 38.86 -34.07 42.09
C TYR G 265 39.21 -35.31 42.91
N PRO G 266 40.44 -35.83 42.78
CA PRO G 266 40.84 -37.04 43.50
C PRO G 266 41.33 -36.67 44.90
N ALA G 267 41.63 -37.70 45.69
CA ALA G 267 42.09 -37.43 47.05
C ALA G 267 43.52 -36.90 47.07
N ASN G 268 43.79 -35.97 47.99
CA ASN G 268 45.12 -35.44 48.29
C ASN G 268 45.42 -35.57 49.79
N LYS G 269 46.52 -34.97 50.27
CA LYS G 269 46.87 -35.07 51.69
C LYS G 269 46.00 -34.23 52.61
N LYS G 270 45.45 -33.11 52.14
CA LYS G 270 44.49 -32.42 52.98
C LYS G 270 43.15 -33.14 52.99
N SER G 271 42.86 -33.92 51.95
CA SER G 271 41.57 -34.59 51.76
C SER G 271 41.78 -36.05 51.36
N PRO G 272 42.12 -36.92 52.32
CA PRO G 272 42.45 -38.31 51.98
C PRO G 272 41.27 -39.13 51.51
N ASN G 273 40.03 -38.69 51.78
CA ASN G 273 38.82 -39.34 51.27
C ASN G 273 38.21 -38.51 50.15
N GLY G 274 39.02 -37.66 49.51
CA GLY G 274 38.56 -36.69 48.55
C GLY G 274 37.98 -35.46 49.24
N LYS G 275 37.53 -34.51 48.44
CA LYS G 275 37.05 -33.25 49.00
C LYS G 275 35.58 -32.99 48.73
N LEU G 276 35.06 -33.38 47.57
CA LEU G 276 33.67 -33.13 47.23
C LEU G 276 32.73 -34.05 48.02
N ARG G 277 31.52 -33.57 48.29
CA ARG G 277 30.57 -34.30 49.12
C ARG G 277 29.77 -35.29 48.29
N LEU G 278 29.67 -36.53 48.78
CA LEU G 278 29.01 -37.59 48.01
C LEU G 278 27.51 -37.33 47.88
N LEU G 279 26.85 -36.98 48.98
CA LEU G 279 25.40 -36.92 49.01
C LEU G 279 24.85 -35.81 48.11
N TYR G 280 25.41 -34.60 48.22
CA TYR G 280 24.81 -33.44 47.57
C TYR G 280 25.76 -32.73 46.61
N GLU G 281 26.92 -33.32 46.31
CA GLU G 281 27.77 -32.82 45.24
C GLU G 281 28.07 -33.92 44.24
N CYS G 282 28.66 -35.05 44.68
CA CYS G 282 29.10 -36.07 43.75
C CYS G 282 27.92 -36.80 43.11
N ASN G 283 27.00 -37.31 43.94
CA ASN G 283 25.89 -38.11 43.42
C ASN G 283 25.06 -37.39 42.38
N PRO G 284 24.54 -36.16 42.63
CA PRO G 284 23.71 -35.54 41.60
C PRO G 284 24.45 -35.26 40.31
N MET G 285 25.73 -34.91 40.38
CA MET G 285 26.49 -34.71 39.15
C MET G 285 26.69 -36.03 38.46
N ALA G 286 27.01 -37.09 39.23
CA ALA G 286 27.11 -38.42 38.67
C ALA G 286 25.80 -38.83 38.02
N TYR G 287 24.68 -38.48 38.64
CA TYR G 287 23.41 -38.89 38.08
C TYR G 287 23.16 -38.18 36.76
N VAL G 288 23.35 -36.85 36.73
CA VAL G 288 23.24 -36.08 35.49
C VAL G 288 24.19 -36.62 34.44
N MET G 289 25.44 -36.88 34.85
CA MET G 289 26.42 -37.38 33.90
C MET G 289 25.97 -38.71 33.30
N GLU G 290 25.49 -39.63 34.14
CA GLU G 290 25.13 -40.95 33.61
C GLU G 290 23.93 -40.88 32.69
N LYS G 291 22.86 -40.18 33.09
CA LYS G 291 21.73 -40.09 32.20
C LYS G 291 22.10 -39.38 30.90
N ALA G 292 23.18 -38.63 30.89
CA ALA G 292 23.60 -37.94 29.68
C ALA G 292 24.57 -38.76 28.86
N GLY G 293 24.74 -40.03 29.20
CA GLY G 293 25.63 -40.91 28.50
C GLY G 293 27.07 -40.88 28.94
N GLY G 294 27.37 -40.20 30.06
CA GLY G 294 28.73 -40.13 30.56
C GLY G 294 28.99 -41.12 31.69
N MET G 295 30.16 -40.96 32.32
CA MET G 295 30.60 -41.88 33.36
C MET G 295 31.07 -41.11 34.59
N ALA G 296 31.08 -41.78 35.74
CA ALA G 296 31.48 -41.15 37.01
C ALA G 296 31.94 -42.23 37.98
N THR G 297 33.22 -42.21 38.33
CA THR G 297 33.85 -43.23 39.16
C THR G 297 34.62 -42.58 40.30
N THR G 298 34.78 -43.32 41.38
CA THR G 298 35.67 -42.92 42.46
C THR G 298 37.10 -43.40 42.21
N GLY G 299 37.30 -44.18 41.14
CA GLY G 299 38.53 -44.90 40.90
C GLY G 299 38.34 -46.39 41.14
N LYS G 300 37.76 -46.73 42.28
CA LYS G 300 37.52 -48.13 42.63
C LYS G 300 36.10 -48.58 42.33
N GLU G 301 35.17 -47.65 42.17
CA GLU G 301 33.78 -48.01 41.90
C GLU G 301 33.07 -46.81 41.31
N ALA G 302 31.89 -47.06 40.76
CA ALA G 302 31.02 -45.98 40.34
C ALA G 302 30.51 -45.20 41.55
N VAL G 303 30.45 -43.88 41.40
CA VAL G 303 29.94 -43.00 42.46
C VAL G 303 28.53 -43.40 42.86
N LEU G 304 27.68 -43.76 41.88
CA LEU G 304 26.31 -44.09 42.21
C LEU G 304 26.21 -45.39 43.00
N ASP G 305 27.27 -46.20 43.00
CA ASP G 305 27.29 -47.46 43.72
C ASP G 305 27.83 -47.35 45.14
N VAL G 306 28.43 -46.22 45.51
CA VAL G 306 28.93 -46.04 46.88
C VAL G 306 27.76 -45.92 47.83
N ILE G 307 27.80 -46.71 48.90
CA ILE G 307 26.77 -46.70 49.94
C ILE G 307 27.24 -45.80 51.08
N PRO G 308 26.66 -44.63 51.27
CA PRO G 308 27.15 -43.72 52.32
C PRO G 308 26.82 -44.21 53.72
N THR G 309 27.68 -43.79 54.66
CA THR G 309 27.49 -43.96 56.09
C THR G 309 27.32 -42.65 56.83
N ASP G 310 27.76 -41.55 56.24
CA ASP G 310 27.64 -40.26 56.88
C ASP G 310 27.18 -39.24 55.85
N ILE G 311 26.22 -38.39 56.25
CA ILE G 311 25.57 -37.49 55.32
C ILE G 311 26.51 -36.44 54.74
N HIS G 312 27.62 -36.14 55.39
CA HIS G 312 28.59 -35.18 54.90
C HIS G 312 29.89 -35.83 54.47
N GLN G 313 29.88 -37.14 54.24
CA GLN G 313 31.11 -37.81 53.85
C GLN G 313 31.56 -37.36 52.45
N ARG G 314 32.86 -37.48 52.24
CA ARG G 314 33.51 -37.05 51.01
C ARG G 314 33.78 -38.25 50.12
N ALA G 315 34.04 -37.96 48.84
CA ALA G 315 34.40 -39.00 47.87
C ALA G 315 35.26 -38.39 46.78
N PRO G 316 36.29 -39.09 46.33
CA PRO G 316 36.96 -38.66 45.10
C PRO G 316 36.10 -38.99 43.89
N VAL G 317 36.22 -38.16 42.86
CA VAL G 317 35.39 -38.36 41.66
C VAL G 317 36.21 -38.01 40.42
N ILE G 318 36.06 -38.85 39.39
CA ILE G 318 36.48 -38.58 38.03
C ILE G 318 35.26 -38.78 37.17
N LEU G 319 34.83 -37.74 36.46
CA LEU G 319 33.57 -37.83 35.73
C LEU G 319 33.70 -37.10 34.41
N GLY G 320 32.83 -37.45 33.46
CA GLY G 320 32.80 -36.78 32.17
C GLY G 320 32.53 -37.71 30.99
N SER G 321 33.12 -37.38 29.85
CA SER G 321 32.94 -38.17 28.64
C SER G 321 33.37 -39.62 28.88
N PRO G 322 32.63 -40.60 28.32
CA PRO G 322 32.97 -41.99 28.64
C PRO G 322 34.37 -42.40 28.21
N ASP G 323 34.75 -42.11 26.96
CA ASP G 323 36.09 -42.46 26.48
C ASP G 323 37.17 -41.88 27.37
N ASP G 324 36.95 -40.68 27.91
CA ASP G 324 37.96 -40.10 28.76
C ASP G 324 38.00 -40.77 30.13
N VAL G 325 36.83 -41.12 30.69
CA VAL G 325 36.83 -41.79 31.98
C VAL G 325 37.40 -43.21 31.85
N LEU G 326 37.10 -43.87 30.73
CA LEU G 326 37.63 -45.21 30.47
C LEU G 326 39.14 -45.23 30.39
N GLU G 327 39.72 -44.26 29.68
CA GLU G 327 41.17 -44.17 29.61
C GLU G 327 41.78 -44.03 30.99
N PHE G 328 41.19 -43.18 31.84
CA PHE G 328 41.72 -43.03 33.18
C PHE G 328 41.63 -44.33 33.97
N LEU G 329 40.48 -45.02 33.90
CA LEU G 329 40.33 -46.27 34.65
C LEU G 329 41.31 -47.31 34.16
N LYS G 330 41.61 -47.31 32.87
CA LYS G 330 42.58 -48.23 32.32
C LYS G 330 43.98 -47.92 32.86
N VAL G 331 44.35 -46.64 32.91
CA VAL G 331 45.60 -46.24 33.55
C VAL G 331 45.57 -46.58 35.04
N TYR G 332 44.42 -46.42 35.68
CA TYR G 332 44.28 -46.69 37.12
C TYR G 332 44.56 -48.14 37.46
N GLU G 333 43.98 -49.08 36.72
CA GLU G 333 44.25 -50.48 37.02
C GLU G 333 45.67 -50.87 36.62
N LYS G 334 46.24 -50.20 35.62
CA LYS G 334 47.63 -50.43 35.31
C LYS G 334 48.48 -50.26 36.57
N HIS G 335 48.04 -49.40 37.49
CA HIS G 335 48.68 -49.21 38.79
C HIS G 335 48.00 -50.04 39.89
N SER G 336 47.46 -51.20 39.54
CA SER G 336 46.77 -52.09 40.48
C SER G 336 45.65 -51.37 41.21
N ASP H 10 28.47 7.43 52.91
CA ASP H 10 27.51 7.95 51.93
C ASP H 10 27.52 7.16 50.62
N VAL H 11 26.33 6.70 50.21
CA VAL H 11 26.21 5.90 49.00
C VAL H 11 26.64 6.69 47.77
N ASN H 12 27.24 5.99 46.81
CA ASN H 12 27.65 6.62 45.56
C ASN H 12 27.37 5.69 44.39
N THR H 13 26.89 6.25 43.29
CA THR H 13 26.70 5.54 42.05
C THR H 13 27.90 5.81 41.13
N LEU H 14 27.96 5.08 40.03
CA LEU H 14 29.04 5.31 39.08
C LEU H 14 29.01 6.73 38.52
N THR H 15 27.83 7.15 38.03
CA THR H 15 27.71 8.47 37.38
C THR H 15 27.95 9.62 38.35
N ARG H 16 27.33 9.56 39.53
CA ARG H 16 27.58 10.57 40.56
C ARG H 16 29.06 10.65 40.89
N PHE H 17 29.70 9.48 41.05
CA PHE H 17 31.13 9.44 41.38
C PHE H 17 31.95 10.10 40.28
N VAL H 18 31.66 9.77 39.03
CA VAL H 18 32.45 10.31 37.92
C VAL H 18 32.23 11.81 37.78
N MET H 19 30.98 12.27 37.91
CA MET H 19 30.70 13.71 37.88
C MET H 19 31.44 14.44 39.00
N GLU H 20 31.45 13.88 40.20
CA GLU H 20 32.09 14.57 41.31
C GLU H 20 33.60 14.66 41.10
N GLU H 21 34.22 13.60 40.59
CA GLU H 21 35.63 13.67 40.24
C GLU H 21 35.85 14.67 39.12
N GLY H 22 34.97 14.65 38.13
CA GLY H 22 35.13 15.53 36.98
C GLY H 22 35.03 16.99 37.33
N ARG H 23 34.13 17.33 38.26
CA ARG H 23 34.02 18.72 38.69
C ARG H 23 35.22 19.12 39.54
N LYS H 24 35.75 18.19 40.35
CA LYS H 24 37.00 18.41 41.07
C LYS H 24 38.13 18.76 40.10
N ALA H 25 38.23 18.04 38.99
CA ALA H 25 39.29 18.24 38.00
C ALA H 25 39.02 19.43 37.09
N ARG H 26 37.87 20.06 37.22
CA ARG H 26 37.56 21.27 36.46
C ARG H 26 37.60 21.00 34.95
N GLY H 27 37.13 19.82 34.53
CA GLY H 27 37.13 19.46 33.12
C GLY H 27 35.86 19.88 32.40
N THR H 28 35.87 19.73 31.07
CA THR H 28 34.76 20.17 30.25
C THR H 28 33.58 19.24 30.34
N GLY H 29 33.77 18.00 30.78
CA GLY H 29 32.70 17.03 30.85
C GLY H 29 32.74 15.94 29.81
N GLU H 30 33.63 16.02 28.81
CA GLU H 30 33.62 15.02 27.75
C GLU H 30 33.91 13.61 28.30
N LEU H 31 34.79 13.49 29.28
CA LEU H 31 35.08 12.15 29.81
C LEU H 31 33.88 11.59 30.55
N THR H 32 33.19 12.43 31.32
CA THR H 32 31.98 12.01 32.01
C THR H 32 30.90 11.56 31.03
N GLN H 33 30.73 12.27 29.90
CA GLN H 33 29.79 11.78 28.88
C GLN H 33 30.23 10.45 28.28
N LEU H 34 31.51 10.32 27.96
CA LEU H 34 32.02 9.05 27.46
C LEU H 34 31.71 7.94 28.45
N LEU H 35 32.02 8.17 29.74
CA LEU H 35 31.86 7.12 30.73
C LEU H 35 30.38 6.79 30.96
N ASN H 36 29.51 7.81 31.00
CA ASN H 36 28.08 7.57 31.17
C ASN H 36 27.50 6.76 29.99
N SER H 37 27.87 7.13 28.76
CA SER H 37 27.43 6.35 27.61
C SER H 37 27.95 4.93 27.71
N LEU H 38 29.21 4.77 28.05
CA LEU H 38 29.79 3.43 28.18
C LEU H 38 29.06 2.59 29.22
N CYS H 39 28.73 3.20 30.36
CA CYS H 39 27.99 2.49 31.39
C CYS H 39 26.63 2.01 30.90
N THR H 40 25.91 2.85 30.15
CA THR H 40 24.60 2.47 29.63
C THR H 40 24.67 1.26 28.71
N ALA H 41 25.64 1.23 27.79
CA ALA H 41 25.82 0.05 26.96
C ALA H 41 26.08 -1.19 27.82
N VAL H 42 26.84 -1.03 28.90
CA VAL H 42 27.25 -2.16 29.71
C VAL H 42 26.04 -2.79 30.38
N LYS H 43 25.10 -1.97 30.84
CA LYS H 43 23.85 -2.49 31.38
C LYS H 43 23.05 -3.20 30.29
N ALA H 44 23.04 -2.65 29.07
CA ALA H 44 22.35 -3.35 28.00
C ALA H 44 23.03 -4.67 27.68
N ILE H 45 24.37 -4.69 27.63
CA ILE H 45 25.08 -5.94 27.38
C ILE H 45 24.74 -6.96 28.47
N SER H 46 24.81 -6.52 29.75
CA SER H 46 24.49 -7.40 30.87
C SER H 46 23.11 -8.01 30.73
N SER H 47 22.13 -7.17 30.40
CA SER H 47 20.77 -7.67 30.23
C SER H 47 20.71 -8.77 29.18
N ALA H 48 21.42 -8.59 28.05
CA ALA H 48 21.41 -9.60 27.00
C ALA H 48 22.17 -10.85 27.41
N VAL H 49 23.25 -10.68 28.16
CA VAL H 49 24.04 -11.83 28.56
C VAL H 49 23.28 -12.71 29.54
N ARG H 50 22.49 -12.11 30.45
CA ARG H 50 21.66 -12.89 31.37
C ARG H 50 20.38 -13.39 30.73
N LYS H 51 20.17 -13.14 29.43
CA LYS H 51 19.15 -13.74 28.60
C LYS H 51 17.74 -13.19 28.83
N ALA H 52 17.62 -11.88 29.08
CA ALA H 52 16.30 -11.25 29.10
C ALA H 52 15.64 -11.35 27.72
N GLY H 53 14.40 -11.82 27.69
CA GLY H 53 13.69 -11.94 26.44
C GLY H 53 13.98 -13.20 25.66
N ILE H 54 14.70 -14.17 26.23
CA ILE H 54 15.01 -15.38 25.45
C ILE H 54 13.74 -16.17 25.14
N ALA H 55 12.70 -16.07 25.96
CA ALA H 55 11.45 -16.77 25.68
C ALA H 55 10.87 -16.36 24.33
N HIS H 56 11.13 -15.14 23.87
CA HIS H 56 10.62 -14.72 22.57
C HIS H 56 11.34 -15.43 21.44
N LEU H 57 12.65 -15.61 21.57
CA LEU H 57 13.39 -16.39 20.58
C LEU H 57 12.91 -17.84 20.48
N TYR H 58 12.29 -18.37 21.53
CA TYR H 58 11.82 -19.76 21.53
C TYR H 58 10.31 -19.89 21.32
N GLY H 59 9.67 -18.85 20.79
CA GLY H 59 8.32 -18.96 20.27
C GLY H 59 7.23 -18.80 21.29
N ILE H 60 7.46 -18.00 22.34
CA ILE H 60 6.43 -17.78 23.36
C ILE H 60 5.21 -17.09 22.76
N ALA H 61 5.40 -16.29 21.69
CA ALA H 61 4.27 -15.67 20.98
C ALA H 61 4.10 -16.26 19.58
N GLY H 62 4.60 -17.47 19.35
CA GLY H 62 4.60 -18.09 18.04
C GLY H 62 5.75 -17.62 17.17
N LYS H 73 25.92 -14.30 17.73
CA LYS H 73 25.23 -13.01 17.68
C LYS H 73 25.48 -12.21 18.94
N LEU H 74 25.69 -12.87 20.08
CA LEU H 74 25.77 -12.11 21.33
C LEU H 74 26.95 -11.14 21.29
N ASP H 75 28.08 -11.56 20.72
CA ASP H 75 29.21 -10.64 20.58
C ASP H 75 28.99 -9.61 19.46
N VAL H 76 28.18 -9.92 18.45
CA VAL H 76 27.81 -8.88 17.49
C VAL H 76 26.89 -7.84 18.14
N LEU H 77 25.88 -8.29 18.88
CA LEU H 77 25.03 -7.35 19.58
C LEU H 77 25.85 -6.49 20.53
N SER H 78 26.79 -7.11 21.22
CA SER H 78 27.62 -6.41 22.19
C SER H 78 28.42 -5.30 21.53
N ASN H 79 28.99 -5.60 20.36
CA ASN H 79 29.77 -4.62 19.61
C ASN H 79 28.92 -3.44 19.19
N ASP H 80 27.70 -3.69 18.69
CA ASP H 80 26.83 -2.60 18.26
C ASP H 80 26.43 -1.70 19.41
N LEU H 81 26.16 -2.28 20.58
CA LEU H 81 25.79 -1.46 21.73
C LEU H 81 26.91 -0.50 22.11
N VAL H 82 28.14 -1.01 22.24
CA VAL H 82 29.28 -0.17 22.57
C VAL H 82 29.52 0.86 21.46
N MET H 83 29.52 0.39 20.21
CA MET H 83 29.76 1.27 19.08
C MET H 83 28.77 2.44 19.03
N ASN H 84 27.48 2.15 19.16
CA ASN H 84 26.46 3.18 19.01
C ASN H 84 26.41 4.13 20.19
N MET H 85 26.68 3.66 21.40
CA MET H 85 26.63 4.57 22.54
C MET H 85 27.82 5.52 22.55
N LEU H 86 28.99 5.02 22.14
CA LEU H 86 30.18 5.86 22.06
C LEU H 86 30.06 6.89 20.93
N LYS H 87 29.66 6.44 19.73
CA LYS H 87 29.51 7.36 18.62
C LYS H 87 28.54 8.49 18.97
N SER H 88 27.42 8.16 19.60
CA SER H 88 26.44 9.19 19.94
C SER H 88 26.78 9.95 21.22
N SER H 89 27.92 9.67 21.84
CA SER H 89 28.30 10.36 23.08
C SER H 89 28.90 11.71 22.80
N PHE H 90 29.29 11.99 21.56
CA PHE H 90 29.96 13.21 21.18
C PHE H 90 31.30 13.34 21.89
N ALA H 91 31.89 12.25 22.32
CA ALA H 91 33.13 12.32 23.07
C ALA H 91 34.28 11.56 22.43
N THR H 92 34.06 10.85 21.33
CA THR H 92 35.07 9.99 20.74
C THR H 92 35.27 10.34 19.27
N CYS H 93 36.41 9.92 18.73
CA CYS H 93 36.71 10.16 17.33
C CYS H 93 37.22 8.91 16.63
N VAL H 94 37.82 8.00 17.39
CA VAL H 94 38.35 6.74 16.86
C VAL H 94 38.02 5.63 17.82
N LEU H 95 37.46 4.54 17.30
CA LEU H 95 37.07 3.37 18.08
C LEU H 95 37.76 2.15 17.51
N VAL H 96 38.40 1.37 18.38
CA VAL H 96 39.02 0.10 18.02
C VAL H 96 38.37 -1.00 18.85
N SER H 97 37.93 -2.07 18.17
CA SER H 97 37.15 -3.17 18.73
C SER H 97 37.73 -4.52 18.32
N GLU H 98 37.60 -5.53 19.21
CA GLU H 98 38.02 -6.90 18.87
C GLU H 98 37.37 -7.37 17.58
N GLU H 99 36.20 -6.84 17.24
CA GLU H 99 35.38 -7.33 16.14
C GLU H 99 35.62 -6.63 14.82
N ASP H 100 36.44 -5.58 14.78
CA ASP H 100 36.63 -4.78 13.57
C ASP H 100 38.11 -4.76 13.20
N LYS H 101 38.42 -5.20 11.98
CA LYS H 101 39.81 -5.27 11.52
C LYS H 101 40.44 -3.89 11.40
N HIS H 102 39.65 -2.89 11.06
CA HIS H 102 40.10 -1.52 10.95
C HIS H 102 39.38 -0.69 12.01
N ALA H 103 40.07 0.37 12.47
CA ALA H 103 39.49 1.32 13.42
C ALA H 103 38.31 2.05 12.80
N ILE H 104 37.30 2.32 13.60
CA ILE H 104 36.14 3.08 13.13
C ILE H 104 36.36 4.54 13.47
N ILE H 105 36.14 5.40 12.48
CA ILE H 105 36.27 6.84 12.64
C ILE H 105 34.89 7.44 12.81
N VAL H 106 34.68 8.13 13.93
CA VAL H 106 33.40 8.75 14.17
C VAL H 106 33.17 9.82 13.12
N GLU H 107 31.93 9.90 12.64
CA GLU H 107 31.61 10.91 11.65
C GLU H 107 31.84 12.28 12.27
N PRO H 108 32.21 13.29 11.45
CA PRO H 108 32.65 14.59 11.99
C PRO H 108 31.68 15.28 12.94
N GLU H 109 30.38 15.24 12.68
CA GLU H 109 29.43 15.95 13.54
C GLU H 109 29.38 15.38 14.95
N LYS H 110 29.77 14.12 15.13
CA LYS H 110 29.76 13.47 16.43
C LYS H 110 31.14 13.32 17.05
N ARG H 111 32.17 13.92 16.44
CA ARG H 111 33.55 13.71 16.86
C ARG H 111 33.84 14.38 18.20
N GLY H 112 34.48 13.64 19.10
CA GLY H 112 35.03 14.22 20.31
C GLY H 112 36.52 13.99 20.35
N LYS H 113 37.13 14.09 21.53
CA LYS H 113 38.58 14.16 21.63
C LYS H 113 39.24 12.88 22.15
N TYR H 114 38.47 11.81 22.37
CA TYR H 114 38.99 10.61 22.99
C TYR H 114 39.03 9.45 21.99
N VAL H 115 40.01 8.57 22.20
CA VAL H 115 40.15 7.32 21.46
C VAL H 115 39.84 6.16 22.41
N VAL H 116 39.01 5.22 21.97
CA VAL H 116 38.62 4.08 22.81
C VAL H 116 38.98 2.79 22.10
N CYS H 117 39.67 1.90 22.81
CA CYS H 117 39.90 0.53 22.39
C CYS H 117 39.14 -0.37 23.36
N PHE H 118 38.38 -1.32 22.83
CA PHE H 118 37.59 -2.17 23.71
C PHE H 118 37.44 -3.55 23.09
N ASP H 119 37.24 -4.52 23.96
CA ASP H 119 36.75 -5.85 23.61
C ASP H 119 35.33 -5.92 24.15
N PRO H 120 34.30 -5.89 23.31
CA PRO H 120 32.94 -5.71 23.84
C PRO H 120 32.40 -6.92 24.61
N LEU H 121 32.89 -8.15 24.33
CA LEU H 121 32.40 -9.31 25.06
C LEU H 121 33.50 -10.37 25.00
N ASP H 122 34.50 -10.21 25.85
CA ASP H 122 35.60 -11.14 25.81
C ASP H 122 35.20 -12.50 26.41
N GLY H 123 35.75 -13.57 25.85
CA GLY H 123 35.40 -14.92 26.25
C GLY H 123 34.14 -15.49 25.62
N SER H 124 33.46 -14.76 24.73
CA SER H 124 32.19 -15.23 24.20
C SER H 124 32.32 -16.48 23.34
N SER H 125 33.53 -16.84 22.91
CA SER H 125 33.68 -18.05 22.12
C SER H 125 33.27 -19.27 22.90
N ASN H 126 33.33 -19.18 24.23
CA ASN H 126 32.93 -20.25 25.13
C ASN H 126 31.69 -19.90 25.96
N ILE H 127 30.88 -18.94 25.50
CA ILE H 127 29.70 -18.54 26.25
C ILE H 127 28.59 -19.60 26.23
N ASP H 128 28.73 -20.63 25.39
CA ASP H 128 27.75 -21.71 25.39
C ASP H 128 27.75 -22.50 26.68
N CYS H 129 28.82 -22.44 27.46
CA CYS H 129 28.86 -23.17 28.72
C CYS H 129 28.53 -22.27 29.89
N LEU H 130 28.16 -21.01 29.62
CA LEU H 130 27.77 -20.02 30.62
C LEU H 130 28.95 -19.60 31.50
N VAL H 131 30.16 -19.72 30.94
CA VAL H 131 31.33 -19.14 31.57
C VAL H 131 31.11 -17.64 31.73
N SER H 132 31.77 -17.07 32.74
CA SER H 132 31.83 -15.63 32.90
C SER H 132 32.38 -14.97 31.65
N VAL H 133 31.76 -13.86 31.26
CA VAL H 133 32.25 -13.05 30.16
C VAL H 133 32.32 -11.62 30.66
N GLY H 134 32.91 -10.76 29.83
CA GLY H 134 33.14 -9.41 30.28
C GLY H 134 33.49 -8.53 29.11
N THR H 135 33.40 -7.23 29.36
CA THR H 135 33.77 -6.20 28.41
C THR H 135 35.01 -5.48 28.93
N ILE H 136 36.00 -5.27 28.06
CA ILE H 136 37.25 -4.59 28.42
C ILE H 136 37.33 -3.28 27.65
N PHE H 137 37.84 -2.22 28.30
CA PHE H 137 37.97 -0.94 27.60
C PHE H 137 39.18 -0.13 28.08
N GLY H 138 39.77 0.61 27.15
CA GLY H 138 40.81 1.57 27.47
C GLY H 138 40.58 2.89 26.75
N ILE H 139 40.78 4.02 27.44
CA ILE H 139 40.43 5.34 26.90
C ILE H 139 41.68 6.20 26.81
N TYR H 140 42.01 6.64 25.59
CA TYR H 140 43.13 7.53 25.34
C TYR H 140 42.64 8.88 24.81
N ARG H 141 43.37 9.92 25.19
CA ARG H 141 43.22 11.24 24.58
C ARG H 141 43.79 11.27 23.17
N LYS H 142 43.07 11.87 22.24
CA LYS H 142 43.62 12.04 20.90
C LYS H 142 44.80 13.02 21.02
N LYS H 143 45.93 12.67 20.39
CA LYS H 143 47.18 13.39 20.64
C LYS H 143 47.44 14.52 19.64
N SER H 144 47.43 14.21 18.35
CA SER H 144 47.57 15.20 17.29
C SER H 144 46.23 15.83 16.91
N THR H 145 46.28 16.87 16.08
CA THR H 145 45.10 17.49 15.50
C THR H 145 44.89 17.04 14.06
N ASP H 146 45.66 16.06 13.60
CA ASP H 146 45.48 15.54 12.26
C ASP H 146 44.07 14.97 12.11
N GLU H 147 43.71 14.63 10.88
CA GLU H 147 42.44 13.94 10.67
C GLU H 147 42.47 12.63 11.44
N PRO H 148 41.40 12.28 12.12
CA PRO H 148 41.40 11.04 12.91
C PRO H 148 41.64 9.82 12.02
N SER H 149 42.44 8.91 12.53
CA SER H 149 42.80 7.72 11.78
C SER H 149 43.16 6.58 12.72
N GLU H 150 43.42 5.41 12.13
CA GLU H 150 43.89 4.27 12.90
C GLU H 150 45.15 4.61 13.70
N LYS H 151 45.99 5.54 13.19
CA LYS H 151 47.23 5.92 13.88
C LYS H 151 46.97 6.49 15.28
N ASP H 152 45.81 7.10 15.49
CA ASP H 152 45.52 7.72 16.78
C ASP H 152 45.39 6.70 17.90
N ALA H 153 45.21 5.42 17.57
CA ALA H 153 45.08 4.36 18.56
C ALA H 153 46.39 3.66 18.89
N LEU H 154 47.48 3.92 18.16
CA LEU H 154 48.72 3.20 18.44
C LEU H 154 49.52 3.89 19.55
N GLN H 155 48.85 4.10 20.74
CA GLN H 155 49.57 4.70 21.84
C GLN H 155 50.00 3.64 22.84
N PRO H 156 51.10 3.83 23.55
CA PRO H 156 51.42 2.89 24.64
C PRO H 156 50.39 3.04 25.74
N GLY H 157 50.14 1.93 26.44
CA GLY H 157 49.19 1.93 27.53
C GLY H 157 49.48 2.93 28.62
N ARG H 158 50.76 3.33 28.79
CA ARG H 158 51.10 4.42 29.71
C ARG H 158 50.25 5.67 29.44
N ASN H 159 49.80 5.86 28.19
CA ASN H 159 49.05 7.07 27.82
C ASN H 159 47.58 7.02 28.23
N LEU H 160 47.16 5.96 28.91
CA LEU H 160 45.75 5.79 29.22
C LEU H 160 45.24 6.89 30.10
N VAL H 161 44.08 7.43 29.73
CA VAL H 161 43.35 8.34 30.58
C VAL H 161 42.53 7.55 31.60
N ALA H 162 41.92 6.46 31.15
CA ALA H 162 41.09 5.62 31.98
C ALA H 162 40.98 4.25 31.32
N ALA H 163 40.75 3.22 32.14
CA ALA H 163 40.64 1.85 31.63
C ALA H 163 39.87 1.01 32.64
N GLY H 164 39.33 -0.09 32.16
CA GLY H 164 38.69 -1.01 33.08
C GLY H 164 37.89 -2.08 32.35
N TYR H 165 37.03 -2.74 33.11
CA TYR H 165 36.25 -3.83 32.57
C TYR H 165 34.94 -3.96 33.32
N ALA H 166 33.98 -4.58 32.63
CA ALA H 166 32.75 -5.08 33.23
C ALA H 166 32.84 -6.59 33.27
N LEU H 167 32.58 -7.16 34.43
CA LEU H 167 32.56 -8.61 34.61
C LEU H 167 31.11 -9.02 34.74
N TYR H 168 30.63 -9.83 33.78
CA TYR H 168 29.31 -10.49 33.87
C TYR H 168 29.53 -11.88 34.45
N GLY H 169 29.61 -11.93 35.79
CA GLY H 169 29.85 -13.15 36.52
C GLY H 169 28.60 -13.61 37.24
N SER H 170 28.74 -14.09 38.47
CA SER H 170 27.57 -14.39 39.30
C SER H 170 26.73 -13.15 39.51
N ALA H 171 27.38 -11.98 39.55
CA ALA H 171 26.78 -10.66 39.47
C ALA H 171 27.56 -9.83 38.45
N THR H 172 27.07 -8.65 38.11
CA THR H 172 27.75 -7.77 37.15
C THR H 172 28.54 -6.69 37.89
N MET H 173 29.85 -6.64 37.67
CA MET H 173 30.68 -5.66 38.33
C MET H 173 31.46 -4.83 37.31
N LEU H 174 31.58 -3.53 37.58
CA LEU H 174 32.38 -2.62 36.78
C LEU H 174 33.59 -2.16 37.59
N VAL H 175 34.79 -2.43 37.06
CA VAL H 175 36.03 -2.03 37.67
C VAL H 175 36.61 -0.90 36.82
N LEU H 176 36.79 0.27 37.44
CA LEU H 176 37.23 1.47 36.75
C LEU H 176 38.55 1.95 37.35
N ALA H 177 39.55 2.15 36.48
CA ALA H 177 40.87 2.63 36.89
C ALA H 177 41.13 3.96 36.21
N MET H 178 41.47 4.96 37.02
CA MET H 178 41.86 6.29 36.58
C MET H 178 43.06 6.68 37.43
N ASP H 179 43.48 7.94 37.34
CA ASP H 179 44.60 8.36 38.19
C ASP H 179 44.22 8.32 39.66
N CYS H 180 42.96 8.58 40.00
CA CYS H 180 42.58 8.49 41.40
C CYS H 180 42.65 7.07 41.94
N GLY H 181 42.83 6.05 41.10
CA GLY H 181 42.96 4.69 41.58
C GLY H 181 41.91 3.77 41.01
N VAL H 182 41.73 2.59 41.61
CA VAL H 182 40.81 1.58 41.10
C VAL H 182 39.59 1.55 42.00
N ASN H 183 38.41 1.55 41.39
CA ASN H 183 37.15 1.52 42.13
C ASN H 183 36.21 0.50 41.52
N CYS H 184 35.48 -0.19 42.39
CA CYS H 184 34.62 -1.29 41.98
C CYS H 184 33.17 -0.96 42.26
N PHE H 185 32.34 -1.09 41.21
CA PHE H 185 30.92 -0.75 41.26
C PHE H 185 30.09 -1.98 40.93
N MET H 186 29.09 -2.27 41.75
CA MET H 186 28.19 -3.38 41.48
C MET H 186 26.91 -2.87 40.81
N LEU H 187 26.55 -3.49 39.70
CA LEU H 187 25.25 -3.24 39.07
C LEU H 187 24.14 -3.89 39.90
N ASP H 188 23.19 -3.07 40.37
CA ASP H 188 21.95 -3.51 40.98
C ASP H 188 20.91 -3.64 39.88
N PRO H 189 20.60 -4.85 39.42
CA PRO H 189 19.63 -4.98 38.30
C PRO H 189 18.21 -4.59 38.69
N ALA H 190 17.88 -4.47 39.98
CA ALA H 190 16.54 -4.01 40.36
C ALA H 190 16.29 -2.57 39.94
N ILE H 191 17.34 -1.75 39.85
CA ILE H 191 17.22 -0.34 39.52
C ILE H 191 18.15 0.10 38.41
N GLY H 192 19.01 -0.77 37.91
CA GLY H 192 19.92 -0.38 36.86
C GLY H 192 20.89 0.71 37.24
N GLU H 193 21.53 0.57 38.40
CA GLU H 193 22.56 1.49 38.90
C GLU H 193 23.81 0.72 39.29
N PHE H 194 24.95 1.35 39.06
CA PHE H 194 26.24 0.82 39.53
C PHE H 194 26.55 1.47 40.87
N ILE H 195 26.62 0.67 41.93
CA ILE H 195 26.80 1.17 43.29
C ILE H 195 28.26 0.99 43.67
N LEU H 196 28.89 2.06 44.15
CA LEU H 196 30.27 1.95 44.59
C LEU H 196 30.35 1.05 45.80
N VAL H 197 31.11 -0.04 45.70
CA VAL H 197 31.23 -1.00 46.80
C VAL H 197 32.65 -1.24 47.25
N ASP H 198 33.66 -0.84 46.48
CA ASP H 198 35.05 -1.08 46.85
C ASP H 198 35.85 0.14 46.42
N LYS H 199 36.26 0.95 47.39
CA LYS H 199 36.96 2.19 47.11
C LYS H 199 38.46 1.97 47.16
N ASP H 200 39.17 2.50 46.17
CA ASP H 200 40.63 2.58 46.13
C ASP H 200 41.29 1.24 46.48
N VAL H 201 40.97 0.24 45.67
CA VAL H 201 41.33 -1.14 45.98
C VAL H 201 42.80 -1.38 45.65
N LYS H 202 43.45 -2.25 46.43
CA LYS H 202 44.84 -2.61 46.19
C LYS H 202 45.02 -4.12 46.20
N ILE H 203 45.86 -4.62 45.29
CA ILE H 203 46.11 -6.06 45.23
C ILE H 203 47.11 -6.42 46.32
N LYS H 204 47.01 -7.66 46.82
CA LYS H 204 47.93 -8.19 47.83
C LYS H 204 49.36 -8.21 47.30
N LYS H 205 50.32 -8.03 48.21
CA LYS H 205 51.73 -8.02 47.82
C LYS H 205 52.15 -9.37 47.23
N LYS H 206 51.63 -10.47 47.79
CA LYS H 206 51.88 -11.81 47.26
C LYS H 206 50.64 -12.68 47.43
N GLY H 207 50.37 -13.53 46.44
CA GLY H 207 49.22 -14.40 46.44
C GLY H 207 49.57 -15.87 46.56
N LYS H 208 48.54 -16.70 46.37
CA LYS H 208 48.65 -18.14 46.52
C LYS H 208 48.00 -18.87 45.34
N ILE H 209 47.77 -18.18 44.24
CA ILE H 209 47.06 -18.73 43.10
C ILE H 209 47.84 -18.40 41.84
N TYR H 210 48.02 -19.38 40.98
CA TYR H 210 48.56 -19.14 39.65
C TYR H 210 47.53 -19.59 38.63
N SER H 211 47.52 -18.89 37.48
CA SER H 211 46.45 -19.03 36.49
C SER H 211 47.06 -19.05 35.09
N LEU H 212 46.95 -20.17 34.40
CA LEU H 212 47.31 -20.32 32.98
C LEU H 212 46.75 -21.64 32.45
N ASN H 213 46.72 -21.77 31.12
CA ASN H 213 46.34 -23.02 30.47
C ASN H 213 47.54 -23.95 30.50
N GLU H 214 47.55 -24.88 31.46
CA GLU H 214 48.64 -25.84 31.55
C GLU H 214 48.55 -26.92 30.48
N GLY H 215 47.48 -26.94 29.68
CA GLY H 215 47.43 -27.90 28.59
C GLY H 215 48.45 -27.63 27.50
N TYR H 216 48.91 -26.39 27.36
CA TYR H 216 49.94 -26.05 26.41
C TYR H 216 51.33 -26.37 26.92
N ALA H 217 51.42 -27.17 27.99
CA ALA H 217 52.69 -27.41 28.67
C ALA H 217 53.75 -27.94 27.71
N LYS H 218 53.34 -28.72 26.72
CA LYS H 218 54.29 -29.24 25.76
C LYS H 218 55.11 -28.12 25.10
N ASP H 219 54.56 -26.89 25.05
CA ASP H 219 55.19 -25.77 24.36
C ASP H 219 55.71 -24.65 25.25
N PHE H 220 55.67 -24.80 26.57
CA PHE H 220 56.07 -23.71 27.45
C PHE H 220 57.53 -23.34 27.22
N ASP H 221 57.80 -22.03 27.15
CA ASP H 221 59.13 -21.48 27.40
C ASP H 221 59.66 -22.14 28.66
N PRO H 222 60.91 -22.63 28.66
CA PRO H 222 61.47 -23.25 29.88
C PRO H 222 61.32 -22.38 31.13
N ALA H 223 61.37 -21.05 30.98
CA ALA H 223 61.18 -20.19 32.13
C ALA H 223 59.80 -20.36 32.75
N VAL H 224 58.78 -20.49 31.90
CA VAL H 224 57.43 -20.73 32.41
C VAL H 224 57.37 -22.09 33.10
N THR H 225 57.98 -23.11 32.48
CA THR H 225 57.98 -24.44 33.07
C THR H 225 58.60 -24.43 34.46
N GLU H 226 59.74 -23.74 34.62
CA GLU H 226 60.42 -23.76 35.91
C GLU H 226 59.67 -22.93 36.94
N TYR H 227 59.06 -21.82 36.53
CA TYR H 227 58.30 -21.01 37.47
C TYR H 227 57.09 -21.76 38.00
N ILE H 228 56.37 -22.46 37.12
CA ILE H 228 55.18 -23.23 37.50
C ILE H 228 55.56 -24.42 38.37
N GLN H 229 56.66 -25.11 38.05
CA GLN H 229 57.10 -26.23 38.89
C GLN H 229 57.38 -25.77 40.32
N ARG H 230 57.92 -24.55 40.49
CA ARG H 230 58.17 -24.02 41.83
C ARG H 230 56.88 -23.66 42.56
N LYS H 231 55.81 -23.32 41.82
CA LYS H 231 54.54 -23.07 42.47
C LYS H 231 53.89 -24.38 42.91
N LYS H 232 54.06 -25.46 42.12
CA LYS H 232 53.53 -26.77 42.51
C LYS H 232 54.44 -27.49 43.51
N PHE H 233 55.76 -27.32 43.35
CA PHE H 233 56.74 -28.00 44.19
C PHE H 233 57.67 -26.96 44.79
N PRO H 234 57.21 -26.26 45.82
CA PRO H 234 57.99 -25.14 46.36
C PRO H 234 59.35 -25.60 46.85
N PRO H 235 60.40 -24.81 46.58
CA PRO H 235 61.73 -25.22 47.05
C PRO H 235 61.84 -25.31 48.56
N ASP H 236 61.20 -24.39 49.29
CA ASP H 236 61.24 -24.36 50.75
C ASP H 236 60.20 -25.27 51.41
N ASN H 237 59.64 -24.81 52.53
CA ASN H 237 58.62 -25.49 53.33
C ASN H 237 57.26 -24.86 53.14
N SER H 238 57.09 -24.00 52.14
CA SER H 238 55.77 -23.45 51.88
C SER H 238 54.87 -24.47 51.22
N ALA H 239 53.59 -24.21 51.28
CA ALA H 239 52.57 -25.00 50.63
C ALA H 239 52.48 -24.60 49.16
N PRO H 240 52.31 -25.56 48.24
CA PRO H 240 52.17 -25.22 46.82
C PRO H 240 50.95 -24.34 46.57
N TYR H 241 51.03 -23.59 45.47
CA TYR H 241 49.93 -22.70 45.11
C TYR H 241 48.71 -23.48 44.60
N GLY H 242 47.54 -22.87 44.79
CA GLY H 242 46.37 -23.32 44.08
C GLY H 242 46.40 -22.88 42.62
N ALA H 243 45.77 -23.68 41.78
CA ALA H 243 45.58 -23.38 40.38
C ALA H 243 44.13 -23.01 40.12
N ARG H 244 43.91 -22.02 39.26
CA ARG H 244 42.61 -21.67 38.72
C ARG H 244 42.81 -21.22 37.28
N TYR H 245 41.91 -21.64 36.39
CA TYR H 245 41.96 -21.12 35.02
C TYR H 245 40.56 -21.18 34.43
N VAL H 246 39.86 -20.04 34.48
CA VAL H 246 38.50 -19.97 33.97
C VAL H 246 38.52 -20.06 32.45
N GLY H 247 39.60 -19.61 31.82
CA GLY H 247 39.62 -19.52 30.40
C GLY H 247 38.95 -18.29 29.84
N SER H 248 38.49 -17.38 30.69
CA SER H 248 37.95 -16.09 30.30
C SER H 248 38.77 -15.00 31.01
N MET H 249 39.54 -14.25 30.24
CA MET H 249 40.56 -13.40 30.84
C MET H 249 40.01 -12.48 31.92
N VAL H 250 38.86 -11.84 31.65
CA VAL H 250 38.30 -10.85 32.57
C VAL H 250 38.03 -11.47 33.94
N ALA H 251 37.52 -12.72 33.95
CA ALA H 251 37.28 -13.40 35.22
C ALA H 251 38.57 -13.80 35.90
N ASP H 252 39.53 -14.34 35.15
CA ASP H 252 40.79 -14.74 35.75
C ASP H 252 41.54 -13.53 36.31
N VAL H 253 41.52 -12.40 35.59
CA VAL H 253 42.21 -11.21 36.07
C VAL H 253 41.49 -10.61 37.28
N HIS H 254 40.15 -10.54 37.24
CA HIS H 254 39.43 -10.00 38.39
C HIS H 254 39.68 -10.86 39.64
N ARG H 255 39.73 -12.18 39.46
CA ARG H 255 40.09 -13.01 40.61
C ARG H 255 41.47 -12.67 41.12
N THR H 256 42.43 -12.48 40.20
CA THR H 256 43.77 -12.09 40.62
C THR H 256 43.74 -10.78 41.41
N LEU H 257 42.91 -9.82 40.98
CA LEU H 257 42.78 -8.56 41.70
C LEU H 257 42.23 -8.77 43.11
N VAL H 258 41.17 -9.58 43.26
CA VAL H 258 40.47 -9.68 44.54
C VAL H 258 41.25 -10.54 45.53
N TYR H 259 41.85 -11.64 45.08
CA TYR H 259 42.52 -12.57 45.98
C TYR H 259 44.02 -12.49 45.90
N GLY H 260 44.56 -11.74 44.94
CA GLY H 260 45.98 -11.72 44.70
C GLY H 260 46.42 -12.96 43.96
N GLY H 261 47.70 -12.98 43.59
CA GLY H 261 48.27 -14.06 42.83
C GLY H 261 48.80 -13.60 41.49
N ILE H 262 48.84 -14.51 40.54
CA ILE H 262 49.50 -14.26 39.28
C ILE H 262 48.70 -14.92 38.16
N PHE H 263 48.54 -14.19 37.07
CA PHE H 263 47.89 -14.67 35.85
C PHE H 263 48.88 -14.61 34.69
N LEU H 264 48.97 -15.70 33.94
CA LEU H 264 49.86 -15.76 32.78
C LEU H 264 49.11 -16.24 31.56
N TYR H 265 49.27 -15.50 30.46
CA TYR H 265 49.07 -16.02 29.11
C TYR H 265 50.41 -15.76 28.46
N PRO H 266 51.36 -16.68 28.64
CA PRO H 266 52.76 -16.40 28.31
C PRO H 266 53.10 -16.64 26.85
N ALA H 267 54.30 -16.22 26.50
CA ALA H 267 54.85 -16.52 25.19
C ALA H 267 55.44 -17.91 25.18
N ASN H 268 55.18 -18.63 24.09
CA ASN H 268 55.87 -19.87 23.78
C ASN H 268 56.37 -19.73 22.35
N LYS H 269 56.95 -20.77 21.76
CA LYS H 269 57.30 -20.64 20.35
C LYS H 269 56.08 -20.84 19.45
N LYS H 270 55.00 -21.44 19.98
CA LYS H 270 53.80 -21.62 19.16
C LYS H 270 53.08 -20.29 18.95
N SER H 271 53.23 -19.35 19.89
CA SER H 271 52.72 -17.99 19.76
C SER H 271 53.77 -17.07 20.37
N PRO H 272 54.80 -16.73 19.59
CA PRO H 272 55.95 -16.01 20.19
C PRO H 272 55.63 -14.61 20.69
N ASN H 273 54.50 -14.02 20.32
CA ASN H 273 54.06 -12.79 20.96
C ASN H 273 52.82 -12.99 21.81
N GLY H 274 52.52 -14.23 22.17
CA GLY H 274 51.34 -14.49 22.94
C GLY H 274 50.08 -14.51 22.11
N LYS H 275 48.95 -14.58 22.79
CA LYS H 275 47.64 -14.69 22.19
C LYS H 275 46.74 -13.49 22.40
N LEU H 276 46.79 -12.87 23.57
CA LEU H 276 45.93 -11.74 23.89
C LEU H 276 46.41 -10.46 23.21
N ARG H 277 45.46 -9.59 22.88
CA ARG H 277 45.69 -8.40 22.09
C ARG H 277 46.14 -7.25 22.97
N LEU H 278 47.18 -6.54 22.54
CA LEU H 278 47.79 -5.53 23.37
C LEU H 278 46.82 -4.36 23.65
N LEU H 279 46.14 -3.85 22.61
CA LEU H 279 45.38 -2.61 22.73
C LEU H 279 44.19 -2.75 23.67
N TYR H 280 43.39 -3.81 23.52
CA TYR H 280 42.12 -3.89 24.20
C TYR H 280 42.01 -5.09 25.13
N GLU H 281 43.11 -5.81 25.36
CA GLU H 281 43.09 -6.85 26.39
C GLU H 281 44.24 -6.64 27.38
N CYS H 282 45.48 -6.60 26.89
CA CYS H 282 46.61 -6.54 27.82
C CYS H 282 46.70 -5.18 28.50
N ASN H 283 46.66 -4.08 27.70
CA ASN H 283 46.86 -2.75 28.25
C ASN H 283 45.83 -2.37 29.32
N PRO H 284 44.51 -2.47 29.07
CA PRO H 284 43.57 -2.09 30.14
C PRO H 284 43.74 -2.94 31.37
N MET H 285 44.02 -4.22 31.18
CA MET H 285 44.28 -5.08 32.33
C MET H 285 45.60 -4.70 33.00
N ALA H 286 46.62 -4.39 32.19
CA ALA H 286 47.88 -3.94 32.77
C ALA H 286 47.69 -2.65 33.56
N TYR H 287 46.85 -1.76 33.07
CA TYR H 287 46.62 -0.47 33.72
C TYR H 287 45.91 -0.61 35.04
N VAL H 288 44.81 -1.36 35.08
CA VAL H 288 44.11 -1.57 36.34
C VAL H 288 45.09 -2.16 37.37
N MET H 289 45.90 -3.14 36.94
CA MET H 289 46.86 -3.77 37.83
C MET H 289 47.81 -2.76 38.45
N GLU H 290 48.35 -1.88 37.62
CA GLU H 290 49.32 -0.92 38.13
C GLU H 290 48.65 0.09 39.05
N LYS H 291 47.45 0.57 38.69
CA LYS H 291 46.75 1.46 39.61
C LYS H 291 46.36 0.76 40.91
N ALA H 292 46.34 -0.58 40.93
CA ALA H 292 46.03 -1.37 42.12
C ALA H 292 47.28 -1.87 42.86
N GLY H 293 48.46 -1.41 42.48
CA GLY H 293 49.70 -1.79 43.14
C GLY H 293 50.34 -3.04 42.61
N GLY H 294 49.85 -3.57 41.48
CA GLY H 294 50.38 -4.78 40.90
C GLY H 294 51.33 -4.49 39.76
N MET H 295 51.65 -5.54 39.02
CA MET H 295 52.61 -5.46 37.94
C MET H 295 52.06 -6.17 36.73
N ALA H 296 52.65 -5.85 35.58
CA ALA H 296 52.23 -6.42 34.32
C ALA H 296 53.40 -6.33 33.34
N THR H 297 53.95 -7.48 32.97
CA THR H 297 55.13 -7.58 32.13
C THR H 297 54.87 -8.53 30.95
N THR H 298 55.58 -8.30 29.86
CA THR H 298 55.66 -9.24 28.76
C THR H 298 56.78 -10.22 28.97
N GLY H 299 57.53 -10.07 30.06
CA GLY H 299 58.76 -10.80 30.24
C GLY H 299 59.96 -9.91 29.99
N LYS H 300 59.96 -9.21 28.86
CA LYS H 300 61.06 -8.34 28.51
C LYS H 300 60.81 -6.89 28.86
N GLU H 301 59.55 -6.49 29.07
CA GLU H 301 59.24 -5.11 29.36
C GLU H 301 57.85 -5.03 29.98
N ALA H 302 57.56 -3.86 30.53
CA ALA H 302 56.22 -3.57 31.00
C ALA H 302 55.25 -3.55 29.82
N VAL H 303 54.07 -4.10 30.04
CA VAL H 303 53.01 -4.07 29.04
C VAL H 303 52.67 -2.63 28.66
N LEU H 304 52.59 -1.75 29.64
CA LEU H 304 52.26 -0.36 29.39
C LEU H 304 53.38 0.38 28.67
N ASP H 305 54.57 -0.20 28.61
CA ASP H 305 55.67 0.45 27.90
C ASP H 305 55.79 0.02 26.44
N VAL H 306 55.04 -0.97 25.99
CA VAL H 306 55.13 -1.39 24.59
C VAL H 306 54.53 -0.31 23.69
N ILE H 307 55.24 0.04 22.62
CA ILE H 307 54.75 1.01 21.66
C ILE H 307 54.11 0.21 20.52
N PRO H 308 52.79 0.20 20.38
CA PRO H 308 52.16 -0.69 19.39
C PRO H 308 52.34 -0.19 17.97
N THR H 309 52.46 -1.15 17.05
CA THR H 309 52.55 -0.87 15.61
C THR H 309 51.35 -1.34 14.81
N ASP H 310 50.55 -2.27 15.33
CA ASP H 310 49.36 -2.74 14.66
C ASP H 310 48.24 -2.79 15.69
N ILE H 311 47.05 -2.27 15.35
CA ILE H 311 46.02 -2.12 16.38
C ILE H 311 45.56 -3.45 16.94
N HIS H 312 45.80 -4.56 16.23
CA HIS H 312 45.42 -5.88 16.69
C HIS H 312 46.61 -6.75 17.07
N GLN H 313 47.77 -6.15 17.29
CA GLN H 313 48.93 -6.95 17.63
C GLN H 313 48.77 -7.57 19.02
N ARG H 314 49.45 -8.68 19.22
CA ARG H 314 49.38 -9.49 20.43
C ARG H 314 50.54 -9.17 21.38
N ALA H 315 50.39 -9.62 22.63
CA ALA H 315 51.41 -9.46 23.64
C ALA H 315 51.36 -10.63 24.61
N PRO H 316 52.52 -11.18 25.02
CA PRO H 316 52.51 -12.08 26.18
C PRO H 316 52.31 -11.25 27.42
N VAL H 317 51.64 -11.83 28.42
CA VAL H 317 51.31 -11.04 29.61
C VAL H 317 51.45 -11.92 30.84
N ILE H 318 52.12 -11.39 31.86
CA ILE H 318 52.19 -11.95 33.19
C ILE H 318 51.85 -10.81 34.14
N LEU H 319 50.78 -10.97 34.90
CA LEU H 319 50.30 -9.87 35.72
C LEU H 319 49.83 -10.42 37.06
N GLY H 320 49.76 -9.53 38.03
CA GLY H 320 49.22 -9.90 39.33
C GLY H 320 49.95 -9.24 40.49
N SER H 321 50.01 -9.97 41.59
CA SER H 321 50.70 -9.47 42.77
C SER H 321 52.19 -9.23 42.48
N PRO H 322 52.74 -8.12 42.98
CA PRO H 322 54.14 -7.79 42.64
C PRO H 322 55.16 -8.81 43.08
N ASP H 323 55.06 -9.34 44.31
CA ASP H 323 56.02 -10.35 44.74
C ASP H 323 56.02 -11.54 43.80
N ASP H 324 54.84 -11.92 43.31
CA ASP H 324 54.74 -13.06 42.39
C ASP H 324 55.28 -12.70 41.01
N VAL H 325 54.92 -11.54 40.49
CA VAL H 325 55.39 -11.17 39.15
C VAL H 325 56.90 -10.98 39.13
N LEU H 326 57.46 -10.40 40.21
CA LEU H 326 58.92 -10.27 40.32
C LEU H 326 59.61 -11.63 40.36
N GLU H 327 59.02 -12.59 41.11
CA GLU H 327 59.54 -13.95 41.15
C GLU H 327 59.55 -14.58 39.76
N PHE H 328 58.51 -14.35 38.96
CA PHE H 328 58.53 -14.87 37.59
C PHE H 328 59.69 -14.27 36.81
N LEU H 329 59.88 -12.94 36.91
CA LEU H 329 60.96 -12.28 36.19
C LEU H 329 62.34 -12.79 36.62
N LYS H 330 62.49 -13.15 37.91
CA LYS H 330 63.74 -13.74 38.35
C LYS H 330 64.01 -15.06 37.65
N VAL H 331 62.99 -15.92 37.54
CA VAL H 331 63.12 -17.18 36.80
C VAL H 331 63.32 -16.91 35.31
N TYR H 332 62.59 -15.93 34.77
CA TYR H 332 62.72 -15.59 33.36
C TYR H 332 64.14 -15.14 33.03
N GLU H 333 64.73 -14.30 33.88
CA GLU H 333 66.09 -13.85 33.64
C GLU H 333 67.08 -14.99 33.81
N LYS H 334 66.74 -16.00 34.61
CA LYS H 334 67.59 -17.17 34.69
C LYS H 334 67.77 -17.85 33.33
N HIS H 335 66.75 -17.80 32.45
CA HIS H 335 66.83 -18.44 31.14
C HIS H 335 67.11 -17.49 29.97
N SER H 336 67.78 -16.37 30.21
CA SER H 336 68.01 -15.43 29.10
C SER H 336 69.43 -15.45 28.55
#